data_1UEP
#
_entry.id   1UEP
#
_cell.length_a   1.000
_cell.length_b   1.000
_cell.length_c   1.000
_cell.angle_alpha   90.00
_cell.angle_beta   90.00
_cell.angle_gamma   90.00
#
_symmetry.space_group_name_H-M   'P 1'
#
_entity_poly.entity_id   1
_entity_poly.type   'polypeptide(L)'
_entity_poly.pdbx_seq_one_letter_code
;GSSGSSGYKELDVHLRRMESGFGFRILGGDEPGQPILIGAVIAMGSADRDGRLHPGDELVYVDGIPVAGKTHRYVIDLMH
HAARNGQVNLTVRRKVLSGPSSG
;
_entity_poly.pdbx_strand_id   A
#
# COMPACT_ATOMS: atom_id res chain seq x y z
N GLY A 1 3.25 -21.17 17.82
CA GLY A 1 2.91 -22.08 16.71
C GLY A 1 1.40 -22.33 16.68
N SER A 2 0.94 -23.20 15.78
CA SER A 2 -0.49 -23.37 15.48
C SER A 2 -1.15 -22.06 15.00
N SER A 3 -0.37 -21.14 14.42
CA SER A 3 -0.83 -19.84 13.95
C SER A 3 -0.63 -19.66 12.44
N GLY A 4 0.34 -20.35 11.85
CA GLY A 4 0.79 -20.15 10.48
C GLY A 4 2.21 -19.62 10.51
N SER A 5 3.17 -20.49 10.19
CA SER A 5 4.58 -20.17 10.17
C SER A 5 4.91 -19.20 9.04
N SER A 6 4.48 -19.50 7.81
CA SER A 6 4.89 -18.77 6.62
C SER A 6 3.72 -18.77 5.65
N GLY A 7 3.39 -17.61 5.08
CA GLY A 7 2.32 -17.48 4.11
C GLY A 7 2.43 -16.17 3.36
N TYR A 8 2.34 -15.00 4.01
CA TYR A 8 2.56 -13.72 3.33
C TYR A 8 3.64 -12.90 4.04
N LYS A 9 4.27 -11.99 3.29
CA LYS A 9 5.17 -10.98 3.83
C LYS A 9 4.58 -9.61 3.57
N GLU A 10 4.69 -8.72 4.55
CA GLU A 10 4.46 -7.30 4.37
C GLU A 10 5.78 -6.73 3.83
N LEU A 11 5.73 -5.64 3.07
CA LEU A 11 6.86 -4.84 2.62
C LEU A 11 6.47 -3.39 2.87
N ASP A 12 7.34 -2.65 3.56
CA ASP A 12 7.16 -1.23 3.82
C ASP A 12 7.62 -0.44 2.61
N VAL A 13 6.99 0.72 2.41
CA VAL A 13 7.39 1.69 1.40
C VAL A 13 7.26 3.09 2.00
N HIS A 14 8.39 3.73 2.31
CA HIS A 14 8.40 5.16 2.56
C HIS A 14 8.30 5.88 1.23
N LEU A 15 7.58 7.01 1.19
CA LEU A 15 7.69 7.99 0.10
C LEU A 15 7.73 9.38 0.70
N ARG A 16 8.69 10.19 0.27
CA ARG A 16 8.78 11.59 0.67
C ARG A 16 7.84 12.46 -0.16
N ARG A 17 7.40 13.59 0.40
CA ARG A 17 6.64 14.61 -0.32
C ARG A 17 7.58 15.81 -0.50
N MET A 18 8.36 15.81 -1.59
CA MET A 18 9.23 16.95 -1.90
C MET A 18 9.34 17.20 -3.40
N GLU A 19 8.72 16.37 -4.23
CA GLU A 19 8.89 16.40 -5.68
C GLU A 19 7.53 16.35 -6.33
N SER A 20 6.77 15.25 -6.16
CA SER A 20 5.39 15.15 -6.61
C SER A 20 4.41 14.73 -5.52
N GLY A 21 4.86 14.22 -4.38
CA GLY A 21 3.96 13.86 -3.30
C GLY A 21 3.15 12.60 -3.61
N PHE A 22 3.89 11.51 -3.83
CA PHE A 22 3.46 10.12 -3.76
C PHE A 22 2.87 9.68 -5.10
N GLY A 23 3.72 9.09 -5.94
CA GLY A 23 3.33 8.63 -7.28
C GLY A 23 2.63 7.27 -7.24
N PHE A 24 1.57 7.13 -6.45
CA PHE A 24 0.68 5.98 -6.47
C PHE A 24 -0.76 6.45 -6.55
N ARG A 25 -1.68 5.51 -6.71
CA ARG A 25 -3.12 5.76 -6.62
C ARG A 25 -3.74 4.57 -5.89
N ILE A 26 -4.98 4.69 -5.44
CA ILE A 26 -5.61 3.79 -4.47
C ILE A 26 -7.06 3.61 -4.92
N LEU A 27 -7.52 2.35 -5.05
CA LEU A 27 -8.82 1.95 -5.58
C LEU A 27 -9.36 0.81 -4.71
N GLY A 28 -10.52 0.23 -5.04
CA GLY A 28 -11.08 -0.86 -4.25
C GLY A 28 -11.66 -0.30 -2.95
N GLY A 29 -11.61 -1.07 -1.86
CA GLY A 29 -12.08 -0.66 -0.53
C GLY A 29 -13.53 -0.18 -0.54
N ASP A 30 -14.35 -0.75 -1.41
CA ASP A 30 -15.63 -0.14 -1.74
C ASP A 30 -16.67 -0.37 -0.64
N GLU A 31 -16.57 -1.49 0.06
CA GLU A 31 -17.31 -1.78 1.29
C GLU A 31 -16.27 -1.89 2.41
N PRO A 32 -16.64 -1.73 3.69
CA PRO A 32 -15.71 -1.70 4.80
C PRO A 32 -15.16 -3.10 5.04
N GLY A 33 -14.04 -3.39 4.39
CA GLY A 33 -13.38 -4.69 4.41
C GLY A 33 -13.20 -5.32 3.03
N GLN A 34 -13.61 -4.66 1.95
CA GLN A 34 -13.15 -5.01 0.61
C GLN A 34 -11.64 -4.78 0.52
N PRO A 35 -10.97 -5.42 -0.46
CA PRO A 35 -9.54 -5.32 -0.61
C PRO A 35 -9.12 -3.93 -1.09
N ILE A 36 -7.97 -3.46 -0.62
CA ILE A 36 -7.36 -2.18 -0.97
C ILE A 36 -6.00 -2.55 -1.57
N LEU A 37 -6.01 -2.67 -2.89
CA LEU A 37 -4.93 -2.93 -3.84
C LEU A 37 -4.50 -1.62 -4.51
N ILE A 38 -3.21 -1.39 -4.72
CA ILE A 38 -2.64 -0.16 -5.25
C ILE A 38 -3.31 0.11 -6.61
N GLY A 39 -4.14 1.15 -6.63
CA GLY A 39 -4.96 1.61 -7.74
C GLY A 39 -4.17 1.73 -9.04
N ALA A 40 -3.00 2.35 -8.94
CA ALA A 40 -2.02 2.48 -10.00
C ALA A 40 -0.69 2.87 -9.38
N VAL A 41 0.40 2.68 -10.11
CA VAL A 41 1.67 3.33 -9.84
C VAL A 41 1.83 4.36 -10.95
N ILE A 42 2.17 5.60 -10.61
CA ILE A 42 2.39 6.65 -11.57
C ILE A 42 3.72 6.34 -12.26
N ALA A 43 3.67 5.90 -13.51
CA ALA A 43 4.85 5.52 -14.26
C ALA A 43 5.85 6.68 -14.30
N MET A 44 7.12 6.40 -14.00
CA MET A 44 8.23 7.35 -13.88
C MET A 44 8.12 8.30 -12.68
N GLY A 45 7.02 8.27 -11.93
CA GLY A 45 6.73 9.23 -10.89
C GLY A 45 7.43 8.88 -9.58
N SER A 46 7.28 9.74 -8.58
CA SER A 46 8.03 9.76 -7.33
C SER A 46 7.92 8.49 -6.48
N ALA A 47 7.02 7.54 -6.80
CA ALA A 47 7.01 6.22 -6.20
C ALA A 47 7.73 5.19 -7.07
N ASP A 48 7.44 5.18 -8.38
CA ASP A 48 8.06 4.33 -9.38
C ASP A 48 9.58 4.51 -9.37
N ARG A 49 10.05 5.76 -9.22
CA ARG A 49 11.47 6.08 -9.07
C ARG A 49 12.08 5.63 -7.73
N ASP A 50 11.27 5.41 -6.70
CA ASP A 50 11.73 4.79 -5.44
C ASP A 50 11.90 3.28 -5.63
N GLY A 51 11.21 2.71 -6.63
CA GLY A 51 11.31 1.31 -7.03
C GLY A 51 10.93 0.40 -5.89
N ARG A 52 9.70 0.51 -5.37
CA ARG A 52 9.25 -0.24 -4.19
C ARG A 52 7.78 -0.64 -4.17
N LEU A 53 7.03 -0.36 -5.23
CA LEU A 53 5.59 -0.61 -5.34
C LEU A 53 5.37 -1.20 -6.73
N HIS A 54 4.34 -2.03 -6.87
CA HIS A 54 3.80 -2.46 -8.14
C HIS A 54 2.27 -2.25 -8.11
N PRO A 55 1.66 -1.98 -9.28
CA PRO A 55 0.21 -1.90 -9.42
C PRO A 55 -0.48 -3.13 -8.84
N GLY A 56 -1.49 -2.92 -8.00
CA GLY A 56 -2.31 -3.97 -7.43
C GLY A 56 -1.70 -4.61 -6.19
N ASP A 57 -0.57 -4.10 -5.68
CA ASP A 57 -0.03 -4.53 -4.39
C ASP A 57 -1.09 -4.23 -3.33
N GLU A 58 -1.45 -5.20 -2.51
CA GLU A 58 -2.43 -5.07 -1.46
C GLU A 58 -1.79 -4.27 -0.33
N LEU A 59 -2.37 -3.12 0.00
CA LEU A 59 -2.02 -2.28 1.12
C LEU A 59 -2.28 -3.00 2.46
N VAL A 60 -1.71 -2.48 3.53
CA VAL A 60 -2.01 -2.88 4.91
C VAL A 60 -2.11 -1.64 5.79
N TYR A 61 -1.10 -0.77 5.76
CA TYR A 61 -0.99 0.38 6.63
C TYR A 61 -0.66 1.60 5.78
N VAL A 62 -1.15 2.75 6.22
CA VAL A 62 -0.93 4.04 5.59
C VAL A 62 -0.64 5.01 6.72
N ASP A 63 0.60 5.52 6.74
CA ASP A 63 1.16 6.48 7.69
C ASP A 63 1.11 6.04 9.15
N GLY A 64 0.69 4.79 9.41
CA GLY A 64 0.63 4.11 10.70
C GLY A 64 -0.74 3.51 11.01
N ILE A 65 -1.76 3.74 10.17
CA ILE A 65 -3.12 3.32 10.45
C ILE A 65 -3.44 2.15 9.50
N PRO A 66 -3.86 1.00 10.05
CA PRO A 66 -4.21 -0.19 9.30
C PRO A 66 -5.53 0.05 8.56
N VAL A 67 -5.46 0.07 7.24
CA VAL A 67 -6.60 0.34 6.36
C VAL A 67 -7.56 -0.84 6.24
N ALA A 68 -7.22 -2.00 6.80
CA ALA A 68 -7.99 -3.23 6.62
C ALA A 68 -9.33 -3.13 7.37
N GLY A 69 -10.43 -3.42 6.68
CA GLY A 69 -11.76 -3.33 7.28
C GLY A 69 -12.40 -1.95 7.14
N LYS A 70 -11.64 -0.98 6.60
CA LYS A 70 -12.09 0.38 6.30
C LYS A 70 -12.37 0.47 4.80
N THR A 71 -12.52 1.68 4.28
CA THR A 71 -12.98 1.93 2.91
C THR A 71 -11.95 2.73 2.13
N HIS A 72 -12.19 3.01 0.84
CA HIS A 72 -11.41 3.96 0.05
C HIS A 72 -11.33 5.29 0.79
N ARG A 73 -12.48 5.90 1.13
CA ARG A 73 -12.53 7.22 1.75
C ARG A 73 -11.73 7.32 3.05
N TYR A 74 -11.65 6.23 3.81
CA TYR A 74 -10.82 6.12 5.01
C TYR A 74 -9.36 6.52 4.69
N VAL A 75 -8.79 5.93 3.64
CA VAL A 75 -7.43 6.20 3.17
C VAL A 75 -7.32 7.61 2.59
N ILE A 76 -8.32 8.09 1.86
CA ILE A 76 -8.33 9.45 1.33
C ILE A 76 -8.15 10.44 2.48
N ASP A 77 -8.79 10.18 3.62
CA ASP A 77 -8.62 11.00 4.81
C ASP A 77 -7.21 10.90 5.39
N LEU A 78 -6.60 9.71 5.35
CA LEU A 78 -5.20 9.50 5.78
C LEU A 78 -4.24 10.31 4.92
N MET A 79 -4.36 10.21 3.59
CA MET A 79 -3.47 10.90 2.68
C MET A 79 -3.52 12.42 2.89
N HIS A 80 -4.69 12.96 3.22
CA HIS A 80 -4.88 14.34 3.59
C HIS A 80 -4.17 14.71 4.91
N HIS A 81 -3.72 13.76 5.72
CA HIS A 81 -2.83 13.97 6.87
C HIS A 81 -1.37 13.72 6.48
N ALA A 82 -1.06 12.60 5.83
CA ALA A 82 0.29 12.21 5.48
C ALA A 82 0.96 13.31 4.64
N ALA A 83 0.23 13.91 3.70
CA ALA A 83 0.78 15.00 2.90
C ALA A 83 1.19 16.22 3.74
N ARG A 84 0.64 16.40 4.95
CA ARG A 84 1.03 17.46 5.90
C ARG A 84 2.30 17.03 6.64
N ASN A 85 2.34 15.76 7.08
CA ASN A 85 3.55 15.14 7.62
C ASN A 85 4.71 15.24 6.63
N GLY A 86 4.43 15.39 5.33
CA GLY A 86 5.41 15.68 4.30
C GLY A 86 6.13 14.43 3.83
N GLN A 87 5.61 13.26 4.19
CA GLN A 87 6.00 11.95 3.73
C GLN A 87 4.85 11.00 4.05
N VAL A 88 4.96 9.76 3.62
CA VAL A 88 4.06 8.68 4.01
C VAL A 88 4.90 7.43 4.12
N ASN A 89 4.33 6.43 4.76
CA ASN A 89 4.81 5.05 4.77
C ASN A 89 3.58 4.22 4.41
N LEU A 90 3.75 3.29 3.47
CA LEU A 90 2.71 2.52 2.81
C LEU A 90 3.16 1.07 2.91
N THR A 91 2.65 0.34 3.89
CA THR A 91 3.01 -1.05 4.07
C THR A 91 2.07 -1.84 3.15
N VAL A 92 2.59 -2.54 2.14
CA VAL A 92 1.84 -3.45 1.27
C VAL A 92 2.15 -4.89 1.69
N ARG A 93 1.45 -5.92 1.19
CA ARG A 93 1.75 -7.32 1.50
C ARG A 93 1.30 -8.26 0.39
N ARG A 94 2.04 -9.34 0.14
CA ARG A 94 1.66 -10.32 -0.88
C ARG A 94 2.07 -11.72 -0.45
N LYS A 95 1.14 -12.65 -0.55
CA LYS A 95 1.32 -14.06 -0.21
C LYS A 95 2.47 -14.64 -1.01
N VAL A 96 3.38 -15.23 -0.28
CA VAL A 96 4.60 -15.85 -0.74
C VAL A 96 4.22 -17.20 -1.34
N LEU A 97 4.50 -17.38 -2.63
CA LEU A 97 4.13 -18.57 -3.37
C LEU A 97 5.33 -19.02 -4.22
N SER A 98 5.37 -20.31 -4.52
CA SER A 98 6.17 -21.00 -5.51
C SER A 98 5.43 -22.31 -5.77
N GLY A 99 5.68 -22.92 -6.93
CA GLY A 99 5.00 -24.12 -7.40
C GLY A 99 4.86 -24.03 -8.92
N PRO A 100 5.73 -24.68 -9.71
CA PRO A 100 5.66 -24.64 -11.16
C PRO A 100 4.47 -25.47 -11.67
N SER A 101 4.14 -25.31 -12.95
CA SER A 101 3.20 -26.13 -13.72
C SER A 101 3.54 -25.94 -15.20
N SER A 102 3.52 -24.69 -15.68
CA SER A 102 3.95 -24.29 -17.02
C SER A 102 4.66 -22.94 -16.91
N GLY A 103 5.50 -22.61 -17.88
CA GLY A 103 6.26 -21.37 -17.95
C GLY A 103 6.69 -21.12 -19.38
N GLY A 1 7.06 -29.08 15.82
CA GLY A 1 7.66 -28.26 14.76
C GLY A 1 6.70 -28.12 13.61
N SER A 2 6.32 -26.89 13.27
CA SER A 2 5.30 -26.63 12.27
C SER A 2 5.89 -26.56 10.87
N SER A 3 5.03 -26.73 9.88
CA SER A 3 5.29 -26.60 8.46
C SER A 3 4.14 -25.74 7.92
N GLY A 4 4.17 -24.46 8.30
CA GLY A 4 3.09 -23.53 8.07
C GLY A 4 3.10 -22.43 9.13
N SER A 5 4.07 -21.53 9.05
CA SER A 5 4.12 -20.26 9.75
C SER A 5 4.78 -19.27 8.81
N SER A 6 4.49 -17.97 8.95
CA SER A 6 4.91 -16.94 8.01
C SER A 6 4.60 -17.34 6.56
N GLY A 7 3.32 -17.24 6.21
CA GLY A 7 2.90 -17.10 4.83
C GLY A 7 3.18 -15.68 4.40
N TYR A 8 2.12 -14.88 4.25
CA TYR A 8 2.25 -13.59 3.55
C TYR A 8 3.35 -12.73 4.14
N LYS A 9 4.11 -12.10 3.25
CA LYS A 9 5.02 -11.03 3.63
C LYS A 9 4.28 -9.72 3.51
N GLU A 10 4.44 -8.87 4.50
CA GLU A 10 4.34 -7.43 4.34
C GLU A 10 5.70 -6.92 3.85
N LEU A 11 5.64 -5.77 3.20
CA LEU A 11 6.75 -5.05 2.59
C LEU A 11 6.52 -3.56 2.88
N ASP A 12 7.42 -2.92 3.62
CA ASP A 12 7.33 -1.51 4.01
C ASP A 12 8.06 -0.64 2.98
N VAL A 13 7.41 0.46 2.57
CA VAL A 13 7.93 1.50 1.68
C VAL A 13 7.69 2.87 2.36
N HIS A 14 8.62 3.83 2.21
CA HIS A 14 8.52 5.13 2.86
C HIS A 14 8.73 6.26 1.83
N LEU A 15 7.63 6.91 1.41
CA LEU A 15 7.69 7.94 0.37
C LEU A 15 7.60 9.32 1.00
N ARG A 16 8.50 10.21 0.58
CA ARG A 16 8.57 11.57 1.10
C ARG A 16 7.65 12.49 0.31
N ARG A 17 7.30 13.65 0.88
CA ARG A 17 6.50 14.68 0.23
C ARG A 17 7.28 16.00 0.18
N MET A 18 8.10 16.18 -0.85
CA MET A 18 8.73 17.47 -1.17
C MET A 18 8.56 17.86 -2.63
N GLU A 19 8.08 16.96 -3.50
CA GLU A 19 8.09 17.18 -4.93
C GLU A 19 6.73 16.70 -5.49
N SER A 20 6.62 15.51 -6.06
CA SER A 20 5.38 15.03 -6.66
C SER A 20 4.30 14.85 -5.60
N GLY A 21 4.71 14.54 -4.36
CA GLY A 21 3.79 14.10 -3.34
C GLY A 21 3.35 12.69 -3.68
N PHE A 22 4.28 11.76 -3.46
CA PHE A 22 4.10 10.32 -3.62
C PHE A 22 3.96 9.99 -5.11
N GLY A 23 2.83 9.47 -5.59
CA GLY A 23 2.64 9.13 -7.00
C GLY A 23 2.07 7.72 -7.19
N PHE A 24 1.14 7.29 -6.36
CA PHE A 24 0.34 6.08 -6.55
C PHE A 24 -1.14 6.48 -6.54
N ARG A 25 -2.03 5.52 -6.79
CA ARG A 25 -3.48 5.68 -6.65
C ARG A 25 -4.00 4.42 -5.95
N ILE A 26 -5.24 4.40 -5.45
CA ILE A 26 -5.69 3.42 -4.46
C ILE A 26 -7.13 3.04 -4.76
N LEU A 27 -7.41 1.75 -4.99
CA LEU A 27 -8.69 1.25 -5.50
C LEU A 27 -9.04 -0.02 -4.74
N GLY A 28 -10.33 -0.27 -4.51
CA GLY A 28 -10.80 -1.31 -3.61
C GLY A 28 -11.41 -0.69 -2.36
N GLY A 29 -11.57 -1.46 -1.28
CA GLY A 29 -12.08 -0.92 -0.02
C GLY A 29 -13.48 -0.31 -0.17
N ASP A 30 -14.27 -0.79 -1.12
CA ASP A 30 -15.57 -0.19 -1.40
C ASP A 30 -16.52 -0.37 -0.21
N GLU A 31 -16.43 -1.55 0.42
CA GLU A 31 -17.11 -1.89 1.64
C GLU A 31 -16.06 -2.10 2.75
N PRO A 32 -16.44 -2.06 4.03
CA PRO A 32 -15.53 -2.17 5.17
C PRO A 32 -15.13 -3.63 5.47
N GLY A 33 -14.74 -4.33 4.40
CA GLY A 33 -14.20 -5.67 4.43
C GLY A 33 -13.81 -6.10 3.03
N GLN A 34 -13.08 -5.24 2.30
CA GLN A 34 -12.57 -5.50 0.96
C GLN A 34 -11.04 -5.34 0.91
N PRO A 35 -10.39 -5.86 -0.13
CA PRO A 35 -8.98 -5.62 -0.39
C PRO A 35 -8.82 -4.21 -0.94
N ILE A 36 -7.73 -3.55 -0.56
CA ILE A 36 -7.34 -2.25 -1.07
C ILE A 36 -6.01 -2.50 -1.77
N LEU A 37 -6.07 -2.60 -3.09
CA LEU A 37 -4.87 -2.72 -3.91
C LEU A 37 -4.40 -1.31 -4.26
N ILE A 38 -3.10 -1.17 -4.46
CA ILE A 38 -2.49 -0.03 -5.14
C ILE A 38 -3.16 0.00 -6.52
N GLY A 39 -3.96 1.03 -6.76
CA GLY A 39 -4.76 1.25 -7.94
C GLY A 39 -3.94 1.23 -9.21
N ALA A 40 -2.93 2.10 -9.24
CA ALA A 40 -1.90 2.20 -10.25
C ALA A 40 -0.70 2.91 -9.61
N VAL A 41 0.44 2.89 -10.27
CA VAL A 41 1.65 3.59 -9.86
C VAL A 41 1.98 4.54 -11.00
N ILE A 42 2.22 5.81 -10.69
CA ILE A 42 2.44 6.83 -11.70
C ILE A 42 3.89 6.69 -12.17
N ALA A 43 4.05 6.35 -13.45
CA ALA A 43 5.31 6.08 -14.12
C ALA A 43 6.36 7.18 -13.99
N MET A 44 5.96 8.41 -13.68
CA MET A 44 6.81 9.59 -13.60
C MET A 44 6.71 10.23 -12.20
N GLY A 45 6.03 9.60 -11.24
CA GLY A 45 5.88 10.11 -9.90
C GLY A 45 7.03 9.65 -9.01
N SER A 46 7.13 10.26 -7.83
CA SER A 46 8.10 9.90 -6.79
C SER A 46 7.92 8.46 -6.29
N ALA A 47 6.80 7.80 -6.59
CA ALA A 47 6.61 6.38 -6.38
C ALA A 47 7.52 5.57 -7.32
N ASP A 48 7.24 5.59 -8.63
CA ASP A 48 7.95 4.75 -9.61
C ASP A 48 9.45 4.96 -9.56
N ARG A 49 9.88 6.22 -9.49
CA ARG A 49 11.29 6.56 -9.40
C ARG A 49 11.96 6.11 -8.10
N ASP A 50 11.22 5.64 -7.09
CA ASP A 50 11.80 4.94 -5.94
C ASP A 50 12.09 3.49 -6.30
N GLY A 51 11.12 2.80 -6.94
CA GLY A 51 11.30 1.48 -7.53
C GLY A 51 10.80 0.33 -6.65
N ARG A 52 9.68 0.51 -5.92
CA ARG A 52 9.20 -0.44 -4.91
C ARG A 52 7.76 -0.84 -5.13
N LEU A 53 6.82 0.10 -5.04
CA LEU A 53 5.39 -0.14 -5.22
C LEU A 53 5.11 -0.68 -6.60
N HIS A 54 4.15 -1.60 -6.70
CA HIS A 54 3.56 -2.02 -7.97
C HIS A 54 2.05 -1.87 -7.89
N PRO A 55 1.39 -1.67 -9.05
CA PRO A 55 -0.05 -1.84 -9.15
C PRO A 55 -0.44 -3.22 -8.64
N GLY A 56 -1.57 -3.31 -7.94
CA GLY A 56 -2.07 -4.57 -7.42
C GLY A 56 -1.47 -4.99 -6.09
N ASP A 57 -0.42 -4.31 -5.59
CA ASP A 57 0.10 -4.60 -4.25
C ASP A 57 -1.01 -4.28 -3.26
N GLU A 58 -1.38 -5.20 -2.39
CA GLU A 58 -2.45 -5.00 -1.43
C GLU A 58 -1.89 -4.18 -0.28
N LEU A 59 -2.46 -3.01 -0.02
CA LEU A 59 -2.08 -2.12 1.06
C LEU A 59 -2.60 -2.66 2.40
N VAL A 60 -1.90 -2.31 3.47
CA VAL A 60 -2.18 -2.74 4.83
C VAL A 60 -2.18 -1.52 5.75
N TYR A 61 -1.14 -0.70 5.66
CA TYR A 61 -0.94 0.46 6.50
C TYR A 61 -0.58 1.63 5.60
N VAL A 62 -1.07 2.81 5.97
CA VAL A 62 -0.83 4.06 5.28
C VAL A 62 -0.57 5.08 6.38
N ASP A 63 0.59 5.72 6.35
CA ASP A 63 1.12 6.53 7.45
C ASP A 63 1.22 5.75 8.77
N GLY A 64 1.25 4.42 8.64
CA GLY A 64 1.21 3.48 9.74
C GLY A 64 -0.19 3.12 10.22
N ILE A 65 -1.27 3.75 9.72
CA ILE A 65 -2.61 3.52 10.21
C ILE A 65 -3.22 2.42 9.35
N PRO A 66 -3.78 1.37 9.95
CA PRO A 66 -4.27 0.20 9.24
C PRO A 66 -5.48 0.59 8.41
N VAL A 67 -5.34 0.42 7.10
CA VAL A 67 -6.42 0.51 6.12
C VAL A 67 -7.23 -0.80 6.10
N ALA A 68 -6.79 -1.82 6.84
CA ALA A 68 -7.34 -3.17 6.80
C ALA A 68 -8.81 -3.14 7.23
N GLY A 69 -9.70 -3.49 6.30
CA GLY A 69 -11.14 -3.50 6.53
C GLY A 69 -11.76 -2.11 6.65
N LYS A 70 -11.00 -1.02 6.58
CA LYS A 70 -11.53 0.32 6.40
C LYS A 70 -11.85 0.55 4.93
N THR A 71 -12.61 1.60 4.65
CA THR A 71 -13.10 1.89 3.31
C THR A 71 -12.02 2.61 2.48
N HIS A 72 -12.20 2.81 1.18
CA HIS A 72 -11.34 3.66 0.35
C HIS A 72 -11.24 5.04 0.99
N ARG A 73 -12.36 5.68 1.37
CA ARG A 73 -12.36 7.05 1.85
C ARG A 73 -11.56 7.25 3.14
N TYR A 74 -11.45 6.21 3.97
CA TYR A 74 -10.54 6.15 5.11
C TYR A 74 -9.13 6.58 4.68
N VAL A 75 -8.57 5.89 3.69
CA VAL A 75 -7.23 6.13 3.16
C VAL A 75 -7.14 7.52 2.54
N ILE A 76 -8.18 7.96 1.84
CA ILE A 76 -8.17 9.26 1.17
C ILE A 76 -8.06 10.40 2.20
N ASP A 77 -8.56 10.17 3.42
CA ASP A 77 -8.36 11.05 4.57
C ASP A 77 -6.93 10.98 5.09
N LEU A 78 -6.35 9.77 5.14
CA LEU A 78 -4.96 9.54 5.51
C LEU A 78 -4.05 10.31 4.58
N MET A 79 -4.19 10.15 3.27
CA MET A 79 -3.32 10.80 2.30
C MET A 79 -3.28 12.32 2.52
N HIS A 80 -4.43 12.93 2.83
CA HIS A 80 -4.51 14.35 3.16
C HIS A 80 -3.67 14.67 4.40
N HIS A 81 -3.74 13.83 5.44
CA HIS A 81 -3.00 13.97 6.68
C HIS A 81 -1.50 13.77 6.48
N ALA A 82 -1.12 12.69 5.80
CA ALA A 82 0.25 12.31 5.46
C ALA A 82 0.92 13.44 4.67
N ALA A 83 0.18 14.11 3.80
CA ALA A 83 0.69 15.27 3.08
C ALA A 83 1.14 16.39 4.04
N ARG A 84 0.44 16.62 5.16
CA ARG A 84 0.86 17.58 6.18
C ARG A 84 2.10 17.06 6.93
N ASN A 85 2.13 15.76 7.22
CA ASN A 85 3.24 15.13 7.93
C ASN A 85 4.52 15.17 7.10
N GLY A 86 4.42 15.34 5.77
CA GLY A 86 5.53 15.51 4.87
C GLY A 86 6.07 14.18 4.33
N GLN A 87 5.39 13.07 4.60
CA GLN A 87 5.83 11.71 4.31
C GLN A 87 4.63 10.78 4.40
N VAL A 88 4.73 9.58 3.82
CA VAL A 88 3.77 8.52 4.02
C VAL A 88 4.55 7.21 4.05
N ASN A 89 4.31 6.44 5.09
CA ASN A 89 4.65 5.02 5.08
C ASN A 89 3.56 4.29 4.33
N LEU A 90 3.91 3.29 3.54
CA LEU A 90 2.99 2.47 2.79
C LEU A 90 3.49 1.06 3.01
N THR A 91 2.79 0.30 3.84
CA THR A 91 3.10 -1.10 4.04
C THR A 91 2.09 -1.88 3.20
N VAL A 92 2.55 -2.62 2.20
CA VAL A 92 1.74 -3.51 1.37
C VAL A 92 2.05 -4.96 1.80
N ARG A 93 1.27 -5.95 1.38
CA ARG A 93 1.53 -7.38 1.66
C ARG A 93 1.01 -8.26 0.54
N ARG A 94 1.59 -9.45 0.36
CA ARG A 94 1.12 -10.46 -0.58
C ARG A 94 1.36 -11.85 0.01
N LYS A 95 0.35 -12.72 -0.03
CA LYS A 95 0.46 -14.15 0.25
C LYS A 95 1.57 -14.77 -0.56
N VAL A 96 2.28 -15.66 0.10
CA VAL A 96 3.38 -16.44 -0.44
C VAL A 96 3.01 -17.92 -0.24
N LEU A 97 3.69 -18.84 -0.90
CA LEU A 97 3.40 -20.27 -0.87
C LEU A 97 4.73 -21.03 -0.92
N SER A 98 4.69 -22.37 -0.98
CA SER A 98 5.86 -23.21 -1.16
C SER A 98 5.54 -24.41 -2.05
N GLY A 99 4.51 -25.20 -1.70
CA GLY A 99 4.08 -26.38 -2.44
C GLY A 99 2.58 -26.60 -2.24
N PRO A 100 1.98 -27.68 -2.76
CA PRO A 100 0.54 -27.90 -2.70
C PRO A 100 0.02 -27.91 -1.26
N SER A 101 -1.14 -27.31 -1.06
CA SER A 101 -1.84 -27.19 0.21
C SER A 101 -3.29 -27.55 -0.05
N SER A 102 -3.84 -28.49 0.71
CA SER A 102 -5.27 -28.73 0.78
C SER A 102 -5.64 -29.15 2.20
N GLY A 103 -6.92 -29.00 2.52
CA GLY A 103 -7.55 -29.25 3.79
C GLY A 103 -8.77 -28.36 3.82
N GLY A 1 -3.21 -9.81 10.44
CA GLY A 1 -3.06 -9.66 11.90
C GLY A 1 -2.07 -8.55 12.24
N SER A 2 -1.15 -8.80 13.17
CA SER A 2 -0.05 -7.90 13.49
C SER A 2 1.22 -8.34 12.76
N SER A 3 1.72 -9.54 13.07
CA SER A 3 2.82 -10.16 12.36
C SER A 3 2.59 -11.67 12.29
N GLY A 4 3.37 -12.34 11.44
CA GLY A 4 3.24 -13.74 11.11
C GLY A 4 4.06 -13.96 9.86
N SER A 5 5.37 -14.17 10.05
CA SER A 5 6.30 -14.53 9.00
C SER A 5 5.94 -15.96 8.53
N SER A 6 4.96 -16.08 7.64
CA SER A 6 4.32 -17.34 7.31
C SER A 6 4.04 -17.41 5.79
N GLY A 7 2.94 -16.85 5.29
CA GLY A 7 2.48 -17.08 3.92
C GLY A 7 2.16 -15.82 3.14
N TYR A 8 2.27 -14.64 3.74
CA TYR A 8 2.46 -13.40 3.00
C TYR A 8 3.57 -12.62 3.67
N LYS A 9 4.38 -11.91 2.87
CA LYS A 9 5.37 -10.98 3.37
C LYS A 9 4.68 -9.63 3.37
N GLU A 10 4.75 -8.90 4.49
CA GLU A 10 4.45 -7.48 4.54
C GLU A 10 5.73 -6.74 4.13
N LEU A 11 5.62 -5.81 3.18
CA LEU A 11 6.70 -4.96 2.72
C LEU A 11 6.30 -3.51 2.96
N ASP A 12 7.26 -2.61 3.08
CA ASP A 12 7.03 -1.24 3.48
C ASP A 12 7.78 -0.26 2.59
N VAL A 13 7.04 0.76 2.15
CA VAL A 13 7.47 1.77 1.19
C VAL A 13 7.29 3.15 1.82
N HIS A 14 8.39 3.80 2.18
CA HIS A 14 8.41 5.20 2.57
C HIS A 14 8.41 6.06 1.30
N LEU A 15 7.50 7.03 1.20
CA LEU A 15 7.55 8.03 0.14
C LEU A 15 7.59 9.42 0.78
N ARG A 16 8.63 10.18 0.43
CA ARG A 16 8.75 11.59 0.83
C ARG A 16 7.75 12.44 0.04
N ARG A 17 7.39 13.62 0.56
CA ARG A 17 6.63 14.64 -0.17
C ARG A 17 7.55 15.84 -0.34
N MET A 18 8.41 15.83 -1.35
CA MET A 18 9.31 16.95 -1.62
C MET A 18 9.42 17.27 -3.10
N GLU A 19 8.87 16.44 -3.98
CA GLU A 19 8.79 16.70 -5.41
C GLU A 19 7.34 16.41 -5.83
N SER A 20 7.03 15.27 -6.47
CA SER A 20 5.67 14.98 -6.93
C SER A 20 4.69 14.60 -5.82
N GLY A 21 5.16 14.13 -4.65
CA GLY A 21 4.27 13.88 -3.51
C GLY A 21 3.36 12.66 -3.73
N PHE A 22 3.95 11.48 -3.56
CA PHE A 22 3.33 10.16 -3.53
C PHE A 22 2.58 9.85 -4.83
N GLY A 23 3.33 9.52 -5.89
CA GLY A 23 2.75 9.17 -7.18
C GLY A 23 2.22 7.74 -7.20
N PHE A 24 1.12 7.46 -6.50
CA PHE A 24 0.36 6.21 -6.63
C PHE A 24 -1.12 6.55 -6.50
N ARG A 25 -1.96 5.79 -7.20
CA ARG A 25 -3.43 5.82 -7.08
C ARG A 25 -3.84 4.74 -6.08
N ILE A 26 -5.06 4.78 -5.55
CA ILE A 26 -5.63 3.76 -4.69
C ILE A 26 -6.94 3.29 -5.34
N LEU A 27 -7.22 1.97 -5.33
CA LEU A 27 -8.47 1.38 -5.81
C LEU A 27 -8.86 0.24 -4.86
N GLY A 28 -9.95 -0.48 -5.15
CA GLY A 28 -10.54 -1.44 -4.21
C GLY A 28 -11.15 -0.73 -3.01
N GLY A 29 -11.37 -1.47 -1.92
CA GLY A 29 -11.80 -0.89 -0.66
C GLY A 29 -13.22 -0.35 -0.68
N ASP A 30 -14.11 -0.87 -1.54
CA ASP A 30 -15.44 -0.27 -1.67
C ASP A 30 -16.35 -0.53 -0.48
N GLU A 31 -15.99 -1.47 0.41
CA GLU A 31 -16.68 -1.78 1.64
C GLU A 31 -15.64 -2.08 2.74
N PRO A 32 -16.00 -2.00 4.03
CA PRO A 32 -15.04 -2.03 5.12
C PRO A 32 -14.49 -3.44 5.26
N GLY A 33 -13.24 -3.58 4.82
CA GLY A 33 -12.54 -4.84 4.80
C GLY A 33 -12.60 -5.52 3.44
N GLN A 34 -12.92 -4.81 2.37
CA GLN A 34 -12.50 -5.22 1.02
C GLN A 34 -10.97 -5.11 0.91
N PRO A 35 -10.36 -5.77 -0.09
CA PRO A 35 -8.95 -5.59 -0.41
C PRO A 35 -8.73 -4.15 -0.88
N ILE A 36 -7.62 -3.54 -0.50
CA ILE A 36 -7.27 -2.18 -0.87
C ILE A 36 -5.99 -2.28 -1.70
N LEU A 37 -6.17 -2.56 -2.98
CA LEU A 37 -5.10 -2.76 -3.94
C LEU A 37 -4.57 -1.40 -4.41
N ILE A 38 -3.26 -1.29 -4.62
CA ILE A 38 -2.64 -0.07 -5.11
C ILE A 38 -3.26 0.15 -6.49
N GLY A 39 -3.80 1.34 -6.70
CA GLY A 39 -4.63 1.66 -7.86
C GLY A 39 -3.84 1.65 -9.15
N ALA A 40 -2.61 2.18 -9.15
CA ALA A 40 -1.66 2.25 -10.26
C ALA A 40 -0.55 3.23 -9.86
N VAL A 41 0.72 2.82 -9.90
CA VAL A 41 1.86 3.66 -9.60
C VAL A 41 2.22 4.52 -10.82
N ILE A 42 2.78 5.71 -10.57
CA ILE A 42 3.17 6.63 -11.62
C ILE A 42 4.55 6.21 -12.11
N ALA A 43 4.63 5.64 -13.32
CA ALA A 43 5.82 4.97 -13.85
C ALA A 43 7.04 5.90 -14.01
N MET A 44 6.81 7.18 -14.25
CA MET A 44 7.87 8.16 -14.47
C MET A 44 7.75 9.24 -13.39
N GLY A 45 7.45 8.80 -12.17
CA GLY A 45 7.15 9.63 -11.02
C GLY A 45 7.40 8.86 -9.74
N SER A 46 7.12 9.49 -8.61
CA SER A 46 7.79 9.21 -7.36
C SER A 46 7.68 7.79 -6.80
N ALA A 47 6.61 7.03 -7.09
CA ALA A 47 6.52 5.67 -6.59
C ALA A 47 7.48 4.76 -7.35
N ASP A 48 7.34 4.71 -8.69
CA ASP A 48 8.17 3.84 -9.54
C ASP A 48 9.65 4.23 -9.42
N ARG A 49 9.91 5.54 -9.34
CA ARG A 49 11.24 6.10 -9.13
C ARG A 49 11.80 5.84 -7.72
N ASP A 50 11.02 5.31 -6.78
CA ASP A 50 11.55 4.81 -5.50
C ASP A 50 12.00 3.35 -5.65
N GLY A 51 11.56 2.66 -6.70
CA GLY A 51 11.93 1.29 -7.00
C GLY A 51 11.26 0.26 -6.11
N ARG A 52 10.24 0.65 -5.34
CA ARG A 52 9.70 -0.14 -4.25
C ARG A 52 8.25 -0.57 -4.42
N LEU A 53 7.33 0.37 -4.65
CA LEU A 53 5.89 0.07 -4.70
C LEU A 53 5.64 -0.76 -5.96
N HIS A 54 4.52 -1.47 -6.05
CA HIS A 54 4.08 -2.08 -7.28
C HIS A 54 2.55 -1.96 -7.42
N PRO A 55 2.05 -1.81 -8.66
CA PRO A 55 0.62 -1.62 -8.91
C PRO A 55 -0.16 -2.89 -8.60
N GLY A 56 -1.27 -2.76 -7.87
CA GLY A 56 -2.15 -3.86 -7.48
C GLY A 56 -1.78 -4.50 -6.15
N ASP A 57 -0.71 -4.06 -5.51
CA ASP A 57 -0.24 -4.61 -4.24
C ASP A 57 -1.29 -4.30 -3.16
N GLU A 58 -1.53 -5.22 -2.24
CA GLU A 58 -2.61 -5.09 -1.26
C GLU A 58 -2.06 -4.31 -0.06
N LEU A 59 -2.68 -3.18 0.25
CA LEU A 59 -2.24 -2.27 1.32
C LEU A 59 -2.59 -2.85 2.69
N VAL A 60 -1.83 -2.45 3.70
CA VAL A 60 -2.03 -2.77 5.10
C VAL A 60 -2.08 -1.49 5.93
N TYR A 61 -1.04 -0.65 5.83
CA TYR A 61 -0.90 0.56 6.65
C TYR A 61 -0.62 1.75 5.76
N VAL A 62 -1.10 2.92 6.19
CA VAL A 62 -0.88 4.19 5.55
C VAL A 62 -0.62 5.20 6.67
N ASP A 63 0.58 5.79 6.66
CA ASP A 63 1.03 6.86 7.57
C ASP A 63 1.00 6.48 9.05
N GLY A 64 0.76 5.21 9.37
CA GLY A 64 0.74 4.64 10.71
C GLY A 64 -0.55 3.87 11.01
N ILE A 65 -1.61 4.04 10.21
CA ILE A 65 -2.93 3.53 10.53
C ILE A 65 -3.24 2.37 9.59
N PRO A 66 -3.68 1.21 10.11
CA PRO A 66 -4.04 0.06 9.32
C PRO A 66 -5.35 0.34 8.59
N VAL A 67 -5.25 0.44 7.26
CA VAL A 67 -6.41 0.52 6.37
C VAL A 67 -7.10 -0.85 6.24
N ALA A 68 -6.51 -1.90 6.81
CA ALA A 68 -7.04 -3.24 6.86
C ALA A 68 -8.37 -3.20 7.63
N GLY A 69 -9.48 -3.50 6.96
CA GLY A 69 -10.82 -3.45 7.54
C GLY A 69 -11.59 -2.16 7.24
N LYS A 70 -10.95 -1.18 6.60
CA LYS A 70 -11.53 0.12 6.27
C LYS A 70 -11.94 0.14 4.80
N THR A 71 -12.35 1.31 4.30
CA THR A 71 -12.70 1.55 2.91
C THR A 71 -11.65 2.45 2.25
N HIS A 72 -11.79 2.66 0.93
CA HIS A 72 -11.03 3.63 0.15
C HIS A 72 -11.07 5.00 0.83
N ARG A 73 -12.26 5.54 1.09
CA ARG A 73 -12.47 6.86 1.70
C ARG A 73 -11.68 7.05 2.99
N TYR A 74 -11.57 6.00 3.79
CA TYR A 74 -10.78 6.00 5.02
C TYR A 74 -9.34 6.44 4.72
N VAL A 75 -8.74 5.85 3.70
CA VAL A 75 -7.37 6.08 3.27
C VAL A 75 -7.23 7.47 2.67
N ILE A 76 -8.24 7.98 1.96
CA ILE A 76 -8.17 9.31 1.37
C ILE A 76 -8.04 10.37 2.46
N ASP A 77 -8.72 10.18 3.60
CA ASP A 77 -8.54 11.07 4.76
C ASP A 77 -7.11 10.95 5.31
N LEU A 78 -6.53 9.75 5.30
CA LEU A 78 -5.14 9.53 5.72
C LEU A 78 -4.17 10.24 4.81
N MET A 79 -4.27 10.05 3.49
CA MET A 79 -3.35 10.67 2.53
C MET A 79 -3.34 12.19 2.68
N HIS A 80 -4.51 12.79 2.97
CA HIS A 80 -4.61 14.19 3.31
C HIS A 80 -3.76 14.55 4.53
N HIS A 81 -3.77 13.72 5.57
CA HIS A 81 -2.93 13.90 6.76
C HIS A 81 -1.46 13.67 6.44
N ALA A 82 -1.13 12.61 5.70
CA ALA A 82 0.23 12.23 5.36
C ALA A 82 0.93 13.37 4.61
N ALA A 83 0.22 14.05 3.71
CA ALA A 83 0.76 15.21 3.05
C ALA A 83 1.24 16.27 4.05
N ARG A 84 0.59 16.41 5.21
CA ARG A 84 0.99 17.34 6.27
C ARG A 84 2.16 16.81 7.11
N ASN A 85 2.28 15.49 7.23
CA ASN A 85 3.48 14.86 7.79
C ASN A 85 4.69 15.07 6.86
N GLY A 86 4.46 15.33 5.56
CA GLY A 86 5.53 15.59 4.60
C GLY A 86 6.20 14.29 4.12
N GLN A 87 5.67 13.14 4.50
CA GLN A 87 5.98 11.82 3.98
C GLN A 87 4.71 10.97 4.10
N VAL A 88 4.74 9.78 3.56
CA VAL A 88 3.83 8.71 3.92
C VAL A 88 4.69 7.45 4.06
N ASN A 89 4.19 6.48 4.80
CA ASN A 89 4.73 5.13 4.83
C ASN A 89 3.57 4.24 4.43
N LEU A 90 3.81 3.32 3.50
CA LEU A 90 2.80 2.50 2.86
C LEU A 90 3.29 1.07 3.04
N THR A 91 2.77 0.36 4.03
CA THR A 91 3.06 -1.05 4.15
C THR A 91 2.03 -1.78 3.31
N VAL A 92 2.48 -2.48 2.28
CA VAL A 92 1.70 -3.40 1.47
C VAL A 92 2.01 -4.83 1.93
N ARG A 93 1.30 -5.83 1.41
CA ARG A 93 1.65 -7.22 1.55
C ARG A 93 1.16 -7.97 0.33
N ARG A 94 1.76 -9.12 0.09
CA ARG A 94 1.23 -10.10 -0.86
C ARG A 94 1.55 -11.48 -0.34
N LYS A 95 0.64 -12.44 -0.58
CA LYS A 95 0.93 -13.85 -0.45
C LYS A 95 2.21 -14.22 -1.19
N VAL A 96 2.84 -15.29 -0.70
CA VAL A 96 4.10 -15.77 -1.25
C VAL A 96 3.93 -17.21 -1.67
N LEU A 97 4.58 -17.57 -2.77
CA LEU A 97 4.68 -18.95 -3.21
C LEU A 97 5.90 -19.05 -4.11
N SER A 98 5.82 -18.55 -5.35
CA SER A 98 6.97 -18.15 -6.14
C SER A 98 6.59 -16.95 -7.03
N GLY A 99 7.53 -16.46 -7.84
CA GLY A 99 7.37 -15.32 -8.75
C GLY A 99 8.17 -15.59 -10.02
N PRO A 100 7.56 -15.43 -11.22
CA PRO A 100 8.21 -15.75 -12.50
C PRO A 100 9.24 -14.67 -12.89
N SER A 101 9.91 -14.86 -14.03
CA SER A 101 10.61 -13.77 -14.70
C SER A 101 9.66 -13.10 -15.71
N SER A 102 8.94 -13.89 -16.52
CA SER A 102 8.05 -13.41 -17.56
C SER A 102 8.80 -12.42 -18.46
N GLY A 103 9.84 -12.93 -19.13
CA GLY A 103 11.01 -12.18 -19.51
C GLY A 103 12.22 -12.98 -19.07
N GLY A 1 0.04 -8.38 14.58
CA GLY A 1 0.98 -7.59 13.79
C GLY A 1 1.97 -6.92 14.72
N SER A 2 3.26 -7.19 14.50
CA SER A 2 4.38 -6.67 15.28
C SER A 2 5.65 -6.67 14.42
N SER A 3 5.90 -7.73 13.66
CA SER A 3 7.06 -7.91 12.78
C SER A 3 6.61 -8.62 11.49
N GLY A 4 6.30 -9.92 11.56
CA GLY A 4 6.09 -10.75 10.38
C GLY A 4 5.33 -12.02 10.76
N SER A 5 4.02 -12.07 10.50
CA SER A 5 3.29 -13.33 10.52
C SER A 5 3.77 -14.26 9.39
N SER A 6 3.29 -15.51 9.39
CA SER A 6 3.78 -16.54 8.48
C SER A 6 3.45 -16.21 7.03
N GLY A 7 4.35 -16.57 6.12
CA GLY A 7 4.16 -16.56 4.69
C GLY A 7 4.18 -15.15 4.16
N TYR A 8 3.00 -14.54 4.07
CA TYR A 8 2.79 -13.32 3.35
C TYR A 8 3.75 -12.28 3.93
N LYS A 9 4.54 -11.65 3.07
CA LYS A 9 5.46 -10.62 3.52
C LYS A 9 4.68 -9.33 3.47
N GLU A 10 4.60 -8.64 4.59
CA GLU A 10 4.25 -7.23 4.61
C GLU A 10 5.57 -6.51 4.34
N LEU A 11 5.69 -5.87 3.17
CA LEU A 11 6.87 -5.08 2.80
C LEU A 11 6.50 -3.62 3.00
N ASP A 12 7.45 -2.77 3.35
CA ASP A 12 7.18 -1.36 3.59
C ASP A 12 7.61 -0.52 2.42
N VAL A 13 7.07 0.68 2.32
CA VAL A 13 7.47 1.74 1.39
C VAL A 13 7.43 3.04 2.19
N HIS A 14 8.43 3.93 2.05
CA HIS A 14 8.40 5.27 2.61
C HIS A 14 8.65 6.28 1.51
N LEU A 15 7.75 7.24 1.34
CA LEU A 15 7.80 8.24 0.26
C LEU A 15 7.69 9.65 0.83
N ARG A 16 8.52 10.57 0.35
CA ARG A 16 8.54 11.96 0.77
C ARG A 16 7.58 12.78 -0.08
N ARG A 17 7.09 13.90 0.45
CA ARG A 17 6.30 14.89 -0.27
C ARG A 17 7.13 16.17 -0.27
N MET A 18 8.05 16.27 -1.23
CA MET A 18 8.83 17.49 -1.41
C MET A 18 8.96 17.84 -2.89
N GLU A 19 9.06 16.84 -3.77
CA GLU A 19 9.18 17.04 -5.21
C GLU A 19 7.78 17.14 -5.81
N SER A 20 7.13 15.99 -6.06
CA SER A 20 5.80 15.93 -6.65
C SER A 20 4.78 15.19 -5.79
N GLY A 21 5.19 14.62 -4.65
CA GLY A 21 4.27 14.08 -3.67
C GLY A 21 3.86 12.66 -4.02
N PHE A 22 4.76 11.72 -3.73
CA PHE A 22 4.52 10.28 -3.87
C PHE A 22 4.38 9.98 -5.38
N GLY A 23 3.38 9.22 -5.81
CA GLY A 23 3.11 8.98 -7.22
C GLY A 23 2.39 7.65 -7.40
N PHE A 24 1.29 7.44 -6.68
CA PHE A 24 0.45 6.26 -6.83
C PHE A 24 -1.01 6.68 -6.80
N ARG A 25 -1.90 5.72 -7.06
CA ARG A 25 -3.34 5.85 -6.98
C ARG A 25 -3.85 4.67 -6.18
N ILE A 26 -5.07 4.70 -5.67
CA ILE A 26 -5.60 3.73 -4.70
C ILE A 26 -7.06 3.47 -5.08
N LEU A 27 -7.42 2.20 -5.34
CA LEU A 27 -8.72 1.78 -5.86
C LEU A 27 -9.11 0.49 -5.13
N GLY A 28 -10.27 -0.08 -5.42
CA GLY A 28 -10.84 -1.10 -4.55
C GLY A 28 -11.28 -0.48 -3.24
N GLY A 29 -11.56 -1.31 -2.23
CA GLY A 29 -12.05 -0.87 -0.94
C GLY A 29 -13.37 -0.11 -1.04
N ASP A 30 -14.24 -0.42 -2.00
CA ASP A 30 -15.53 0.27 -2.09
C ASP A 30 -16.38 -0.05 -0.86
N GLU A 31 -16.23 -1.25 -0.30
CA GLU A 31 -16.98 -1.67 0.88
C GLU A 31 -16.04 -1.94 2.05
N PRO A 32 -16.53 -1.81 3.29
CA PRO A 32 -15.75 -1.93 4.50
C PRO A 32 -15.47 -3.42 4.72
N GLY A 33 -14.35 -3.85 4.17
CA GLY A 33 -13.90 -5.23 4.23
C GLY A 33 -13.47 -5.77 2.89
N GLN A 34 -13.59 -5.02 1.79
CA GLN A 34 -12.96 -5.38 0.52
C GLN A 34 -11.45 -5.14 0.59
N PRO A 35 -10.66 -5.79 -0.28
CA PRO A 35 -9.22 -5.56 -0.36
C PRO A 35 -8.96 -4.14 -0.86
N ILE A 36 -7.90 -3.54 -0.33
CA ILE A 36 -7.47 -2.19 -0.65
C ILE A 36 -6.11 -2.35 -1.34
N LEU A 37 -6.12 -2.44 -2.66
CA LEU A 37 -4.96 -2.54 -3.53
C LEU A 37 -4.49 -1.16 -3.98
N ILE A 38 -3.24 -1.06 -4.43
CA ILE A 38 -2.73 0.10 -5.15
C ILE A 38 -3.49 0.16 -6.47
N GLY A 39 -4.20 1.27 -6.68
CA GLY A 39 -4.95 1.60 -7.86
C GLY A 39 -4.11 1.60 -9.12
N ALA A 40 -2.92 2.21 -9.03
CA ALA A 40 -1.90 2.26 -10.06
C ALA A 40 -0.66 2.89 -9.44
N VAL A 41 0.46 2.85 -10.15
CA VAL A 41 1.66 3.61 -9.83
C VAL A 41 1.84 4.58 -11.01
N ILE A 42 2.20 5.82 -10.73
CA ILE A 42 2.41 6.85 -11.72
C ILE A 42 3.85 6.68 -12.19
N ALA A 43 4.04 6.38 -13.48
CA ALA A 43 5.33 5.96 -14.02
C ALA A 43 6.42 7.00 -13.79
N MET A 44 6.13 8.25 -14.11
CA MET A 44 7.09 9.34 -13.96
C MET A 44 6.85 10.02 -12.60
N GLY A 45 6.54 9.21 -11.60
CA GLY A 45 6.33 9.60 -10.23
C GLY A 45 7.52 9.19 -9.38
N SER A 46 7.59 9.73 -8.16
CA SER A 46 8.60 9.37 -7.18
C SER A 46 8.29 8.00 -6.55
N ALA A 47 7.07 7.44 -6.71
CA ALA A 47 6.77 6.11 -6.21
C ALA A 47 7.39 5.03 -7.11
N ASP A 48 7.16 5.13 -8.42
CA ASP A 48 7.69 4.22 -9.45
C ASP A 48 9.20 4.13 -9.28
N ARG A 49 9.87 5.28 -9.42
CA ARG A 49 11.32 5.39 -9.36
C ARG A 49 11.92 4.92 -8.04
N ASP A 50 11.12 4.76 -6.98
CA ASP A 50 11.64 4.42 -5.66
C ASP A 50 12.13 2.97 -5.62
N GLY A 51 11.68 2.13 -6.56
CA GLY A 51 12.09 0.74 -6.70
C GLY A 51 11.33 -0.20 -5.76
N ARG A 52 10.06 0.11 -5.47
CA ARG A 52 9.26 -0.62 -4.49
C ARG A 52 7.82 -0.82 -4.94
N LEU A 53 7.03 0.25 -5.08
CA LEU A 53 5.59 0.11 -5.31
C LEU A 53 5.34 -0.37 -6.72
N HIS A 54 4.36 -1.26 -6.86
CA HIS A 54 3.85 -1.74 -8.13
C HIS A 54 2.32 -1.75 -8.10
N PRO A 55 1.69 -1.67 -9.28
CA PRO A 55 0.24 -1.65 -9.39
C PRO A 55 -0.36 -2.90 -8.72
N GLY A 56 -1.49 -2.74 -8.02
CA GLY A 56 -2.22 -3.85 -7.43
C GLY A 56 -1.62 -4.39 -6.12
N ASP A 57 -0.53 -3.81 -5.60
CA ASP A 57 0.04 -4.21 -4.31
C ASP A 57 -1.02 -3.99 -3.25
N GLU A 58 -1.31 -4.98 -2.42
CA GLU A 58 -2.32 -4.82 -1.38
C GLU A 58 -1.75 -3.89 -0.30
N LEU A 59 -2.51 -2.90 0.12
CA LEU A 59 -2.16 -1.98 1.17
C LEU A 59 -2.59 -2.58 2.50
N VAL A 60 -1.82 -2.26 3.54
CA VAL A 60 -2.13 -2.66 4.91
C VAL A 60 -2.19 -1.43 5.78
N TYR A 61 -1.15 -0.60 5.78
CA TYR A 61 -1.03 0.57 6.63
C TYR A 61 -0.66 1.76 5.77
N VAL A 62 -1.14 2.93 6.18
CA VAL A 62 -0.86 4.22 5.59
C VAL A 62 -0.70 5.17 6.77
N ASP A 63 0.43 5.87 6.85
CA ASP A 63 0.75 6.88 7.87
C ASP A 63 0.83 6.32 9.30
N GLY A 64 0.70 5.01 9.44
CA GLY A 64 0.69 4.28 10.70
C GLY A 64 -0.63 3.54 10.94
N ILE A 65 -1.69 3.83 10.17
CA ILE A 65 -3.03 3.37 10.48
C ILE A 65 -3.41 2.25 9.51
N PRO A 66 -3.98 1.14 10.01
CA PRO A 66 -4.34 0.00 9.21
C PRO A 66 -5.60 0.30 8.41
N VAL A 67 -5.41 0.46 7.10
CA VAL A 67 -6.51 0.61 6.15
C VAL A 67 -7.20 -0.73 5.86
N ALA A 68 -6.67 -1.85 6.36
CA ALA A 68 -7.07 -3.18 5.91
C ALA A 68 -8.50 -3.47 6.35
N GLY A 69 -9.44 -3.49 5.40
CA GLY A 69 -10.86 -3.74 5.65
C GLY A 69 -11.62 -2.48 6.05
N LYS A 70 -11.06 -1.29 5.84
CA LYS A 70 -11.76 -0.02 5.80
C LYS A 70 -12.37 0.16 4.41
N THR A 71 -12.71 1.40 4.05
CA THR A 71 -13.13 1.77 2.70
C THR A 71 -12.09 2.71 2.06
N HIS A 72 -12.25 3.02 0.78
CA HIS A 72 -11.49 3.99 0.01
C HIS A 72 -11.31 5.31 0.77
N ARG A 73 -12.40 5.94 1.22
CA ARG A 73 -12.32 7.24 1.88
C ARG A 73 -11.40 7.20 3.10
N TYR A 74 -11.38 6.09 3.83
CA TYR A 74 -10.50 5.92 4.97
C TYR A 74 -9.07 6.29 4.56
N VAL A 75 -8.58 5.72 3.47
CA VAL A 75 -7.24 5.97 3.00
C VAL A 75 -7.13 7.39 2.43
N ILE A 76 -8.13 7.91 1.72
CA ILE A 76 -8.11 9.29 1.22
C ILE A 76 -7.95 10.29 2.38
N ASP A 77 -8.58 10.01 3.51
CA ASP A 77 -8.43 10.76 4.76
C ASP A 77 -6.99 10.65 5.26
N LEU A 78 -6.42 9.44 5.25
CA LEU A 78 -5.03 9.23 5.66
C LEU A 78 -4.08 10.00 4.77
N MET A 79 -4.15 9.84 3.45
CA MET A 79 -3.28 10.53 2.50
C MET A 79 -3.26 12.04 2.75
N HIS A 80 -4.43 12.60 3.04
CA HIS A 80 -4.54 14.01 3.37
C HIS A 80 -3.71 14.38 4.60
N HIS A 81 -3.59 13.52 5.60
CA HIS A 81 -2.73 13.72 6.76
C HIS A 81 -1.28 13.34 6.51
N ALA A 82 -0.99 12.28 5.74
CA ALA A 82 0.36 11.88 5.45
C ALA A 82 1.08 12.99 4.66
N ALA A 83 0.34 13.68 3.78
CA ALA A 83 0.83 14.87 3.12
C ALA A 83 1.19 16.00 4.09
N ARG A 84 0.49 16.10 5.23
CA ARG A 84 0.71 17.08 6.28
C ARG A 84 1.91 16.68 7.15
N ASN A 85 2.08 15.37 7.39
CA ASN A 85 3.31 14.76 7.88
C ASN A 85 4.46 14.97 6.88
N GLY A 86 4.16 15.34 5.64
CA GLY A 86 5.14 15.64 4.60
C GLY A 86 5.74 14.38 4.00
N GLN A 87 5.30 13.19 4.40
CA GLN A 87 5.81 11.91 3.95
C GLN A 87 4.76 10.86 4.27
N VAL A 88 4.69 9.79 3.50
CA VAL A 88 3.77 8.69 3.73
C VAL A 88 4.58 7.41 3.84
N ASN A 89 4.43 6.72 4.96
CA ASN A 89 4.80 5.33 5.08
C ASN A 89 3.59 4.52 4.57
N LEU A 90 3.81 3.53 3.72
CA LEU A 90 2.80 2.67 3.11
C LEU A 90 3.31 1.25 3.32
N THR A 91 2.77 0.50 4.27
CA THR A 91 3.08 -0.91 4.38
C THR A 91 2.13 -1.64 3.44
N VAL A 92 2.70 -2.41 2.53
CA VAL A 92 2.01 -3.21 1.54
C VAL A 92 2.22 -4.67 1.90
N ARG A 93 1.52 -5.59 1.23
CA ARG A 93 1.79 -7.01 1.35
C ARG A 93 1.39 -7.73 0.10
N ARG A 94 1.84 -8.97 0.03
CA ARG A 94 1.30 -9.99 -0.85
C ARG A 94 1.49 -11.34 -0.20
N LYS A 95 0.49 -12.20 -0.35
CA LYS A 95 0.57 -13.61 0.00
C LYS A 95 1.62 -14.32 -0.84
N VAL A 96 2.15 -15.42 -0.30
CA VAL A 96 3.22 -16.20 -0.89
C VAL A 96 2.91 -17.68 -0.72
N LEU A 97 3.55 -18.48 -1.58
CA LEU A 97 3.54 -19.93 -1.57
C LEU A 97 4.73 -20.37 -2.41
N SER A 98 5.19 -21.61 -2.26
CA SER A 98 6.31 -22.18 -3.01
C SER A 98 6.04 -23.68 -3.18
N GLY A 99 6.23 -24.20 -4.39
CA GLY A 99 5.85 -25.56 -4.74
C GLY A 99 6.33 -25.94 -6.13
N PRO A 100 5.84 -27.06 -6.68
CA PRO A 100 5.97 -27.39 -8.09
C PRO A 100 5.01 -26.53 -8.93
N SER A 101 5.34 -26.33 -10.20
CA SER A 101 4.47 -25.58 -11.13
C SER A 101 3.28 -26.42 -11.61
N SER A 102 3.41 -27.74 -11.58
CA SER A 102 2.51 -28.69 -12.23
C SER A 102 2.29 -28.28 -13.71
N GLY A 103 1.14 -28.66 -14.28
CA GLY A 103 0.61 -28.12 -15.52
C GLY A 103 -0.78 -27.62 -15.25
N GLY A 1 -8.03 -22.76 14.34
CA GLY A 1 -8.41 -21.38 13.99
C GLY A 1 -7.49 -20.88 12.90
N SER A 2 -6.93 -19.67 13.05
CA SER A 2 -6.02 -19.09 12.08
C SER A 2 -4.68 -18.86 12.76
N SER A 3 -3.94 -19.95 12.95
CA SER A 3 -2.53 -19.92 13.27
C SER A 3 -1.73 -19.76 11.98
N GLY A 4 -0.49 -19.33 12.07
CA GLY A 4 0.43 -19.19 10.96
C GLY A 4 1.86 -19.27 11.45
N SER A 5 2.80 -19.27 10.50
CA SER A 5 4.21 -19.11 10.78
C SER A 5 4.79 -18.23 9.70
N SER A 6 4.57 -18.58 8.43
CA SER A 6 4.99 -17.78 7.29
C SER A 6 4.01 -18.03 6.12
N GLY A 7 3.91 -17.09 5.19
CA GLY A 7 3.15 -17.28 3.97
C GLY A 7 2.97 -16.00 3.14
N TYR A 8 2.96 -14.81 3.74
CA TYR A 8 3.07 -13.55 3.01
C TYR A 8 4.24 -12.75 3.55
N LYS A 9 4.62 -11.70 2.84
CA LYS A 9 5.61 -10.73 3.30
C LYS A 9 4.90 -9.39 3.28
N GLU A 10 5.00 -8.64 4.37
CA GLU A 10 4.68 -7.22 4.36
C GLU A 10 5.94 -6.52 3.84
N LEU A 11 5.74 -5.51 3.01
CA LEU A 11 6.77 -4.72 2.36
C LEU A 11 6.37 -3.30 2.70
N ASP A 12 7.20 -2.56 3.44
CA ASP A 12 6.96 -1.13 3.56
C ASP A 12 7.51 -0.40 2.34
N VAL A 13 6.90 0.74 2.05
CA VAL A 13 7.32 1.68 1.04
C VAL A 13 7.20 3.06 1.69
N HIS A 14 8.34 3.69 2.00
CA HIS A 14 8.35 4.99 2.63
C HIS A 14 8.55 6.07 1.57
N LEU A 15 7.50 6.83 1.26
CA LEU A 15 7.55 7.88 0.25
C LEU A 15 7.61 9.24 0.91
N ARG A 16 8.56 10.06 0.48
CA ARG A 16 8.81 11.39 1.04
C ARG A 16 8.04 12.43 0.22
N ARG A 17 7.62 13.55 0.84
CA ARG A 17 6.93 14.65 0.16
C ARG A 17 7.72 15.94 0.38
N MET A 18 8.71 16.22 -0.46
CA MET A 18 9.35 17.54 -0.51
C MET A 18 9.71 17.96 -1.94
N GLU A 19 9.47 17.11 -2.94
CA GLU A 19 9.75 17.40 -4.34
C GLU A 19 8.53 16.95 -5.15
N SER A 20 8.48 15.69 -5.59
CA SER A 20 7.35 15.21 -6.39
C SER A 20 6.10 14.92 -5.57
N GLY A 21 6.20 14.50 -4.32
CA GLY A 21 5.07 13.94 -3.59
C GLY A 21 4.81 12.49 -4.01
N PHE A 22 3.58 12.00 -3.79
CA PHE A 22 3.29 10.57 -3.78
C PHE A 22 2.62 10.12 -5.09
N GLY A 23 3.41 9.58 -6.02
CA GLY A 23 2.98 9.19 -7.35
C GLY A 23 2.33 7.80 -7.38
N PHE A 24 1.22 7.60 -6.66
CA PHE A 24 0.41 6.38 -6.73
C PHE A 24 -1.06 6.76 -6.63
N ARG A 25 -1.95 5.88 -7.10
CA ARG A 25 -3.40 5.95 -6.94
C ARG A 25 -3.83 4.80 -6.03
N ILE A 26 -5.07 4.81 -5.53
CA ILE A 26 -5.59 3.86 -4.55
C ILE A 26 -7.05 3.57 -4.94
N LEU A 27 -7.44 2.29 -5.02
CA LEU A 27 -8.74 1.79 -5.50
C LEU A 27 -9.13 0.57 -4.65
N GLY A 28 -10.27 -0.08 -4.93
CA GLY A 28 -10.76 -1.15 -4.06
C GLY A 28 -11.15 -0.59 -2.69
N GLY A 29 -11.43 -1.47 -1.72
CA GLY A 29 -11.97 -1.04 -0.44
C GLY A 29 -13.32 -0.34 -0.61
N ASP A 30 -14.13 -0.80 -1.55
CA ASP A 30 -15.44 -0.20 -1.80
C ASP A 30 -16.38 -0.41 -0.62
N GLU A 31 -16.27 -1.58 0.02
CA GLU A 31 -17.03 -1.97 1.20
C GLU A 31 -16.04 -2.25 2.34
N PRO A 32 -16.48 -2.23 3.61
CA PRO A 32 -15.64 -2.34 4.78
C PRO A 32 -15.37 -3.81 5.10
N GLY A 33 -14.79 -4.52 4.13
CA GLY A 33 -14.35 -5.89 4.25
C GLY A 33 -13.84 -6.40 2.91
N GLN A 34 -13.06 -5.59 2.19
CA GLN A 34 -12.54 -5.85 0.84
C GLN A 34 -11.01 -5.74 0.82
N PRO A 35 -10.35 -6.18 -0.26
CA PRO A 35 -8.94 -5.89 -0.51
C PRO A 35 -8.81 -4.41 -0.89
N ILE A 36 -7.78 -3.77 -0.35
CA ILE A 36 -7.34 -2.44 -0.74
C ILE A 36 -6.05 -2.64 -1.51
N LEU A 37 -6.16 -2.59 -2.82
CA LEU A 37 -5.10 -2.68 -3.81
C LEU A 37 -4.69 -1.26 -4.23
N ILE A 38 -3.38 -1.01 -4.34
CA ILE A 38 -2.81 0.17 -4.99
C ILE A 38 -3.49 0.31 -6.36
N GLY A 39 -4.04 1.49 -6.64
CA GLY A 39 -4.86 1.75 -7.80
C GLY A 39 -4.07 1.73 -9.12
N ALA A 40 -2.78 2.04 -9.05
CA ALA A 40 -1.76 2.11 -10.10
C ALA A 40 -0.63 2.98 -9.55
N VAL A 41 0.65 2.59 -9.67
CA VAL A 41 1.75 3.48 -9.44
C VAL A 41 2.00 4.28 -10.71
N ILE A 42 2.47 5.51 -10.59
CA ILE A 42 2.88 6.31 -11.74
C ILE A 42 4.30 5.86 -12.08
N ALA A 43 4.49 5.33 -13.29
CA ALA A 43 5.77 4.84 -13.79
C ALA A 43 6.78 5.97 -13.83
N MET A 44 6.36 7.08 -14.42
CA MET A 44 7.16 8.29 -14.50
C MET A 44 6.92 9.09 -13.22
N GLY A 45 7.13 8.47 -12.06
CA GLY A 45 6.77 9.02 -10.76
C GLY A 45 7.54 8.35 -9.64
N SER A 46 7.64 9.06 -8.51
CA SER A 46 8.43 8.69 -7.35
C SER A 46 8.01 7.40 -6.65
N ALA A 47 6.90 6.74 -7.01
CA ALA A 47 6.56 5.43 -6.46
C ALA A 47 7.37 4.34 -7.18
N ASP A 48 7.39 4.40 -8.51
CA ASP A 48 8.18 3.53 -9.37
C ASP A 48 9.66 3.73 -9.05
N ARG A 49 10.11 4.99 -9.09
CA ARG A 49 11.53 5.37 -8.98
C ARG A 49 12.15 4.98 -7.63
N ASP A 50 11.33 4.73 -6.61
CA ASP A 50 11.79 4.28 -5.29
C ASP A 50 12.29 2.82 -5.37
N GLY A 51 11.93 2.09 -6.42
CA GLY A 51 12.30 0.68 -6.62
C GLY A 51 11.43 -0.26 -5.81
N ARG A 52 10.26 0.23 -5.36
CA ARG A 52 9.49 -0.38 -4.28
C ARG A 52 8.03 -0.60 -4.65
N LEU A 53 7.23 0.47 -4.79
CA LEU A 53 5.78 0.32 -4.88
C LEU A 53 5.48 -0.30 -6.23
N HIS A 54 4.44 -1.12 -6.27
CA HIS A 54 4.03 -1.85 -7.46
C HIS A 54 2.51 -1.75 -7.65
N PRO A 55 2.04 -1.66 -8.91
CA PRO A 55 0.66 -1.95 -9.23
C PRO A 55 0.45 -3.44 -9.02
N GLY A 56 -0.66 -3.82 -8.39
CA GLY A 56 -0.92 -5.15 -7.88
C GLY A 56 -0.55 -5.29 -6.41
N ASP A 57 0.03 -4.26 -5.75
CA ASP A 57 0.29 -4.36 -4.33
C ASP A 57 -1.03 -4.17 -3.58
N GLU A 58 -1.28 -5.03 -2.61
CA GLU A 58 -2.31 -4.92 -1.59
C GLU A 58 -1.72 -4.12 -0.43
N LEU A 59 -2.42 -3.08 0.01
CA LEU A 59 -2.06 -2.23 1.15
C LEU A 59 -2.39 -2.90 2.49
N VAL A 60 -1.79 -2.39 3.56
CA VAL A 60 -2.01 -2.79 4.95
C VAL A 60 -2.14 -1.53 5.80
N TYR A 61 -1.13 -0.66 5.74
CA TYR A 61 -1.05 0.56 6.54
C TYR A 61 -0.77 1.74 5.62
N VAL A 62 -1.27 2.90 6.02
CA VAL A 62 -1.05 4.17 5.36
C VAL A 62 -0.81 5.18 6.46
N ASP A 63 0.34 5.85 6.40
CA ASP A 63 0.82 6.83 7.37
C ASP A 63 0.91 6.28 8.81
N GLY A 64 0.92 4.96 8.95
CA GLY A 64 1.00 4.24 10.23
C GLY A 64 -0.34 3.63 10.66
N ILE A 65 -1.46 3.97 10.01
CA ILE A 65 -2.79 3.57 10.41
C ILE A 65 -3.22 2.41 9.49
N PRO A 66 -3.71 1.30 10.05
CA PRO A 66 -4.10 0.13 9.29
C PRO A 66 -5.41 0.45 8.57
N VAL A 67 -5.41 0.26 7.25
CA VAL A 67 -6.57 0.51 6.40
C VAL A 67 -7.43 -0.74 6.24
N ALA A 68 -7.00 -1.89 6.79
CA ALA A 68 -7.62 -3.18 6.52
C ALA A 68 -9.07 -3.19 7.00
N GLY A 69 -10.00 -3.52 6.10
CA GLY A 69 -11.43 -3.58 6.39
C GLY A 69 -12.13 -2.21 6.44
N LYS A 70 -11.41 -1.11 6.21
CA LYS A 70 -12.00 0.22 6.06
C LYS A 70 -12.38 0.43 4.61
N THR A 71 -13.09 1.51 4.31
CA THR A 71 -13.37 1.84 2.91
C THR A 71 -12.28 2.76 2.35
N HIS A 72 -12.26 2.96 1.03
CA HIS A 72 -11.37 3.88 0.31
C HIS A 72 -11.27 5.23 1.01
N ARG A 73 -12.42 5.82 1.39
CA ARG A 73 -12.49 7.12 2.06
C ARG A 73 -11.62 7.22 3.31
N TYR A 74 -11.52 6.14 4.07
CA TYR A 74 -10.63 6.06 5.23
C TYR A 74 -9.21 6.46 4.81
N VAL A 75 -8.72 5.85 3.73
CA VAL A 75 -7.39 6.09 3.18
C VAL A 75 -7.29 7.50 2.61
N ILE A 76 -8.32 8.04 1.97
CA ILE A 76 -8.32 9.40 1.44
C ILE A 76 -8.12 10.40 2.59
N ASP A 77 -8.76 10.17 3.73
CA ASP A 77 -8.54 10.95 4.94
C ASP A 77 -7.10 10.81 5.43
N LEU A 78 -6.51 9.60 5.34
CA LEU A 78 -5.11 9.40 5.69
C LEU A 78 -4.20 10.20 4.78
N MET A 79 -4.32 10.04 3.46
CA MET A 79 -3.47 10.75 2.51
C MET A 79 -3.51 12.26 2.75
N HIS A 80 -4.68 12.79 3.10
CA HIS A 80 -4.82 14.20 3.41
C HIS A 80 -3.97 14.59 4.63
N HIS A 81 -3.87 13.75 5.67
CA HIS A 81 -2.95 13.94 6.79
C HIS A 81 -1.50 13.73 6.37
N ALA A 82 -1.21 12.63 5.66
CA ALA A 82 0.13 12.20 5.31
C ALA A 82 0.88 13.28 4.53
N ALA A 83 0.20 13.94 3.59
CA ALA A 83 0.79 15.05 2.87
C ALA A 83 1.21 16.21 3.79
N ARG A 84 0.56 16.40 4.95
CA ARG A 84 0.97 17.40 5.93
C ARG A 84 2.07 16.85 6.84
N ASN A 85 2.03 15.56 7.18
CA ASN A 85 3.15 14.88 7.84
C ASN A 85 4.42 15.08 7.01
N GLY A 86 4.29 15.15 5.68
CA GLY A 86 5.38 15.47 4.76
C GLY A 86 6.08 14.22 4.24
N GLN A 87 5.53 13.04 4.53
CA GLN A 87 5.93 11.73 4.04
C GLN A 87 4.74 10.79 4.24
N VAL A 88 4.82 9.56 3.73
CA VAL A 88 3.82 8.53 3.97
C VAL A 88 4.52 7.18 3.97
N ASN A 89 4.30 6.40 5.01
CA ASN A 89 4.55 4.96 4.99
C ASN A 89 3.37 4.31 4.30
N LEU A 90 3.59 3.50 3.28
CA LEU A 90 2.62 2.63 2.66
C LEU A 90 3.14 1.22 2.91
N THR A 91 2.64 0.55 3.93
CA THR A 91 2.97 -0.84 4.14
C THR A 91 2.01 -1.63 3.26
N VAL A 92 2.54 -2.32 2.25
CA VAL A 92 1.83 -3.23 1.37
C VAL A 92 2.18 -4.67 1.78
N ARG A 93 1.52 -5.70 1.24
CA ARG A 93 1.91 -7.09 1.44
C ARG A 93 1.48 -7.99 0.28
N ARG A 94 2.22 -9.07 0.02
CA ARG A 94 1.87 -10.06 -1.01
C ARG A 94 2.21 -11.45 -0.49
N LYS A 95 1.24 -12.36 -0.57
CA LYS A 95 1.38 -13.80 -0.34
C LYS A 95 2.37 -14.43 -1.30
N VAL A 96 3.23 -15.26 -0.74
CA VAL A 96 4.37 -15.88 -1.37
C VAL A 96 4.01 -17.30 -1.75
N LEU A 97 4.39 -17.71 -2.96
CA LEU A 97 4.23 -19.08 -3.42
C LEU A 97 5.28 -19.35 -4.51
N SER A 98 5.34 -20.57 -5.02
CA SER A 98 6.19 -20.96 -6.13
C SER A 98 5.57 -22.21 -6.73
N GLY A 99 4.92 -22.09 -7.88
CA GLY A 99 4.42 -23.21 -8.63
C GLY A 99 5.51 -23.72 -9.56
N PRO A 100 6.04 -24.95 -9.37
CA PRO A 100 6.97 -25.54 -10.31
C PRO A 100 6.25 -25.93 -11.61
N SER A 101 4.92 -26.11 -11.60
CA SER A 101 4.19 -26.82 -12.63
C SER A 101 4.69 -28.28 -12.67
N SER A 102 4.43 -28.99 -13.77
CA SER A 102 5.12 -30.23 -14.07
C SER A 102 6.52 -29.90 -14.64
N GLY A 103 7.31 -30.93 -14.95
CA GLY A 103 8.18 -30.87 -16.12
C GLY A 103 7.38 -31.15 -17.38
N GLY A 1 13.39 -11.87 8.54
CA GLY A 1 12.57 -12.12 9.73
C GLY A 1 11.55 -13.21 9.43
N SER A 2 10.28 -12.92 9.69
CA SER A 2 9.19 -13.88 9.67
C SER A 2 7.90 -13.09 9.43
N SER A 3 7.34 -13.20 8.23
CA SER A 3 6.06 -12.58 7.92
C SER A 3 4.94 -13.52 8.41
N GLY A 4 4.44 -13.31 9.63
CA GLY A 4 3.18 -13.84 10.13
C GLY A 4 3.00 -15.35 9.90
N SER A 5 3.55 -16.17 10.80
CA SER A 5 3.76 -17.59 10.54
C SER A 5 4.62 -17.75 9.28
N SER A 6 4.13 -18.42 8.23
CA SER A 6 4.86 -18.69 7.00
C SER A 6 3.88 -18.64 5.82
N GLY A 7 3.63 -17.46 5.27
CA GLY A 7 2.78 -17.28 4.11
C GLY A 7 3.05 -15.94 3.46
N TYR A 8 2.06 -15.05 3.47
CA TYR A 8 2.16 -13.73 2.87
C TYR A 8 3.32 -12.94 3.49
N LYS A 9 3.82 -11.96 2.74
CA LYS A 9 4.90 -11.08 3.15
C LYS A 9 4.43 -9.64 3.03
N GLU A 10 4.75 -8.82 4.03
CA GLU A 10 4.57 -7.38 4.01
C GLU A 10 5.89 -6.74 3.53
N LEU A 11 5.81 -5.55 2.94
CA LEU A 11 6.93 -4.72 2.49
C LEU A 11 6.59 -3.28 2.84
N ASP A 12 7.54 -2.58 3.46
CA ASP A 12 7.41 -1.18 3.83
C ASP A 12 7.85 -0.31 2.67
N VAL A 13 7.04 0.69 2.37
CA VAL A 13 7.39 1.71 1.40
C VAL A 13 7.14 3.06 2.06
N HIS A 14 8.22 3.73 2.41
CA HIS A 14 8.17 5.01 3.08
C HIS A 14 8.62 6.06 2.08
N LEU A 15 7.73 7.01 1.78
CA LEU A 15 7.95 8.06 0.79
C LEU A 15 8.07 9.41 1.49
N ARG A 16 8.88 10.30 0.91
CA ARG A 16 8.85 11.72 1.26
C ARG A 16 7.81 12.42 0.40
N ARG A 17 7.41 13.62 0.75
CA ARG A 17 6.67 14.54 -0.11
C ARG A 17 7.62 15.71 -0.23
N MET A 18 8.40 15.73 -1.30
CA MET A 18 9.39 16.80 -1.47
C MET A 18 9.52 17.20 -2.94
N GLU A 19 8.98 16.39 -3.85
CA GLU A 19 8.87 16.71 -5.27
C GLU A 19 7.45 16.35 -5.66
N SER A 20 7.22 15.28 -6.44
CA SER A 20 5.92 15.01 -7.06
C SER A 20 4.81 14.72 -6.04
N GLY A 21 5.16 14.12 -4.88
CA GLY A 21 4.23 13.81 -3.80
C GLY A 21 3.49 12.51 -4.03
N PHE A 22 4.02 11.41 -3.49
CA PHE A 22 3.42 10.08 -3.37
C PHE A 22 2.69 9.61 -4.64
N GLY A 23 3.44 9.29 -5.70
CA GLY A 23 2.89 9.04 -7.04
C GLY A 23 2.28 7.66 -7.24
N PHE A 24 1.33 7.26 -6.41
CA PHE A 24 0.51 6.06 -6.60
C PHE A 24 -0.97 6.46 -6.65
N ARG A 25 -1.87 5.51 -6.90
CA ARG A 25 -3.30 5.70 -6.71
C ARG A 25 -3.88 4.45 -6.05
N ILE A 26 -5.09 4.53 -5.52
CA ILE A 26 -5.70 3.47 -4.72
C ILE A 26 -7.11 3.24 -5.25
N LEU A 27 -7.47 1.98 -5.51
CA LEU A 27 -8.82 1.56 -5.89
C LEU A 27 -9.05 0.16 -5.35
N GLY A 28 -10.29 -0.13 -4.97
CA GLY A 28 -10.63 -1.16 -4.00
C GLY A 28 -11.18 -0.46 -2.76
N GLY A 29 -11.60 -1.22 -1.75
CA GLY A 29 -12.21 -0.63 -0.57
C GLY A 29 -13.57 -0.01 -0.87
N ASP A 30 -14.38 -0.64 -1.75
CA ASP A 30 -15.75 -0.22 -2.01
C ASP A 30 -16.56 -0.18 -0.72
N GLU A 31 -16.28 -1.13 0.18
CA GLU A 31 -17.02 -1.44 1.38
C GLU A 31 -15.99 -1.70 2.50
N PRO A 32 -16.39 -1.62 3.79
CA PRO A 32 -15.53 -1.81 4.94
C PRO A 32 -15.28 -3.31 5.17
N GLY A 33 -14.48 -3.90 4.29
CA GLY A 33 -14.04 -5.28 4.27
C GLY A 33 -13.40 -5.66 2.94
N GLN A 34 -13.49 -4.81 1.91
CA GLN A 34 -12.93 -5.08 0.60
C GLN A 34 -11.40 -4.96 0.62
N PRO A 35 -10.69 -5.59 -0.33
CA PRO A 35 -9.25 -5.45 -0.46
C PRO A 35 -8.93 -4.06 -0.97
N ILE A 36 -7.90 -3.44 -0.40
CA ILE A 36 -7.42 -2.13 -0.81
C ILE A 36 -6.08 -2.33 -1.48
N LEU A 37 -6.08 -2.48 -2.79
CA LEU A 37 -4.85 -2.55 -3.56
C LEU A 37 -4.41 -1.14 -3.98
N ILE A 38 -3.12 -1.01 -4.23
CA ILE A 38 -2.51 0.03 -5.03
C ILE A 38 -3.20 -0.09 -6.39
N GLY A 39 -4.08 0.86 -6.72
CA GLY A 39 -4.96 0.75 -7.86
C GLY A 39 -4.18 0.88 -9.17
N ALA A 40 -3.22 1.81 -9.22
CA ALA A 40 -2.22 1.96 -10.25
C ALA A 40 -1.05 2.77 -9.66
N VAL A 41 0.02 2.95 -10.41
CA VAL A 41 1.15 3.78 -10.02
C VAL A 41 1.38 4.81 -11.14
N ILE A 42 1.88 6.00 -10.79
CA ILE A 42 2.12 7.06 -11.74
C ILE A 42 3.53 6.88 -12.26
N ALA A 43 3.66 6.55 -13.55
CA ALA A 43 4.92 6.18 -14.19
C ALA A 43 6.07 7.13 -13.87
N MET A 44 5.90 8.43 -14.10
CA MET A 44 6.95 9.40 -13.86
C MET A 44 6.91 9.97 -12.43
N GLY A 45 5.95 9.56 -11.61
CA GLY A 45 5.78 10.08 -10.26
C GLY A 45 6.86 9.50 -9.35
N SER A 46 7.20 10.25 -8.30
CA SER A 46 8.29 9.92 -7.39
C SER A 46 8.09 8.59 -6.63
N ALA A 47 6.93 7.92 -6.73
CA ALA A 47 6.74 6.58 -6.16
C ALA A 47 7.35 5.49 -7.06
N ASP A 48 7.20 5.58 -8.38
CA ASP A 48 7.65 4.54 -9.32
C ASP A 48 9.18 4.45 -9.30
N ARG A 49 9.84 5.60 -9.48
CA ARG A 49 11.27 5.76 -9.26
C ARG A 49 11.72 5.50 -7.81
N ASP A 50 10.81 5.40 -6.84
CA ASP A 50 11.21 4.97 -5.48
C ASP A 50 11.55 3.48 -5.46
N GLY A 51 11.11 2.72 -6.47
CA GLY A 51 11.61 1.38 -6.70
C GLY A 51 11.00 0.35 -5.77
N ARG A 52 9.73 0.50 -5.35
CA ARG A 52 9.08 -0.45 -4.45
C ARG A 52 7.68 -0.82 -4.93
N LEU A 53 6.76 0.13 -4.95
CA LEU A 53 5.34 -0.10 -5.18
C LEU A 53 5.09 -0.69 -6.56
N HIS A 54 4.10 -1.57 -6.66
CA HIS A 54 3.50 -2.01 -7.91
C HIS A 54 1.98 -1.91 -7.79
N PRO A 55 1.28 -1.70 -8.91
CA PRO A 55 -0.15 -1.94 -8.98
C PRO A 55 -0.49 -3.35 -8.49
N GLY A 56 -1.62 -3.47 -7.80
CA GLY A 56 -2.10 -4.75 -7.27
C GLY A 56 -1.39 -5.19 -5.98
N ASP A 57 -0.38 -4.45 -5.50
CA ASP A 57 0.12 -4.64 -4.13
C ASP A 57 -1.02 -4.27 -3.19
N GLU A 58 -1.30 -5.06 -2.17
CA GLU A 58 -2.40 -4.80 -1.25
C GLU A 58 -1.87 -3.92 -0.13
N LEU A 59 -2.47 -2.76 0.08
CA LEU A 59 -2.16 -1.86 1.17
C LEU A 59 -2.70 -2.43 2.47
N VAL A 60 -1.92 -2.28 3.53
CA VAL A 60 -2.21 -2.80 4.85
C VAL A 60 -2.29 -1.64 5.83
N TYR A 61 -1.23 -0.82 5.84
CA TYR A 61 -1.07 0.31 6.71
C TYR A 61 -0.70 1.50 5.86
N VAL A 62 -1.15 2.67 6.29
CA VAL A 62 -0.77 3.96 5.75
C VAL A 62 -0.46 4.79 6.98
N ASP A 63 0.74 5.36 7.03
CA ASP A 63 1.26 6.18 8.12
C ASP A 63 1.35 5.39 9.44
N GLY A 64 1.26 4.06 9.38
CA GLY A 64 1.20 3.15 10.52
C GLY A 64 -0.23 2.84 10.96
N ILE A 65 -1.25 3.36 10.26
CA ILE A 65 -2.66 3.19 10.57
C ILE A 65 -3.23 2.12 9.64
N PRO A 66 -3.88 1.07 10.17
CA PRO A 66 -4.38 -0.03 9.37
C PRO A 66 -5.58 0.44 8.57
N VAL A 67 -5.46 0.39 7.24
CA VAL A 67 -6.58 0.63 6.34
C VAL A 67 -7.53 -0.57 6.26
N ALA A 68 -7.11 -1.70 6.86
CA ALA A 68 -7.78 -2.99 6.74
C ALA A 68 -9.15 -2.91 7.41
N GLY A 69 -10.23 -3.07 6.62
CA GLY A 69 -11.59 -3.05 7.11
C GLY A 69 -12.27 -1.69 6.99
N LYS A 70 -11.62 -0.67 6.40
CA LYS A 70 -12.16 0.64 6.10
C LYS A 70 -12.37 0.75 4.60
N THR A 71 -12.89 1.87 4.14
CA THR A 71 -13.19 2.06 2.71
C THR A 71 -12.01 2.76 2.01
N HIS A 72 -12.12 3.00 0.70
CA HIS A 72 -11.21 3.86 -0.05
C HIS A 72 -11.01 5.21 0.63
N ARG A 73 -12.10 5.92 0.93
CA ARG A 73 -12.03 7.26 1.48
C ARG A 73 -11.35 7.30 2.84
N TYR A 74 -11.39 6.20 3.60
CA TYR A 74 -10.59 6.03 4.82
C TYR A 74 -9.14 6.45 4.56
N VAL A 75 -8.56 5.85 3.52
CA VAL A 75 -7.17 5.98 3.14
C VAL A 75 -6.92 7.34 2.52
N ILE A 76 -7.86 7.89 1.76
CA ILE A 76 -7.75 9.24 1.22
C ILE A 76 -7.58 10.24 2.37
N ASP A 77 -8.32 10.05 3.46
CA ASP A 77 -8.25 10.91 4.63
C ASP A 77 -6.90 10.78 5.35
N LEU A 78 -6.28 9.59 5.29
CA LEU A 78 -4.96 9.33 5.84
C LEU A 78 -3.87 9.94 4.96
N MET A 79 -3.89 9.65 3.66
CA MET A 79 -2.96 10.21 2.68
C MET A 79 -2.98 11.74 2.72
N HIS A 80 -4.15 12.33 2.92
CA HIS A 80 -4.37 13.75 3.11
C HIS A 80 -3.54 14.24 4.30
N HIS A 81 -3.77 13.71 5.49
CA HIS A 81 -3.05 14.05 6.70
C HIS A 81 -1.53 13.89 6.52
N ALA A 82 -1.09 12.74 6.03
CA ALA A 82 0.31 12.43 5.81
C ALA A 82 0.94 13.40 4.78
N ALA A 83 0.18 13.81 3.76
CA ALA A 83 0.65 14.80 2.80
C ALA A 83 0.85 16.18 3.43
N ARG A 84 0.20 16.51 4.56
CA ARG A 84 0.54 17.71 5.31
C ARG A 84 1.89 17.54 5.97
N ASN A 85 2.09 16.42 6.68
CA ASN A 85 3.33 16.10 7.40
C ASN A 85 4.52 16.18 6.44
N GLY A 86 4.31 15.72 5.21
CA GLY A 86 5.30 15.78 4.16
C GLY A 86 6.05 14.45 4.02
N GLN A 87 5.57 13.37 4.62
CA GLN A 87 6.03 12.01 4.37
C GLN A 87 4.87 11.06 4.62
N VAL A 88 5.01 9.81 4.20
CA VAL A 88 4.08 8.73 4.51
C VAL A 88 4.88 7.45 4.60
N ASN A 89 4.27 6.43 5.18
CA ASN A 89 4.71 5.05 5.08
C ASN A 89 3.52 4.24 4.59
N LEU A 90 3.76 3.24 3.77
CA LEU A 90 2.77 2.49 3.03
C LEU A 90 3.25 1.05 3.17
N THR A 91 2.67 0.33 4.12
CA THR A 91 3.00 -1.07 4.29
C THR A 91 2.08 -1.81 3.33
N VAL A 92 2.63 -2.43 2.29
CA VAL A 92 1.88 -3.26 1.36
C VAL A 92 2.19 -4.74 1.63
N ARG A 93 1.41 -5.68 1.09
CA ARG A 93 1.67 -7.11 1.23
C ARG A 93 1.11 -7.92 0.07
N ARG A 94 1.58 -9.15 -0.09
CA ARG A 94 0.96 -10.18 -0.93
C ARG A 94 1.26 -11.56 -0.37
N LYS A 95 0.33 -12.51 -0.53
CA LYS A 95 0.55 -13.93 -0.37
C LYS A 95 1.75 -14.41 -1.17
N VAL A 96 2.43 -15.39 -0.61
CA VAL A 96 3.59 -16.02 -1.23
C VAL A 96 3.23 -17.45 -1.63
N LEU A 97 3.84 -17.92 -2.72
CA LEU A 97 3.71 -19.26 -3.24
C LEU A 97 5.05 -19.68 -3.88
N SER A 98 5.06 -20.79 -4.59
CA SER A 98 6.00 -21.11 -5.66
C SER A 98 5.20 -21.75 -6.80
N GLY A 99 5.80 -21.89 -7.97
CA GLY A 99 5.22 -22.67 -9.05
C GLY A 99 6.29 -22.97 -10.11
N PRO A 100 7.14 -23.98 -9.88
CA PRO A 100 8.24 -24.35 -10.77
C PRO A 100 7.80 -24.88 -12.14
N SER A 101 6.53 -25.22 -12.35
CA SER A 101 5.96 -25.31 -13.69
C SER A 101 5.81 -23.88 -14.19
N SER A 102 6.71 -23.44 -15.06
CA SER A 102 6.74 -22.12 -15.68
C SER A 102 5.33 -21.75 -16.19
N GLY A 103 4.79 -20.64 -15.69
CA GLY A 103 3.59 -20.03 -16.24
C GLY A 103 3.97 -19.18 -17.44
N GLY A 1 6.66 -8.53 22.00
CA GLY A 1 7.01 -9.70 21.18
C GLY A 1 7.47 -9.27 19.79
N SER A 2 7.67 -10.25 18.91
CA SER A 2 8.29 -10.09 17.60
C SER A 2 7.48 -10.66 16.45
N SER A 3 6.41 -11.41 16.73
CA SER A 3 5.66 -12.16 15.74
C SER A 3 6.60 -13.11 14.94
N GLY A 4 6.10 -13.76 13.90
CA GLY A 4 6.83 -14.73 13.09
C GLY A 4 6.28 -14.69 11.68
N SER A 5 7.18 -14.67 10.69
CA SER A 5 6.86 -14.57 9.27
C SER A 5 6.25 -15.88 8.80
N SER A 6 5.11 -15.85 8.12
CA SER A 6 4.52 -17.02 7.50
C SER A 6 3.68 -16.60 6.30
N GLY A 7 3.91 -17.20 5.14
CA GLY A 7 2.99 -17.38 4.02
C GLY A 7 2.69 -16.14 3.20
N TYR A 8 2.86 -14.96 3.79
CA TYR A 8 2.87 -13.67 3.12
C TYR A 8 3.99 -12.87 3.72
N LYS A 9 4.38 -11.83 2.99
CA LYS A 9 5.26 -10.82 3.50
C LYS A 9 4.54 -9.51 3.33
N GLU A 10 4.66 -8.68 4.34
CA GLU A 10 4.45 -7.26 4.25
C GLU A 10 5.76 -6.66 3.77
N LEU A 11 5.64 -5.61 2.98
CA LEU A 11 6.71 -4.81 2.42
C LEU A 11 6.42 -3.36 2.80
N ASP A 12 7.34 -2.74 3.49
CA ASP A 12 7.30 -1.33 3.86
C ASP A 12 7.77 -0.48 2.69
N VAL A 13 7.04 0.59 2.42
CA VAL A 13 7.42 1.57 1.41
C VAL A 13 7.26 2.99 1.97
N HIS A 14 8.39 3.64 2.26
CA HIS A 14 8.43 4.99 2.80
C HIS A 14 8.72 5.97 1.67
N LEU A 15 7.82 6.93 1.43
CA LEU A 15 7.93 7.96 0.41
C LEU A 15 7.84 9.33 1.06
N ARG A 16 8.85 10.18 0.87
CA ARG A 16 8.76 11.60 1.25
C ARG A 16 7.86 12.35 0.27
N ARG A 17 7.23 13.45 0.72
CA ARG A 17 6.48 14.40 -0.11
C ARG A 17 7.39 15.60 -0.27
N MET A 18 7.85 15.88 -1.48
CA MET A 18 8.53 17.12 -1.80
C MET A 18 8.09 17.56 -3.18
N GLU A 19 8.49 16.82 -4.21
CA GLU A 19 8.17 17.05 -5.60
C GLU A 19 6.66 16.90 -5.84
N SER A 20 6.16 15.67 -5.84
CA SER A 20 5.01 15.26 -6.65
C SER A 20 3.88 14.60 -5.85
N GLY A 21 4.01 14.51 -4.53
CA GLY A 21 2.93 14.16 -3.61
C GLY A 21 2.45 12.72 -3.79
N PHE A 22 3.38 11.76 -3.64
CA PHE A 22 3.18 10.31 -3.68
C PHE A 22 2.36 9.86 -4.91
N GLY A 23 3.03 9.76 -6.07
CA GLY A 23 2.43 9.32 -7.32
C GLY A 23 2.18 7.81 -7.35
N PHE A 24 1.15 7.41 -6.64
CA PHE A 24 0.41 6.16 -6.79
C PHE A 24 -1.06 6.54 -6.92
N ARG A 25 -1.94 5.57 -7.16
CA ARG A 25 -3.36 5.68 -6.83
C ARG A 25 -3.70 4.51 -5.92
N ILE A 26 -4.81 4.59 -5.20
CA ILE A 26 -5.37 3.55 -4.35
C ILE A 26 -6.77 3.31 -4.89
N LEU A 27 -7.10 2.05 -5.18
CA LEU A 27 -8.38 1.62 -5.71
C LEU A 27 -8.81 0.38 -4.92
N GLY A 28 -9.94 -0.23 -5.28
CA GLY A 28 -10.52 -1.28 -4.46
C GLY A 28 -10.97 -0.68 -3.12
N GLY A 29 -11.06 -1.50 -2.08
CA GLY A 29 -11.75 -1.18 -0.87
C GLY A 29 -13.20 -0.90 -1.24
N ASP A 30 -13.51 0.37 -1.22
CA ASP A 30 -14.83 1.00 -1.26
C ASP A 30 -15.63 0.62 -0.03
N GLU A 31 -15.75 -0.68 0.25
CA GLU A 31 -16.56 -1.24 1.32
C GLU A 31 -15.67 -1.61 2.53
N PRO A 32 -16.27 -1.76 3.71
CA PRO A 32 -15.56 -1.90 4.98
C PRO A 32 -14.85 -3.25 5.07
N GLY A 33 -13.56 -3.22 4.74
CA GLY A 33 -12.69 -4.38 4.79
C GLY A 33 -12.57 -5.09 3.45
N GLN A 34 -12.92 -4.44 2.33
CA GLN A 34 -12.54 -4.92 1.02
C GLN A 34 -11.01 -4.85 0.87
N PRO A 35 -10.43 -5.56 -0.12
CA PRO A 35 -9.01 -5.47 -0.42
C PRO A 35 -8.73 -4.14 -1.08
N ILE A 36 -7.69 -3.45 -0.62
CA ILE A 36 -7.30 -2.12 -1.07
C ILE A 36 -6.02 -2.32 -1.85
N LEU A 37 -6.17 -2.53 -3.15
CA LEU A 37 -5.07 -2.73 -4.09
C LEU A 37 -4.59 -1.38 -4.62
N ILE A 38 -3.28 -1.28 -4.85
CA ILE A 38 -2.62 -0.07 -5.32
C ILE A 38 -3.22 0.19 -6.69
N GLY A 39 -4.05 1.23 -6.76
CA GLY A 39 -4.81 1.68 -7.90
C GLY A 39 -3.93 1.86 -9.12
N ALA A 40 -2.77 2.46 -8.95
CA ALA A 40 -1.77 2.63 -9.99
C ALA A 40 -0.44 2.95 -9.36
N VAL A 41 0.61 2.73 -10.14
CA VAL A 41 1.93 3.29 -9.94
C VAL A 41 2.11 4.22 -11.13
N ILE A 42 2.21 5.52 -10.86
CA ILE A 42 2.32 6.51 -11.91
C ILE A 42 3.67 6.27 -12.58
N ALA A 43 3.63 6.01 -13.90
CA ALA A 43 4.78 5.50 -14.66
C ALA A 43 6.00 6.41 -14.63
N MET A 44 5.79 7.70 -14.33
CA MET A 44 6.81 8.73 -14.26
C MET A 44 6.69 9.45 -12.91
N GLY A 45 6.27 8.73 -11.86
CA GLY A 45 5.95 9.28 -10.56
C GLY A 45 6.94 8.82 -9.50
N SER A 46 6.76 9.35 -8.28
CA SER A 46 7.60 9.05 -7.13
C SER A 46 7.58 7.57 -6.75
N ALA A 47 6.51 6.83 -7.07
CA ALA A 47 6.45 5.41 -6.79
C ALA A 47 7.41 4.66 -7.71
N ASP A 48 7.29 4.88 -9.03
CA ASP A 48 8.14 4.27 -10.06
C ASP A 48 9.62 4.57 -9.80
N ARG A 49 9.97 5.84 -9.51
CA ARG A 49 11.37 6.23 -9.30
C ARG A 49 11.94 5.65 -8.00
N ASP A 50 11.10 5.41 -6.99
CA ASP A 50 11.51 4.75 -5.75
C ASP A 50 11.74 3.25 -6.00
N GLY A 51 10.89 2.63 -6.82
CA GLY A 51 11.08 1.27 -7.29
C GLY A 51 10.60 0.25 -6.27
N ARG A 52 9.51 0.53 -5.54
CA ARG A 52 8.98 -0.33 -4.49
C ARG A 52 7.53 -0.67 -4.76
N LEU A 53 6.64 0.32 -4.67
CA LEU A 53 5.23 0.12 -4.94
C LEU A 53 5.06 -0.47 -6.33
N HIS A 54 4.17 -1.45 -6.43
CA HIS A 54 3.78 -2.06 -7.69
C HIS A 54 2.27 -1.99 -7.87
N PRO A 55 1.79 -1.90 -9.13
CA PRO A 55 0.38 -1.87 -9.43
C PRO A 55 -0.31 -3.12 -8.87
N GLY A 56 -1.42 -2.92 -8.17
CA GLY A 56 -2.24 -3.99 -7.64
C GLY A 56 -1.67 -4.62 -6.37
N ASP A 57 -0.61 -4.06 -5.76
CA ASP A 57 -0.13 -4.53 -4.46
C ASP A 57 -1.20 -4.23 -3.42
N GLU A 58 -1.40 -5.10 -2.43
CA GLU A 58 -2.46 -4.96 -1.45
C GLU A 58 -1.93 -4.17 -0.27
N LEU A 59 -2.61 -3.08 0.11
CA LEU A 59 -2.22 -2.21 1.22
C LEU A 59 -2.68 -2.82 2.55
N VAL A 60 -1.98 -2.47 3.62
CA VAL A 60 -2.25 -2.91 4.99
C VAL A 60 -2.27 -1.69 5.89
N TYR A 61 -1.23 -0.87 5.83
CA TYR A 61 -1.03 0.26 6.72
C TYR A 61 -0.68 1.49 5.92
N VAL A 62 -1.10 2.62 6.46
CA VAL A 62 -1.09 3.90 5.83
C VAL A 62 -0.71 4.88 6.94
N ASP A 63 0.54 5.36 6.89
CA ASP A 63 1.16 6.22 7.88
C ASP A 63 1.12 5.65 9.31
N GLY A 64 0.98 4.33 9.41
CA GLY A 64 0.93 3.54 10.64
C GLY A 64 -0.49 3.12 11.02
N ILE A 65 -1.53 3.71 10.43
CA ILE A 65 -2.91 3.36 10.68
C ILE A 65 -3.29 2.23 9.71
N PRO A 66 -3.79 1.09 10.22
CA PRO A 66 -4.23 -0.03 9.41
C PRO A 66 -5.55 0.33 8.73
N VAL A 67 -5.60 0.09 7.42
CA VAL A 67 -6.79 0.30 6.59
C VAL A 67 -7.70 -0.92 6.59
N ALA A 68 -7.25 -2.05 7.16
CA ALA A 68 -8.03 -3.27 7.20
C ALA A 68 -9.34 -3.03 7.95
N GLY A 69 -10.45 -3.57 7.44
CA GLY A 69 -11.79 -3.34 7.97
C GLY A 69 -12.39 -1.97 7.61
N LYS A 70 -11.60 -1.02 7.11
CA LYS A 70 -12.03 0.32 6.69
C LYS A 70 -12.29 0.34 5.19
N THR A 71 -12.63 1.52 4.69
CA THR A 71 -13.15 1.78 3.35
C THR A 71 -12.11 2.53 2.50
N HIS A 72 -12.39 2.78 1.21
CA HIS A 72 -11.58 3.63 0.33
C HIS A 72 -11.41 5.00 1.01
N ARG A 73 -12.52 5.69 1.33
CA ARG A 73 -12.54 7.00 1.97
C ARG A 73 -11.58 7.07 3.14
N TYR A 74 -11.57 6.05 4.02
CA TYR A 74 -10.72 6.02 5.20
C TYR A 74 -9.26 6.33 4.84
N VAL A 75 -8.79 5.81 3.71
CA VAL A 75 -7.43 6.00 3.24
C VAL A 75 -7.26 7.37 2.59
N ILE A 76 -8.22 7.83 1.80
CA ILE A 76 -8.14 9.13 1.12
C ILE A 76 -7.99 10.24 2.15
N ASP A 77 -8.75 10.15 3.25
CA ASP A 77 -8.73 11.08 4.39
C ASP A 77 -7.42 10.99 5.18
N LEU A 78 -6.71 9.85 5.11
CA LEU A 78 -5.40 9.68 5.72
C LEU A 78 -4.31 10.28 4.84
N MET A 79 -4.34 10.03 3.53
CA MET A 79 -3.34 10.58 2.61
C MET A 79 -3.28 12.10 2.67
N HIS A 80 -4.43 12.74 2.88
CA HIS A 80 -4.54 14.18 3.13
C HIS A 80 -3.70 14.61 4.33
N HIS A 81 -3.74 13.84 5.44
CA HIS A 81 -2.90 14.09 6.61
C HIS A 81 -1.43 13.81 6.29
N ALA A 82 -1.10 12.71 5.61
CA ALA A 82 0.30 12.39 5.32
C ALA A 82 0.98 13.48 4.48
N ALA A 83 0.23 14.14 3.59
CA ALA A 83 0.75 15.30 2.88
C ALA A 83 1.20 16.40 3.86
N ARG A 84 0.49 16.61 4.97
CA ARG A 84 0.87 17.54 6.03
C ARG A 84 2.11 17.06 6.80
N ASN A 85 2.24 15.76 7.03
CA ASN A 85 3.44 15.20 7.68
C ASN A 85 4.67 15.31 6.79
N GLY A 86 4.50 15.63 5.50
CA GLY A 86 5.58 15.83 4.56
C GLY A 86 6.17 14.52 4.04
N GLN A 87 5.58 13.38 4.39
CA GLN A 87 6.07 12.06 4.06
C GLN A 87 4.97 11.06 4.38
N VAL A 88 5.14 9.82 3.94
CA VAL A 88 4.24 8.75 4.29
C VAL A 88 5.02 7.45 4.35
N ASN A 89 4.46 6.46 5.04
CA ASN A 89 4.86 5.07 4.95
C ASN A 89 3.63 4.26 4.53
N LEU A 90 3.84 3.23 3.73
CA LEU A 90 2.81 2.47 3.03
C LEU A 90 3.25 1.02 3.17
N THR A 91 2.67 0.28 4.12
CA THR A 91 2.94 -1.14 4.20
C THR A 91 1.99 -1.80 3.21
N VAL A 92 2.52 -2.39 2.15
CA VAL A 92 1.76 -3.29 1.29
C VAL A 92 2.09 -4.73 1.69
N ARG A 93 1.39 -5.73 1.17
CA ARG A 93 1.70 -7.13 1.41
C ARG A 93 1.26 -7.97 0.23
N ARG A 94 1.76 -9.20 0.15
CA ARG A 94 1.28 -10.23 -0.77
C ARG A 94 1.53 -11.59 -0.15
N LYS A 95 0.52 -12.47 -0.18
CA LYS A 95 0.69 -13.90 0.04
C LYS A 95 1.60 -14.48 -1.05
N VAL A 96 2.33 -15.53 -0.70
CA VAL A 96 3.39 -16.09 -1.55
C VAL A 96 3.00 -17.46 -2.06
N LEU A 97 3.38 -17.76 -3.31
CA LEU A 97 3.10 -19.04 -3.95
C LEU A 97 4.23 -19.37 -4.91
N SER A 98 4.30 -18.65 -6.04
CA SER A 98 5.43 -18.66 -6.98
C SER A 98 5.82 -20.09 -7.43
N GLY A 99 4.83 -20.90 -7.79
CA GLY A 99 5.01 -22.19 -8.43
C GLY A 99 4.60 -22.12 -9.90
N PRO A 100 4.73 -23.23 -10.66
CA PRO A 100 4.33 -23.31 -12.06
C PRO A 100 2.81 -23.30 -12.15
N SER A 101 2.22 -22.13 -12.46
CA SER A 101 0.82 -22.06 -12.83
C SER A 101 0.63 -22.79 -14.16
N SER A 102 -0.45 -23.56 -14.27
CA SER A 102 -0.90 -24.28 -15.45
C SER A 102 -2.43 -24.34 -15.42
N GLY A 103 -3.08 -24.71 -16.53
CA GLY A 103 -4.51 -24.89 -16.59
C GLY A 103 -5.06 -24.50 -17.95
N GLY A 1 6.91 -18.68 22.45
CA GLY A 1 6.21 -19.57 21.52
C GLY A 1 5.96 -18.84 20.22
N SER A 2 4.74 -18.32 20.04
CA SER A 2 4.24 -17.59 18.87
C SER A 2 3.78 -18.57 17.79
N SER A 3 2.58 -18.35 17.24
CA SER A 3 2.00 -19.19 16.21
C SER A 3 0.97 -18.40 15.39
N GLY A 4 0.37 -19.07 14.41
CA GLY A 4 -0.39 -18.49 13.31
C GLY A 4 0.02 -19.24 12.04
N SER A 5 -0.41 -18.78 10.86
CA SER A 5 -0.09 -19.49 9.64
C SER A 5 1.36 -19.28 9.20
N SER A 6 1.87 -18.05 9.22
CA SER A 6 2.95 -17.61 8.34
C SER A 6 2.62 -17.86 6.85
N GLY A 7 3.39 -17.29 5.92
CA GLY A 7 3.11 -17.36 4.49
C GLY A 7 3.29 -16.01 3.81
N TYR A 8 2.27 -15.15 3.85
CA TYR A 8 2.44 -13.81 3.28
C TYR A 8 3.44 -13.04 4.13
N LYS A 9 4.09 -12.08 3.48
CA LYS A 9 4.96 -11.10 4.10
C LYS A 9 4.39 -9.72 3.81
N GLU A 10 4.49 -8.83 4.77
CA GLU A 10 4.28 -7.41 4.60
C GLU A 10 5.62 -6.81 4.15
N LEU A 11 5.52 -5.84 3.24
CA LEU A 11 6.60 -5.03 2.72
C LEU A 11 6.55 -3.70 3.45
N ASP A 12 7.58 -2.88 3.28
CA ASP A 12 7.66 -1.51 3.74
C ASP A 12 8.07 -0.67 2.56
N VAL A 13 7.30 0.39 2.32
CA VAL A 13 7.64 1.44 1.35
C VAL A 13 7.56 2.78 2.09
N HIS A 14 8.51 3.68 1.87
CA HIS A 14 8.56 5.00 2.48
C HIS A 14 8.74 6.03 1.37
N LEU A 15 7.89 7.05 1.33
CA LEU A 15 7.92 8.11 0.31
C LEU A 15 7.89 9.48 1.01
N ARG A 16 8.42 10.52 0.36
CA ARG A 16 8.40 11.88 0.91
C ARG A 16 7.37 12.75 0.21
N ARG A 17 7.08 13.89 0.82
CA ARG A 17 6.22 14.92 0.28
C ARG A 17 6.97 16.23 0.27
N MET A 18 7.60 16.52 -0.87
CA MET A 18 8.29 17.77 -1.11
C MET A 18 8.08 18.11 -2.59
N GLU A 19 8.58 17.26 -3.47
CA GLU A 19 8.53 17.44 -4.92
C GLU A 19 7.09 17.38 -5.43
N SER A 20 6.47 16.19 -5.40
CA SER A 20 5.06 15.99 -5.77
C SER A 20 4.22 15.55 -4.58
N GLY A 21 4.84 14.82 -3.64
CA GLY A 21 4.07 14.08 -2.66
C GLY A 21 3.54 12.82 -3.31
N PHE A 22 4.39 11.79 -3.29
CA PHE A 22 4.01 10.43 -3.61
C PHE A 22 3.77 10.31 -5.12
N GLY A 23 2.93 9.39 -5.57
CA GLY A 23 2.70 9.15 -6.99
C GLY A 23 2.06 7.79 -7.16
N PHE A 24 0.94 7.54 -6.49
CA PHE A 24 0.20 6.28 -6.60
C PHE A 24 -1.29 6.58 -6.53
N ARG A 25 -2.12 5.56 -6.76
CA ARG A 25 -3.56 5.69 -6.78
C ARG A 25 -4.18 4.47 -6.13
N ILE A 26 -5.26 4.70 -5.39
CA ILE A 26 -5.91 3.80 -4.46
C ILE A 26 -7.31 3.61 -5.07
N LEU A 27 -7.80 2.36 -5.10
CA LEU A 27 -9.07 1.92 -5.68
C LEU A 27 -9.57 0.71 -4.88
N GLY A 28 -10.71 0.12 -5.23
CA GLY A 28 -11.27 -0.94 -4.41
C GLY A 28 -11.72 -0.35 -3.08
N GLY A 29 -11.61 -1.10 -1.97
CA GLY A 29 -12.07 -0.67 -0.66
C GLY A 29 -13.51 -0.20 -0.68
N ASP A 30 -14.33 -0.76 -1.57
CA ASP A 30 -15.62 -0.15 -1.92
C ASP A 30 -16.75 -0.65 -1.02
N GLU A 31 -16.47 -1.65 -0.19
CA GLU A 31 -17.27 -2.10 0.94
C GLU A 31 -16.32 -2.17 2.16
N PRO A 32 -16.86 -2.07 3.38
CA PRO A 32 -16.09 -2.06 4.62
C PRO A 32 -15.67 -3.48 4.93
N GLY A 33 -14.47 -3.81 4.44
CA GLY A 33 -13.89 -5.12 4.58
C GLY A 33 -13.06 -5.52 3.36
N GLN A 34 -13.16 -4.82 2.24
CA GLN A 34 -12.58 -5.25 0.99
C GLN A 34 -11.08 -4.98 0.92
N PRO A 35 -10.36 -5.69 0.04
CA PRO A 35 -8.93 -5.49 -0.14
C PRO A 35 -8.71 -4.16 -0.83
N ILE A 36 -7.59 -3.52 -0.48
CA ILE A 36 -7.21 -2.20 -0.95
C ILE A 36 -5.92 -2.42 -1.72
N LEU A 37 -6.06 -2.63 -3.03
CA LEU A 37 -4.98 -2.96 -3.96
C LEU A 37 -4.51 -1.69 -4.65
N ILE A 38 -3.19 -1.44 -4.68
CA ILE A 38 -2.60 -0.26 -5.29
C ILE A 38 -3.10 -0.23 -6.74
N GLY A 39 -3.96 0.72 -7.09
CA GLY A 39 -4.61 0.73 -8.38
C GLY A 39 -3.62 0.99 -9.50
N ALA A 40 -2.74 1.95 -9.27
CA ALA A 40 -1.83 2.49 -10.25
C ALA A 40 -0.68 3.13 -9.49
N VAL A 41 0.56 2.98 -9.94
CA VAL A 41 1.65 3.84 -9.59
C VAL A 41 1.97 4.73 -10.80
N ILE A 42 2.41 5.95 -10.53
CA ILE A 42 2.74 6.93 -11.54
C ILE A 42 4.18 6.64 -11.95
N ALA A 43 4.38 6.15 -13.18
CA ALA A 43 5.71 5.87 -13.74
C ALA A 43 6.64 7.08 -13.66
N MET A 44 6.04 8.25 -13.83
CA MET A 44 6.73 9.52 -13.91
C MET A 44 6.75 10.21 -12.53
N GLY A 45 6.56 9.46 -11.45
CA GLY A 45 6.26 9.99 -10.13
C GLY A 45 6.99 9.23 -9.04
N SER A 46 6.82 9.71 -7.81
CA SER A 46 7.74 9.39 -6.74
C SER A 46 7.67 7.92 -6.30
N ALA A 47 6.57 7.21 -6.58
CA ALA A 47 6.44 5.78 -6.30
C ALA A 47 7.36 4.99 -7.22
N ASP A 48 7.11 5.05 -8.52
CA ASP A 48 7.85 4.28 -9.54
C ASP A 48 9.34 4.58 -9.46
N ARG A 49 9.69 5.85 -9.30
CA ARG A 49 11.09 6.25 -9.20
C ARG A 49 11.72 5.82 -7.87
N ASP A 50 10.95 5.49 -6.83
CA ASP A 50 11.49 4.84 -5.63
C ASP A 50 11.60 3.33 -5.82
N GLY A 51 10.82 2.76 -6.75
CA GLY A 51 11.09 1.46 -7.35
C GLY A 51 10.52 0.28 -6.57
N ARG A 52 9.62 0.50 -5.60
CA ARG A 52 9.21 -0.55 -4.65
C ARG A 52 7.80 -1.07 -4.90
N LEU A 53 6.83 -0.20 -5.15
CA LEU A 53 5.42 -0.57 -5.28
C LEU A 53 5.18 -1.15 -6.67
N HIS A 54 4.14 -1.97 -6.82
CA HIS A 54 3.51 -2.17 -8.11
C HIS A 54 1.99 -2.17 -7.96
N PRO A 55 1.28 -1.79 -9.04
CA PRO A 55 -0.16 -1.74 -9.02
C PRO A 55 -0.75 -3.14 -8.96
N GLY A 56 -1.38 -3.46 -7.85
CA GLY A 56 -1.96 -4.74 -7.50
C GLY A 56 -1.50 -5.19 -6.11
N ASP A 57 -0.48 -4.52 -5.55
CA ASP A 57 0.02 -4.78 -4.21
C ASP A 57 -1.09 -4.44 -3.23
N GLU A 58 -1.42 -5.31 -2.27
CA GLU A 58 -2.48 -5.00 -1.31
C GLU A 58 -1.87 -4.15 -0.20
N LEU A 59 -2.41 -2.96 0.02
CA LEU A 59 -2.09 -2.09 1.14
C LEU A 59 -2.60 -2.70 2.43
N VAL A 60 -1.93 -2.34 3.52
CA VAL A 60 -2.27 -2.72 4.88
C VAL A 60 -2.29 -1.48 5.76
N TYR A 61 -1.29 -0.62 5.64
CA TYR A 61 -1.13 0.59 6.46
C TYR A 61 -0.78 1.76 5.56
N VAL A 62 -1.21 2.95 5.96
CA VAL A 62 -0.90 4.21 5.33
C VAL A 62 -0.59 5.21 6.44
N ASP A 63 0.61 5.78 6.37
CA ASP A 63 1.24 6.66 7.35
C ASP A 63 1.30 6.06 8.76
N GLY A 64 1.05 4.76 8.85
CA GLY A 64 1.07 3.94 10.05
C GLY A 64 -0.32 3.46 10.48
N ILE A 65 -1.42 3.96 9.91
CA ILE A 65 -2.75 3.61 10.33
C ILE A 65 -3.22 2.45 9.44
N PRO A 66 -3.74 1.36 10.03
CA PRO A 66 -4.16 0.19 9.29
C PRO A 66 -5.43 0.53 8.53
N VAL A 67 -5.34 0.59 7.21
CA VAL A 67 -6.48 0.74 6.33
C VAL A 67 -7.29 -0.56 6.26
N ALA A 68 -6.77 -1.66 6.83
CA ALA A 68 -7.34 -2.98 6.69
C ALA A 68 -8.77 -2.99 7.21
N GLY A 69 -9.74 -3.33 6.36
CA GLY A 69 -11.16 -3.41 6.67
C GLY A 69 -11.92 -2.10 6.54
N LYS A 70 -11.23 -0.97 6.36
CA LYS A 70 -11.84 0.33 6.10
C LYS A 70 -12.16 0.44 4.62
N THR A 71 -12.84 1.52 4.25
CA THR A 71 -13.20 1.79 2.87
C THR A 71 -12.13 2.68 2.23
N HIS A 72 -12.18 2.86 0.90
CA HIS A 72 -11.26 3.69 0.15
C HIS A 72 -11.12 5.10 0.75
N ARG A 73 -12.23 5.76 1.09
CA ARG A 73 -12.19 7.13 1.60
C ARG A 73 -11.36 7.25 2.88
N TYR A 74 -11.36 6.22 3.73
CA TYR A 74 -10.52 6.13 4.91
C TYR A 74 -9.08 6.50 4.54
N VAL A 75 -8.57 5.91 3.47
CA VAL A 75 -7.20 6.10 3.01
C VAL A 75 -7.02 7.50 2.40
N ILE A 76 -8.02 8.04 1.71
CA ILE A 76 -7.98 9.40 1.16
C ILE A 76 -7.86 10.42 2.30
N ASP A 77 -8.51 10.14 3.44
CA ASP A 77 -8.41 10.93 4.65
C ASP A 77 -7.00 10.84 5.22
N LEU A 78 -6.41 9.63 5.23
CA LEU A 78 -5.02 9.42 5.66
C LEU A 78 -4.04 10.17 4.79
N MET A 79 -4.20 10.06 3.47
CA MET A 79 -3.36 10.75 2.51
C MET A 79 -3.36 12.26 2.78
N HIS A 80 -4.42 12.81 3.37
CA HIS A 80 -4.48 14.21 3.74
C HIS A 80 -3.56 14.49 4.93
N HIS A 81 -3.58 13.64 5.96
CA HIS A 81 -2.70 13.72 7.11
C HIS A 81 -1.24 13.52 6.71
N ALA A 82 -0.95 12.51 5.89
CA ALA A 82 0.38 12.21 5.39
C ALA A 82 0.95 13.42 4.63
N ALA A 83 0.13 14.06 3.78
CA ALA A 83 0.50 15.28 3.08
C ALA A 83 0.82 16.45 4.02
N ARG A 84 0.27 16.45 5.25
CA ARG A 84 0.67 17.39 6.30
C ARG A 84 2.04 17.00 6.79
N ASN A 85 2.15 15.76 7.29
CA ASN A 85 3.29 15.29 8.05
C ASN A 85 4.55 15.45 7.21
N GLY A 86 4.46 15.17 5.92
CA GLY A 86 5.50 15.45 4.94
C GLY A 86 6.10 14.18 4.35
N GLN A 87 5.50 13.02 4.62
CA GLN A 87 5.90 11.71 4.13
C GLN A 87 4.65 10.85 4.01
N VAL A 88 4.80 9.64 3.49
CA VAL A 88 3.86 8.58 3.77
C VAL A 88 4.66 7.29 3.87
N ASN A 89 4.47 6.55 4.95
CA ASN A 89 4.84 5.15 5.01
C ASN A 89 3.68 4.36 4.43
N LEU A 90 3.95 3.32 3.63
CA LEU A 90 2.95 2.48 2.98
C LEU A 90 3.42 1.07 3.18
N THR A 91 2.71 0.29 3.98
CA THR A 91 2.99 -1.13 4.10
C THR A 91 2.03 -1.79 3.12
N VAL A 92 2.56 -2.45 2.10
CA VAL A 92 1.79 -3.38 1.27
C VAL A 92 2.11 -4.80 1.72
N ARG A 93 1.43 -5.82 1.20
CA ARG A 93 1.75 -7.23 1.46
C ARG A 93 1.35 -8.08 0.27
N ARG A 94 1.91 -9.29 0.16
CA ARG A 94 1.31 -10.32 -0.67
C ARG A 94 1.67 -11.73 -0.26
N LYS A 95 0.69 -12.60 -0.42
CA LYS A 95 0.72 -14.03 -0.17
C LYS A 95 1.68 -14.70 -1.12
N VAL A 96 2.28 -15.77 -0.62
CA VAL A 96 3.31 -16.56 -1.26
C VAL A 96 2.84 -18.00 -1.25
N LEU A 97 1.63 -18.21 -1.80
CA LEU A 97 0.99 -19.49 -2.04
C LEU A 97 0.67 -20.24 -0.74
N SER A 98 -0.17 -21.28 -0.84
CA SER A 98 -0.57 -22.19 0.21
C SER A 98 0.43 -23.36 0.29
N GLY A 99 0.15 -24.33 1.14
CA GLY A 99 0.81 -25.63 1.17
C GLY A 99 -0.25 -26.72 1.22
N PRO A 100 0.14 -28.00 1.21
CA PRO A 100 -0.75 -29.14 1.40
C PRO A 100 -1.16 -29.24 2.89
N SER A 101 -1.79 -28.21 3.44
CA SER A 101 -2.33 -28.17 4.79
C SER A 101 -3.50 -27.19 4.81
N SER A 102 -4.50 -27.48 5.63
CA SER A 102 -5.76 -26.75 5.67
C SER A 102 -6.33 -26.55 7.08
N GLY A 103 -5.73 -27.15 8.12
CA GLY A 103 -6.24 -27.12 9.48
C GLY A 103 -5.14 -26.82 10.47
N GLY A 1 5.84 -9.72 14.90
CA GLY A 1 5.65 -11.19 14.84
C GLY A 1 6.93 -11.88 14.44
N SER A 2 6.89 -13.20 14.29
CA SER A 2 8.00 -13.97 13.73
C SER A 2 7.51 -15.32 13.21
N SER A 3 7.57 -16.35 14.04
CA SER A 3 7.33 -17.74 13.72
C SER A 3 5.86 -18.09 13.96
N GLY A 4 5.38 -19.13 13.28
CA GLY A 4 3.98 -19.51 13.24
C GLY A 4 3.29 -18.75 12.11
N SER A 5 2.63 -19.46 11.21
CA SER A 5 1.94 -18.88 10.05
C SER A 5 2.84 -18.00 9.17
N SER A 6 4.15 -18.25 9.13
CA SER A 6 5.06 -17.67 8.16
C SER A 6 4.50 -17.93 6.76
N GLY A 7 4.38 -16.90 5.92
CA GLY A 7 3.71 -17.01 4.64
C GLY A 7 3.80 -15.71 3.88
N TYR A 8 2.74 -14.90 3.90
CA TYR A 8 2.77 -13.62 3.21
C TYR A 8 3.84 -12.74 3.82
N LYS A 9 4.44 -11.91 2.97
CA LYS A 9 5.42 -10.93 3.38
C LYS A 9 4.72 -9.58 3.30
N GLU A 10 4.83 -8.80 4.36
CA GLU A 10 4.64 -7.38 4.29
C GLU A 10 5.98 -6.76 3.84
N LEU A 11 5.91 -5.54 3.31
CA LEU A 11 7.03 -4.69 2.92
C LEU A 11 6.57 -3.28 3.25
N ASP A 12 7.33 -2.57 4.09
CA ASP A 12 7.14 -1.14 4.31
C ASP A 12 7.82 -0.38 3.18
N VAL A 13 7.13 0.63 2.65
CA VAL A 13 7.66 1.51 1.62
C VAL A 13 7.48 2.94 2.15
N HIS A 14 8.58 3.58 2.55
CA HIS A 14 8.56 4.94 3.09
C HIS A 14 8.85 5.90 1.95
N LEU A 15 7.99 6.92 1.76
CA LEU A 15 8.14 7.92 0.71
C LEU A 15 8.21 9.31 1.34
N ARG A 16 9.28 10.06 1.05
CA ARG A 16 9.31 11.49 1.35
C ARG A 16 8.38 12.23 0.39
N ARG A 17 7.70 13.29 0.84
CA ARG A 17 6.85 14.12 -0.01
C ARG A 17 7.65 15.38 -0.31
N MET A 18 8.19 15.52 -1.52
CA MET A 18 8.80 16.79 -1.92
C MET A 18 8.50 17.01 -3.39
N GLU A 19 8.83 16.04 -4.24
CA GLU A 19 8.61 16.09 -5.67
C GLU A 19 7.11 15.86 -6.00
N SER A 20 6.71 14.70 -6.51
CA SER A 20 5.31 14.48 -6.89
C SER A 20 4.39 14.39 -5.66
N GLY A 21 4.95 14.08 -4.48
CA GLY A 21 4.16 13.82 -3.29
C GLY A 21 3.33 12.56 -3.49
N PHE A 22 4.03 11.43 -3.58
CA PHE A 22 3.52 10.07 -3.66
C PHE A 22 2.81 9.80 -4.99
N GLY A 23 3.51 9.15 -5.92
CA GLY A 23 3.05 8.89 -7.27
C GLY A 23 2.22 7.61 -7.37
N PHE A 24 1.17 7.43 -6.56
CA PHE A 24 0.30 6.26 -6.63
C PHE A 24 -1.16 6.70 -6.56
N ARG A 25 -2.05 5.75 -6.82
CA ARG A 25 -3.50 5.86 -6.79
C ARG A 25 -4.10 4.64 -6.12
N ILE A 26 -5.26 4.76 -5.48
CA ILE A 26 -5.94 3.69 -4.77
C ILE A 26 -7.34 3.54 -5.36
N LEU A 27 -7.90 2.34 -5.29
CA LEU A 27 -9.23 1.99 -5.79
C LEU A 27 -9.86 0.87 -4.96
N GLY A 28 -11.06 0.44 -5.32
CA GLY A 28 -11.80 -0.53 -4.54
C GLY A 28 -12.19 0.08 -3.20
N GLY A 29 -12.15 -0.73 -2.12
CA GLY A 29 -12.42 -0.28 -0.76
C GLY A 29 -13.85 0.23 -0.59
N ASP A 30 -14.72 -0.18 -1.51
CA ASP A 30 -16.10 0.28 -1.61
C ASP A 30 -16.87 -0.13 -0.36
N GLU A 31 -16.71 -1.39 0.05
CA GLU A 31 -17.32 -1.93 1.26
C GLU A 31 -16.20 -2.14 2.30
N PRO A 32 -16.51 -2.14 3.60
CA PRO A 32 -15.57 -2.30 4.69
C PRO A 32 -15.28 -3.78 4.90
N GLY A 33 -14.22 -4.26 4.26
CA GLY A 33 -13.81 -5.64 4.24
C GLY A 33 -13.41 -6.11 2.84
N GLN A 34 -13.40 -5.23 1.85
CA GLN A 34 -12.87 -5.50 0.51
C GLN A 34 -11.32 -5.40 0.55
N PRO A 35 -10.64 -5.85 -0.51
CA PRO A 35 -9.21 -5.67 -0.68
C PRO A 35 -8.92 -4.27 -1.20
N ILE A 36 -7.97 -3.60 -0.55
CA ILE A 36 -7.46 -2.31 -0.98
C ILE A 36 -6.10 -2.59 -1.60
N LEU A 37 -6.03 -2.52 -2.93
CA LEU A 37 -4.82 -2.69 -3.74
C LEU A 37 -4.24 -1.37 -4.21
N ILE A 38 -2.96 -1.37 -4.64
CA ILE A 38 -2.43 -0.26 -5.43
C ILE A 38 -3.18 -0.27 -6.77
N GLY A 39 -3.84 0.83 -7.08
CA GLY A 39 -4.68 0.95 -8.26
C GLY A 39 -3.87 0.90 -9.55
N ALA A 40 -2.97 1.86 -9.71
CA ALA A 40 -2.22 2.17 -10.91
C ALA A 40 -1.13 3.16 -10.52
N VAL A 41 0.13 2.77 -10.61
CA VAL A 41 1.27 3.61 -10.26
C VAL A 41 1.42 4.72 -11.30
N ILE A 42 1.90 5.89 -10.90
CA ILE A 42 2.19 7.00 -11.79
C ILE A 42 3.57 6.75 -12.38
N ALA A 43 3.60 6.56 -13.71
CA ALA A 43 4.70 6.02 -14.48
C ALA A 43 6.04 6.72 -14.28
N MET A 44 6.03 8.01 -13.97
CA MET A 44 7.22 8.84 -13.85
C MET A 44 7.17 9.73 -12.61
N GLY A 45 6.21 9.49 -11.72
CA GLY A 45 6.12 10.20 -10.45
C GLY A 45 7.18 9.66 -9.48
N SER A 46 7.31 10.32 -8.33
CA SER A 46 8.25 9.92 -7.29
C SER A 46 8.06 8.49 -6.74
N ALA A 47 6.96 7.80 -7.05
CA ALA A 47 6.79 6.41 -6.65
C ALA A 47 7.51 5.48 -7.63
N ASP A 48 7.27 5.58 -8.94
CA ASP A 48 7.99 4.76 -9.93
C ASP A 48 9.50 4.95 -9.78
N ARG A 49 9.94 6.20 -9.60
CA ARG A 49 11.34 6.54 -9.35
C ARG A 49 11.92 5.81 -8.13
N ASP A 50 11.11 5.46 -7.14
CA ASP A 50 11.55 4.84 -5.90
C ASP A 50 11.56 3.31 -5.99
N GLY A 51 10.87 2.73 -6.98
CA GLY A 51 11.03 1.34 -7.39
C GLY A 51 10.66 0.28 -6.34
N ARG A 52 9.81 0.58 -5.36
CA ARG A 52 9.43 -0.36 -4.30
C ARG A 52 7.92 -0.61 -4.20
N LEU A 53 7.08 0.19 -4.83
CA LEU A 53 5.67 -0.12 -5.05
C LEU A 53 5.54 -0.92 -6.34
N HIS A 54 4.36 -1.49 -6.59
CA HIS A 54 3.89 -1.91 -7.90
C HIS A 54 2.36 -2.01 -7.85
N PRO A 55 1.67 -1.80 -8.98
CA PRO A 55 0.22 -1.96 -9.06
C PRO A 55 -0.14 -3.44 -8.85
N GLY A 56 -0.99 -3.73 -7.87
CA GLY A 56 -1.39 -5.09 -7.52
C GLY A 56 -0.77 -5.59 -6.22
N ASP A 57 -0.07 -4.73 -5.47
CA ASP A 57 0.05 -4.89 -4.01
C ASP A 57 -1.31 -4.74 -3.37
N GLU A 58 -1.48 -5.37 -2.21
CA GLU A 58 -2.56 -5.18 -1.28
C GLU A 58 -2.02 -4.37 -0.09
N LEU A 59 -2.58 -3.17 0.07
CA LEU A 59 -2.17 -2.12 1.00
C LEU A 59 -2.67 -2.48 2.39
N VAL A 60 -1.84 -2.29 3.41
CA VAL A 60 -2.12 -2.70 4.78
C VAL A 60 -2.26 -1.49 5.68
N TYR A 61 -1.25 -0.60 5.67
CA TYR A 61 -1.18 0.51 6.61
C TYR A 61 -0.82 1.78 5.87
N VAL A 62 -1.39 2.89 6.34
CA VAL A 62 -1.17 4.22 5.82
C VAL A 62 -1.05 5.16 7.02
N ASP A 63 0.05 5.93 7.11
CA ASP A 63 0.49 6.76 8.25
C ASP A 63 0.50 5.96 9.57
N GLY A 64 0.57 4.62 9.46
CA GLY A 64 0.58 3.67 10.56
C GLY A 64 -0.80 3.11 10.90
N ILE A 65 -1.88 3.67 10.37
CA ILE A 65 -3.25 3.24 10.62
C ILE A 65 -3.59 2.15 9.60
N PRO A 66 -4.19 1.02 10.05
CA PRO A 66 -4.55 -0.07 9.18
C PRO A 66 -5.74 0.36 8.34
N VAL A 67 -5.67 0.09 7.05
CA VAL A 67 -6.74 0.41 6.12
C VAL A 67 -7.61 -0.81 5.83
N ALA A 68 -7.21 -2.00 6.31
CA ALA A 68 -7.97 -3.21 6.02
C ALA A 68 -9.29 -3.13 6.79
N GLY A 69 -10.41 -3.44 6.13
CA GLY A 69 -11.72 -3.31 6.73
C GLY A 69 -12.23 -1.87 6.78
N LYS A 70 -11.41 -0.86 6.47
CA LYS A 70 -11.86 0.52 6.28
C LYS A 70 -12.31 0.69 4.83
N THR A 71 -12.90 1.82 4.52
CA THR A 71 -13.35 2.15 3.16
C THR A 71 -12.24 2.90 2.40
N HIS A 72 -12.44 3.13 1.10
CA HIS A 72 -11.59 3.98 0.27
C HIS A 72 -11.36 5.32 0.97
N ARG A 73 -12.45 6.00 1.29
CA ARG A 73 -12.47 7.32 1.93
C ARG A 73 -11.59 7.40 3.17
N TYR A 74 -11.62 6.36 4.00
CA TYR A 74 -10.80 6.28 5.21
C TYR A 74 -9.33 6.56 4.87
N VAL A 75 -8.83 5.93 3.82
CA VAL A 75 -7.45 6.07 3.38
C VAL A 75 -7.25 7.43 2.71
N ILE A 76 -8.25 7.97 2.00
CA ILE A 76 -8.16 9.31 1.43
C ILE A 76 -8.02 10.35 2.56
N ASP A 77 -8.66 10.14 3.71
CA ASP A 77 -8.48 10.95 4.93
C ASP A 77 -7.03 10.83 5.42
N LEU A 78 -6.46 9.61 5.44
CA LEU A 78 -5.08 9.37 5.83
C LEU A 78 -4.09 10.07 4.90
N MET A 79 -4.19 9.83 3.59
CA MET A 79 -3.27 10.37 2.60
C MET A 79 -3.26 11.89 2.65
N HIS A 80 -4.42 12.50 2.92
CA HIS A 80 -4.50 13.93 3.14
C HIS A 80 -3.63 14.37 4.33
N HIS A 81 -3.67 13.65 5.45
CA HIS A 81 -2.80 13.89 6.60
C HIS A 81 -1.33 13.66 6.26
N ALA A 82 -0.97 12.52 5.67
CA ALA A 82 0.42 12.22 5.33
C ALA A 82 1.01 13.25 4.37
N ALA A 83 0.20 13.81 3.47
CA ALA A 83 0.63 14.91 2.62
C ALA A 83 1.02 16.14 3.46
N ARG A 84 0.33 16.42 4.57
CA ARG A 84 0.72 17.48 5.51
C ARG A 84 1.96 17.10 6.30
N ASN A 85 2.06 15.85 6.78
CA ASN A 85 3.23 15.32 7.49
C ASN A 85 4.48 15.49 6.65
N GLY A 86 4.34 15.39 5.32
CA GLY A 86 5.39 15.66 4.36
C GLY A 86 6.22 14.41 4.05
N GLN A 87 5.77 13.24 4.49
CA GLN A 87 6.26 11.93 4.13
C GLN A 87 5.21 10.92 4.56
N VAL A 88 5.35 9.67 4.13
CA VAL A 88 4.32 8.65 4.30
C VAL A 88 5.01 7.28 4.40
N ASN A 89 4.32 6.28 4.95
CA ASN A 89 4.88 4.99 5.31
C ASN A 89 3.90 3.89 4.93
N LEU A 90 3.99 3.39 3.70
CA LEU A 90 2.95 2.61 3.05
C LEU A 90 3.35 1.14 3.15
N THR A 91 2.80 0.42 4.13
CA THR A 91 3.06 -1.01 4.28
C THR A 91 2.11 -1.77 3.36
N VAL A 92 2.67 -2.64 2.53
CA VAL A 92 1.97 -3.41 1.50
C VAL A 92 2.29 -4.87 1.73
N ARG A 93 1.47 -5.77 1.23
CA ARG A 93 1.74 -7.20 1.37
C ARG A 93 1.16 -7.98 0.23
N ARG A 94 1.68 -9.19 0.07
CA ARG A 94 1.12 -10.22 -0.80
C ARG A 94 1.58 -11.57 -0.26
N LYS A 95 0.76 -12.62 -0.39
CA LYS A 95 1.16 -14.01 -0.19
C LYS A 95 2.43 -14.30 -0.94
N VAL A 96 3.24 -15.16 -0.35
CA VAL A 96 4.48 -15.62 -0.98
C VAL A 96 4.24 -17.02 -1.49
N LEU A 97 4.77 -17.30 -2.67
CA LEU A 97 4.67 -18.55 -3.37
C LEU A 97 6.05 -18.83 -3.94
N SER A 98 6.39 -20.10 -4.10
CA SER A 98 7.64 -20.55 -4.69
C SER A 98 7.52 -22.05 -4.99
N GLY A 99 6.77 -22.42 -6.02
CA GLY A 99 6.60 -23.81 -6.41
C GLY A 99 5.24 -24.04 -7.07
N PRO A 100 5.18 -24.06 -8.42
CA PRO A 100 4.02 -24.57 -9.13
C PRO A 100 3.97 -26.09 -8.93
N SER A 101 2.79 -26.61 -8.66
CA SER A 101 2.46 -27.97 -8.24
C SER A 101 0.99 -27.91 -7.82
N SER A 102 0.73 -27.57 -6.55
CA SER A 102 -0.52 -27.01 -6.06
C SER A 102 -0.14 -26.01 -4.96
N GLY A 103 -1.12 -25.41 -4.28
CA GLY A 103 -0.89 -24.28 -3.39
C GLY A 103 -0.93 -24.71 -1.93
N GLY A 1 2.20 -20.59 19.43
CA GLY A 1 1.53 -19.27 19.37
C GLY A 1 0.45 -19.26 18.32
N SER A 2 -0.83 -19.39 18.71
CA SER A 2 -1.93 -19.33 17.74
C SER A 2 -2.03 -17.90 17.20
N SER A 3 -1.70 -17.70 15.93
CA SER A 3 -1.96 -16.48 15.18
C SER A 3 -1.95 -16.83 13.70
N GLY A 4 -2.49 -15.92 12.88
CA GLY A 4 -2.83 -16.03 11.46
C GLY A 4 -2.02 -17.06 10.68
N SER A 5 -0.91 -16.64 10.07
CA SER A 5 -0.05 -17.48 9.27
C SER A 5 1.31 -16.79 9.17
N SER A 6 2.29 -17.46 8.58
CA SER A 6 3.57 -16.91 8.21
C SER A 6 3.83 -17.41 6.79
N GLY A 7 3.29 -16.70 5.81
CA GLY A 7 3.22 -17.16 4.42
C GLY A 7 2.96 -16.06 3.40
N TYR A 8 2.73 -14.83 3.84
CA TYR A 8 2.92 -13.66 3.01
C TYR A 8 4.23 -13.01 3.42
N LYS A 9 4.50 -11.86 2.84
CA LYS A 9 5.44 -10.93 3.39
C LYS A 9 4.76 -9.57 3.28
N GLU A 10 4.90 -8.79 4.34
CA GLU A 10 4.62 -7.37 4.29
C GLU A 10 5.91 -6.74 3.76
N LEU A 11 5.76 -5.60 3.11
CA LEU A 11 6.85 -4.71 2.73
C LEU A 11 6.56 -3.37 3.39
N ASP A 12 7.54 -2.50 3.48
CA ASP A 12 7.46 -1.17 4.03
C ASP A 12 7.97 -0.20 2.98
N VAL A 13 7.13 0.76 2.57
CA VAL A 13 7.54 1.80 1.64
C VAL A 13 7.31 3.14 2.32
N HIS A 14 8.39 3.82 2.69
CA HIS A 14 8.39 5.25 2.98
C HIS A 14 8.40 6.01 1.65
N LEU A 15 7.70 7.16 1.61
CA LEU A 15 7.82 8.15 0.54
C LEU A 15 7.78 9.54 1.16
N ARG A 16 8.76 10.37 0.83
CA ARG A 16 8.76 11.78 1.19
C ARG A 16 7.75 12.58 0.37
N ARG A 17 7.36 13.75 0.87
CA ARG A 17 6.63 14.77 0.12
C ARG A 17 7.17 16.13 0.55
N MET A 18 8.20 16.62 -0.14
CA MET A 18 8.69 17.98 0.01
C MET A 18 9.38 18.40 -1.30
N GLU A 19 10.17 17.52 -1.94
CA GLU A 19 10.20 17.48 -3.41
C GLU A 19 8.87 16.85 -3.90
N SER A 20 8.77 16.39 -5.15
CA SER A 20 7.55 16.37 -5.96
C SER A 20 6.38 15.48 -5.48
N GLY A 21 6.44 14.90 -4.29
CA GLY A 21 5.33 14.25 -3.63
C GLY A 21 5.14 12.81 -4.10
N PHE A 22 4.21 12.12 -3.44
CA PHE A 22 3.86 10.74 -3.76
C PHE A 22 3.23 10.71 -5.15
N GLY A 23 3.21 9.54 -5.78
CA GLY A 23 2.68 9.35 -7.11
C GLY A 23 2.14 7.92 -7.23
N PHE A 24 1.02 7.63 -6.58
CA PHE A 24 0.29 6.39 -6.73
C PHE A 24 -1.20 6.69 -6.66
N ARG A 25 -2.02 5.69 -6.94
CA ARG A 25 -3.47 5.73 -6.77
C ARG A 25 -3.88 4.45 -6.05
N ILE A 26 -5.04 4.46 -5.42
CA ILE A 26 -5.51 3.42 -4.51
C ILE A 26 -6.97 3.14 -4.88
N LEU A 27 -7.22 1.88 -5.24
CA LEU A 27 -8.42 1.35 -5.85
C LEU A 27 -9.08 0.41 -4.85
N GLY A 28 -10.19 -0.23 -5.23
CA GLY A 28 -10.92 -1.11 -4.35
C GLY A 28 -11.46 -0.33 -3.15
N GLY A 29 -11.48 -0.96 -1.98
CA GLY A 29 -11.99 -0.38 -0.73
C GLY A 29 -13.45 0.05 -0.84
N ASP A 30 -14.20 -0.49 -1.81
CA ASP A 30 -15.52 -0.01 -2.18
C ASP A 30 -16.51 -0.15 -1.03
N GLU A 31 -16.25 -1.12 -0.13
CA GLU A 31 -16.99 -1.37 1.08
C GLU A 31 -16.01 -1.73 2.20
N PRO A 32 -16.43 -1.61 3.48
CA PRO A 32 -15.63 -2.05 4.61
C PRO A 32 -15.33 -3.54 4.47
N GLY A 33 -14.06 -3.86 4.26
CA GLY A 33 -13.57 -5.23 4.16
C GLY A 33 -13.19 -5.70 2.76
N GLN A 34 -13.44 -4.90 1.71
CA GLN A 34 -12.86 -5.18 0.41
C GLN A 34 -11.33 -4.93 0.51
N PRO A 35 -10.53 -5.57 -0.36
CA PRO A 35 -9.12 -5.26 -0.52
C PRO A 35 -8.94 -3.80 -0.95
N ILE A 36 -7.80 -3.23 -0.60
CA ILE A 36 -7.29 -1.99 -1.15
C ILE A 36 -5.99 -2.34 -1.83
N LEU A 37 -6.08 -2.60 -3.12
CA LEU A 37 -4.88 -2.72 -3.95
C LEU A 37 -4.41 -1.32 -4.33
N ILE A 38 -3.12 -1.19 -4.58
CA ILE A 38 -2.60 -0.09 -5.35
C ILE A 38 -3.31 -0.18 -6.71
N GLY A 39 -3.72 0.96 -7.28
CA GLY A 39 -4.39 0.99 -8.58
C GLY A 39 -3.41 1.23 -9.71
N ALA A 40 -2.68 2.33 -9.59
CA ALA A 40 -1.76 2.86 -10.57
C ALA A 40 -0.57 3.38 -9.78
N VAL A 41 0.63 3.28 -10.33
CA VAL A 41 1.81 3.94 -9.81
C VAL A 41 2.25 4.90 -10.91
N ILE A 42 2.36 6.17 -10.57
CA ILE A 42 2.59 7.24 -11.52
C ILE A 42 4.04 7.16 -11.97
N ALA A 43 4.23 6.78 -13.23
CA ALA A 43 5.53 6.61 -13.85
C ALA A 43 6.35 7.90 -13.71
N MET A 44 7.68 7.75 -13.63
CA MET A 44 8.68 8.83 -13.61
C MET A 44 8.63 9.73 -12.36
N GLY A 45 7.64 9.58 -11.48
CA GLY A 45 7.48 10.32 -10.22
C GLY A 45 8.41 9.76 -9.14
N SER A 46 8.03 9.89 -7.86
CA SER A 46 8.73 9.15 -6.80
C SER A 46 8.52 7.64 -6.95
N ALA A 47 7.27 7.19 -6.81
CA ALA A 47 6.97 5.81 -6.46
C ALA A 47 7.48 4.81 -7.49
N ASP A 48 7.25 5.10 -8.77
CA ASP A 48 7.72 4.30 -9.90
C ASP A 48 9.26 4.19 -9.90
N ARG A 49 9.96 5.32 -9.70
CA ARG A 49 11.40 5.39 -9.58
C ARG A 49 11.93 4.64 -8.37
N ASP A 50 11.23 4.70 -7.24
CA ASP A 50 11.50 3.93 -6.04
C ASP A 50 11.35 2.42 -6.32
N GLY A 51 10.37 2.05 -7.17
CA GLY A 51 10.19 0.72 -7.72
C GLY A 51 9.82 -0.32 -6.69
N ARG A 52 9.40 0.11 -5.50
CA ARG A 52 9.03 -0.74 -4.39
C ARG A 52 7.52 -0.90 -4.35
N LEU A 53 6.77 0.12 -4.75
CA LEU A 53 5.34 -0.01 -5.08
C LEU A 53 5.21 -0.60 -6.48
N HIS A 54 4.17 -1.40 -6.69
CA HIS A 54 3.66 -1.80 -8.00
C HIS A 54 2.14 -1.80 -7.97
N PRO A 55 1.47 -1.46 -9.09
CA PRO A 55 0.02 -1.45 -9.17
C PRO A 55 -0.53 -2.88 -9.11
N GLY A 56 -1.23 -3.20 -8.02
CA GLY A 56 -1.83 -4.50 -7.74
C GLY A 56 -1.46 -5.03 -6.36
N ASP A 57 -0.43 -4.45 -5.71
CA ASP A 57 0.01 -4.85 -4.38
C ASP A 57 -1.09 -4.49 -3.38
N GLU A 58 -1.38 -5.31 -2.37
CA GLU A 58 -2.48 -5.09 -1.43
C GLU A 58 -1.96 -4.25 -0.27
N LEU A 59 -2.55 -3.09 0.01
CA LEU A 59 -2.21 -2.24 1.14
C LEU A 59 -2.71 -2.86 2.44
N VAL A 60 -2.05 -2.44 3.53
CA VAL A 60 -2.32 -2.86 4.90
C VAL A 60 -2.33 -1.62 5.78
N TYR A 61 -1.28 -0.79 5.75
CA TYR A 61 -1.14 0.41 6.58
C TYR A 61 -0.79 1.60 5.70
N VAL A 62 -1.25 2.78 6.10
CA VAL A 62 -1.04 4.05 5.42
C VAL A 62 -0.83 5.11 6.50
N ASP A 63 0.27 5.86 6.42
CA ASP A 63 0.71 6.88 7.39
C ASP A 63 1.02 6.30 8.77
N GLY A 64 0.78 4.99 8.94
CA GLY A 64 0.93 4.19 10.14
C GLY A 64 -0.36 3.44 10.49
N ILE A 65 -1.51 3.84 9.93
CA ILE A 65 -2.83 3.41 10.37
C ILE A 65 -3.31 2.29 9.44
N PRO A 66 -3.87 1.20 9.99
CA PRO A 66 -4.31 0.06 9.22
C PRO A 66 -5.59 0.41 8.47
N VAL A 67 -5.51 0.33 7.14
CA VAL A 67 -6.66 0.50 6.26
C VAL A 67 -7.49 -0.80 6.19
N ALA A 68 -6.98 -1.88 6.77
CA ALA A 68 -7.59 -3.20 6.71
C ALA A 68 -8.96 -3.19 7.38
N GLY A 69 -9.99 -3.50 6.61
CA GLY A 69 -11.39 -3.51 7.04
C GLY A 69 -12.07 -2.16 6.96
N LYS A 70 -11.34 -1.07 6.70
CA LYS A 70 -11.89 0.26 6.45
C LYS A 70 -12.42 0.32 5.02
N THR A 71 -12.82 1.50 4.59
CA THR A 71 -13.21 1.79 3.22
C THR A 71 -12.04 2.49 2.50
N HIS A 72 -12.16 2.68 1.19
CA HIS A 72 -11.29 3.52 0.38
C HIS A 72 -11.16 4.90 1.01
N ARG A 73 -12.28 5.57 1.30
CA ARG A 73 -12.26 6.96 1.74
C ARG A 73 -11.56 7.14 3.09
N TYR A 74 -11.50 6.10 3.91
CA TYR A 74 -10.67 6.08 5.12
C TYR A 74 -9.23 6.48 4.79
N VAL A 75 -8.67 5.85 3.75
CA VAL A 75 -7.30 6.04 3.31
C VAL A 75 -7.15 7.41 2.66
N ILE A 76 -8.15 7.88 1.92
CA ILE A 76 -8.09 9.19 1.27
C ILE A 76 -8.01 10.31 2.31
N ASP A 77 -8.57 10.08 3.51
CA ASP A 77 -8.40 10.93 4.70
C ASP A 77 -6.97 10.85 5.22
N LEU A 78 -6.39 9.64 5.31
CA LEU A 78 -5.01 9.44 5.76
C LEU A 78 -4.04 10.19 4.86
N MET A 79 -4.17 10.02 3.55
CA MET A 79 -3.32 10.69 2.58
C MET A 79 -3.38 12.22 2.70
N HIS A 80 -4.42 12.79 3.33
CA HIS A 80 -4.45 14.21 3.63
C HIS A 80 -3.55 14.54 4.81
N HIS A 81 -3.64 13.80 5.92
CA HIS A 81 -2.76 13.98 7.07
C HIS A 81 -1.29 13.80 6.67
N ALA A 82 -0.99 12.74 5.93
CA ALA A 82 0.34 12.44 5.46
C ALA A 82 0.93 13.60 4.63
N ALA A 83 0.11 14.26 3.81
CA ALA A 83 0.55 15.44 3.07
C ALA A 83 0.84 16.67 3.96
N ARG A 84 0.42 16.70 5.23
CA ARG A 84 0.89 17.68 6.21
C ARG A 84 2.22 17.22 6.78
N ASN A 85 2.33 15.93 7.11
CA ASN A 85 3.53 15.31 7.66
C ASN A 85 4.71 15.37 6.69
N GLY A 86 4.44 15.61 5.41
CA GLY A 86 5.44 15.73 4.36
C GLY A 86 6.17 14.43 4.11
N GLN A 87 5.55 13.31 4.49
CA GLN A 87 5.94 11.96 4.13
C GLN A 87 4.71 11.09 4.28
N VAL A 88 4.76 9.86 3.79
CA VAL A 88 3.81 8.82 4.14
C VAL A 88 4.62 7.55 4.31
N ASN A 89 3.99 6.57 4.95
CA ASN A 89 4.45 5.19 4.98
C ASN A 89 3.32 4.37 4.42
N LEU A 90 3.62 3.36 3.62
CA LEU A 90 2.66 2.52 2.92
C LEU A 90 3.17 1.12 3.08
N THR A 91 2.52 0.32 3.92
CA THR A 91 2.87 -1.07 4.08
C THR A 91 1.90 -1.85 3.19
N VAL A 92 2.39 -2.48 2.13
CA VAL A 92 1.64 -3.44 1.32
C VAL A 92 2.05 -4.86 1.76
N ARG A 93 1.28 -5.88 1.39
CA ARG A 93 1.63 -7.28 1.65
C ARG A 93 1.06 -8.19 0.59
N ARG A 94 1.73 -9.32 0.35
CA ARG A 94 1.31 -10.28 -0.67
C ARG A 94 1.77 -11.66 -0.23
N LYS A 95 0.92 -12.68 -0.36
CA LYS A 95 1.34 -14.08 -0.25
C LYS A 95 2.55 -14.31 -1.11
N VAL A 96 3.52 -14.99 -0.52
CA VAL A 96 4.70 -15.47 -1.22
C VAL A 96 4.31 -16.81 -1.83
N LEU A 97 5.12 -17.26 -2.80
CA LEU A 97 5.04 -18.59 -3.36
C LEU A 97 6.29 -18.88 -4.17
N SER A 98 6.74 -17.88 -4.95
CA SER A 98 7.82 -17.96 -5.93
C SER A 98 7.73 -19.28 -6.72
N GLY A 99 6.52 -19.57 -7.21
CA GLY A 99 6.13 -20.78 -7.91
C GLY A 99 5.66 -20.44 -9.32
N PRO A 100 4.98 -21.36 -10.03
CA PRO A 100 4.48 -21.09 -11.36
C PRO A 100 3.44 -19.96 -11.34
N SER A 101 3.21 -19.35 -12.50
CA SER A 101 2.50 -18.08 -12.65
C SER A 101 1.76 -18.04 -14.00
N SER A 102 1.10 -16.93 -14.31
CA SER A 102 0.44 -16.73 -15.59
C SER A 102 0.50 -15.26 -16.01
N GLY A 103 0.31 -14.97 -17.29
CA GLY A 103 0.55 -13.66 -17.86
C GLY A 103 0.42 -13.81 -19.35
N GLY A 1 8.24 -7.52 13.91
CA GLY A 1 7.61 -8.83 14.17
C GLY A 1 6.22 -8.60 14.71
N SER A 2 5.19 -8.85 13.91
CA SER A 2 3.79 -8.81 14.29
C SER A 2 3.20 -10.10 13.77
N SER A 3 2.88 -11.03 14.68
CA SER A 3 2.34 -12.35 14.37
C SER A 3 3.33 -13.22 13.57
N GLY A 4 3.00 -14.50 13.38
CA GLY A 4 3.82 -15.41 12.61
C GLY A 4 3.74 -15.09 11.12
N SER A 5 4.70 -15.60 10.35
CA SER A 5 4.81 -15.39 8.91
C SER A 5 5.44 -16.63 8.26
N SER A 6 5.26 -16.79 6.95
CA SER A 6 5.98 -17.70 6.06
C SER A 6 5.48 -17.51 4.62
N GLY A 7 4.15 -17.42 4.43
CA GLY A 7 3.57 -17.03 3.16
C GLY A 7 3.74 -15.53 2.97
N TYR A 8 2.64 -14.80 3.06
CA TYR A 8 2.68 -13.40 2.73
C TYR A 8 3.68 -12.71 3.64
N LYS A 9 4.54 -11.94 2.99
CA LYS A 9 5.35 -10.95 3.65
C LYS A 9 4.62 -9.63 3.47
N GLU A 10 4.75 -8.77 4.47
CA GLU A 10 4.50 -7.36 4.29
C GLU A 10 5.78 -6.74 3.73
N LEU A 11 5.64 -5.63 3.03
CA LEU A 11 6.69 -4.83 2.45
C LEU A 11 6.45 -3.41 2.94
N ASP A 12 7.41 -2.89 3.68
CA ASP A 12 7.47 -1.49 4.07
C ASP A 12 7.87 -0.70 2.83
N VAL A 13 7.13 0.36 2.53
CA VAL A 13 7.41 1.27 1.44
C VAL A 13 7.22 2.69 1.98
N HIS A 14 8.33 3.41 2.18
CA HIS A 14 8.34 4.80 2.60
C HIS A 14 8.46 5.66 1.35
N LEU A 15 7.57 6.64 1.19
CA LEU A 15 7.67 7.68 0.18
C LEU A 15 7.75 9.04 0.85
N ARG A 16 8.14 10.07 0.10
CA ARG A 16 8.36 11.43 0.61
C ARG A 16 7.57 12.46 -0.21
N ARG A 17 7.08 13.53 0.41
CA ARG A 17 6.34 14.57 -0.28
C ARG A 17 7.30 15.71 -0.55
N MET A 18 7.80 15.84 -1.78
CA MET A 18 8.55 17.01 -2.18
C MET A 18 8.22 17.28 -3.64
N GLU A 19 8.59 16.35 -4.53
CA GLU A 19 8.33 16.45 -5.96
C GLU A 19 6.83 16.35 -6.25
N SER A 20 6.30 15.13 -6.38
CA SER A 20 4.91 14.94 -6.76
C SER A 20 4.00 14.75 -5.56
N GLY A 21 4.53 14.17 -4.48
CA GLY A 21 3.71 13.80 -3.34
C GLY A 21 3.01 12.49 -3.61
N PHE A 22 3.81 11.42 -3.60
CA PHE A 22 3.38 10.03 -3.60
C PHE A 22 2.67 9.67 -4.91
N GLY A 23 3.47 9.34 -5.92
CA GLY A 23 3.00 9.03 -7.27
C GLY A 23 2.36 7.65 -7.37
N PHE A 24 1.30 7.38 -6.60
CA PHE A 24 0.51 6.16 -6.66
C PHE A 24 -0.97 6.51 -6.62
N ARG A 25 -1.82 5.50 -6.78
CA ARG A 25 -3.27 5.61 -6.64
C ARG A 25 -3.76 4.52 -5.70
N ILE A 26 -4.99 4.60 -5.23
CA ILE A 26 -5.55 3.69 -4.23
C ILE A 26 -7.01 3.48 -4.63
N LEU A 27 -7.41 2.21 -4.84
CA LEU A 27 -8.71 1.74 -5.37
C LEU A 27 -9.12 0.50 -4.58
N GLY A 28 -10.23 -0.14 -4.94
CA GLY A 28 -10.83 -1.17 -4.09
C GLY A 28 -11.31 -0.51 -2.81
N GLY A 29 -11.33 -1.26 -1.70
CA GLY A 29 -11.87 -0.80 -0.41
C GLY A 29 -13.26 -0.18 -0.59
N ASP A 30 -14.06 -0.71 -1.52
CA ASP A 30 -15.38 -0.16 -1.84
C ASP A 30 -16.37 -0.44 -0.71
N GLU A 31 -16.03 -1.39 0.16
CA GLU A 31 -16.78 -1.81 1.33
C GLU A 31 -15.81 -1.88 2.51
N PRO A 32 -16.32 -1.85 3.75
CA PRO A 32 -15.51 -1.82 4.96
C PRO A 32 -15.03 -3.24 5.27
N GLY A 33 -14.00 -3.62 4.55
CA GLY A 33 -13.42 -4.94 4.55
C GLY A 33 -13.50 -5.54 3.15
N GLN A 34 -13.03 -4.76 2.17
CA GLN A 34 -12.59 -5.24 0.86
C GLN A 34 -11.11 -4.88 0.71
N PRO A 35 -10.36 -5.55 -0.18
CA PRO A 35 -8.92 -5.41 -0.23
C PRO A 35 -8.57 -4.03 -0.78
N ILE A 36 -7.50 -3.47 -0.24
CA ILE A 36 -7.08 -2.12 -0.56
C ILE A 36 -5.87 -2.23 -1.47
N LEU A 37 -6.20 -2.49 -2.72
CA LEU A 37 -5.28 -2.74 -3.81
C LEU A 37 -4.83 -1.43 -4.39
N ILE A 38 -3.50 -1.22 -4.45
CA ILE A 38 -2.89 -0.04 -5.08
C ILE A 38 -3.54 0.16 -6.46
N GLY A 39 -4.00 1.37 -6.72
CA GLY A 39 -4.89 1.78 -7.80
C GLY A 39 -4.24 2.07 -9.16
N ALA A 40 -2.91 1.95 -9.26
CA ALA A 40 -1.98 2.12 -10.38
C ALA A 40 -0.87 3.09 -9.94
N VAL A 41 0.39 2.76 -10.24
CA VAL A 41 1.54 3.65 -10.02
C VAL A 41 1.51 4.68 -11.14
N ILE A 42 1.99 5.88 -10.86
CA ILE A 42 2.24 6.88 -11.88
C ILE A 42 3.51 6.45 -12.60
N ALA A 43 3.40 6.15 -13.91
CA ALA A 43 4.43 5.40 -14.62
C ALA A 43 5.80 6.05 -14.54
N MET A 44 5.85 7.38 -14.55
CA MET A 44 7.06 8.15 -14.39
C MET A 44 6.75 9.21 -13.34
N GLY A 45 7.41 9.13 -12.18
CA GLY A 45 7.13 9.98 -11.04
C GLY A 45 7.70 9.40 -9.76
N SER A 46 7.44 10.09 -8.65
CA SER A 46 8.12 9.89 -7.38
C SER A 46 8.11 8.43 -6.90
N ALA A 47 6.98 7.73 -6.98
CA ALA A 47 6.87 6.37 -6.48
C ALA A 47 7.64 5.39 -7.34
N ASP A 48 7.59 5.55 -8.67
CA ASP A 48 8.36 4.71 -9.60
C ASP A 48 9.86 4.92 -9.38
N ARG A 49 10.30 6.16 -9.16
CA ARG A 49 11.69 6.46 -8.81
C ARG A 49 12.08 5.75 -7.52
N ASP A 50 11.25 5.82 -6.48
CA ASP A 50 11.52 5.12 -5.22
C ASP A 50 11.52 3.61 -5.43
N GLY A 51 10.87 3.13 -6.50
CA GLY A 51 10.97 1.76 -6.99
C GLY A 51 10.29 0.74 -6.09
N ARG A 52 9.69 1.14 -4.97
CA ARG A 52 9.18 0.21 -3.96
C ARG A 52 7.68 -0.05 -4.06
N LEU A 53 6.88 0.83 -4.67
CA LEU A 53 5.46 0.55 -4.93
C LEU A 53 5.33 0.02 -6.34
N HIS A 54 4.38 -0.90 -6.54
CA HIS A 54 4.04 -1.51 -7.80
C HIS A 54 2.51 -1.66 -7.92
N PRO A 55 2.03 -2.23 -9.04
CA PRO A 55 0.62 -2.53 -9.24
C PRO A 55 0.29 -3.97 -8.86
N GLY A 56 -0.85 -4.13 -8.20
CA GLY A 56 -1.40 -5.39 -7.73
C GLY A 56 -1.09 -5.62 -6.25
N ASP A 57 -0.34 -4.73 -5.62
CA ASP A 57 -0.01 -4.81 -4.22
C ASP A 57 -1.26 -4.47 -3.43
N GLU A 58 -1.50 -5.18 -2.34
CA GLU A 58 -2.54 -4.97 -1.37
C GLU A 58 -1.91 -4.19 -0.21
N LEU A 59 -2.56 -3.13 0.24
CA LEU A 59 -2.14 -2.28 1.35
C LEU A 59 -2.63 -2.88 2.66
N VAL A 60 -1.89 -2.59 3.71
CA VAL A 60 -2.18 -2.98 5.08
C VAL A 60 -2.19 -1.73 5.96
N TYR A 61 -1.13 -0.90 5.87
CA TYR A 61 -0.99 0.31 6.68
C TYR A 61 -0.70 1.50 5.77
N VAL A 62 -1.09 2.69 6.22
CA VAL A 62 -0.85 3.97 5.56
C VAL A 62 -0.61 4.99 6.67
N ASP A 63 0.54 5.68 6.62
CA ASP A 63 1.00 6.72 7.55
C ASP A 63 1.03 6.28 9.02
N GLY A 64 1.03 4.96 9.25
CA GLY A 64 1.04 4.31 10.57
C GLY A 64 -0.26 3.58 10.91
N ILE A 65 -1.36 3.86 10.20
CA ILE A 65 -2.70 3.40 10.55
C ILE A 65 -3.05 2.20 9.67
N PRO A 66 -3.56 1.10 10.24
CA PRO A 66 -4.04 -0.04 9.51
C PRO A 66 -5.35 0.31 8.82
N VAL A 67 -5.30 0.39 7.49
CA VAL A 67 -6.47 0.65 6.65
C VAL A 67 -7.39 -0.58 6.53
N ALA A 68 -6.98 -1.72 7.09
CA ALA A 68 -7.69 -2.97 6.92
C ALA A 68 -9.08 -2.87 7.56
N GLY A 69 -10.13 -3.19 6.80
CA GLY A 69 -11.52 -3.13 7.25
C GLY A 69 -12.17 -1.76 7.01
N LYS A 70 -11.41 -0.76 6.58
CA LYS A 70 -11.94 0.57 6.26
C LYS A 70 -12.28 0.61 4.77
N THR A 71 -12.86 1.73 4.36
CA THR A 71 -13.14 1.98 2.95
C THR A 71 -12.01 2.80 2.32
N HIS A 72 -11.98 2.90 0.99
CA HIS A 72 -11.08 3.76 0.22
C HIS A 72 -11.06 5.18 0.79
N ARG A 73 -12.23 5.72 1.11
CA ARG A 73 -12.38 7.07 1.67
C ARG A 73 -11.60 7.28 2.96
N TYR A 74 -11.51 6.25 3.81
CA TYR A 74 -10.71 6.31 5.03
C TYR A 74 -9.27 6.66 4.68
N VAL A 75 -8.75 6.03 3.63
CA VAL A 75 -7.38 6.22 3.16
C VAL A 75 -7.24 7.59 2.51
N ILE A 76 -8.22 8.09 1.76
CA ILE A 76 -8.15 9.44 1.20
C ILE A 76 -7.97 10.47 2.31
N ASP A 77 -8.66 10.30 3.44
CA ASP A 77 -8.53 11.20 4.57
C ASP A 77 -7.16 11.06 5.26
N LEU A 78 -6.61 9.83 5.27
CA LEU A 78 -5.26 9.60 5.79
C LEU A 78 -4.22 10.24 4.89
N MET A 79 -4.31 10.08 3.57
CA MET A 79 -3.36 10.67 2.63
C MET A 79 -3.41 12.19 2.68
N HIS A 80 -4.59 12.77 2.94
CA HIS A 80 -4.71 14.19 3.24
C HIS A 80 -3.79 14.56 4.41
N HIS A 81 -3.78 13.77 5.49
CA HIS A 81 -2.90 13.98 6.63
C HIS A 81 -1.43 13.75 6.27
N ALA A 82 -1.12 12.63 5.61
CA ALA A 82 0.23 12.24 5.21
C ALA A 82 0.88 13.36 4.40
N ALA A 83 0.11 13.99 3.51
CA ALA A 83 0.58 15.10 2.71
C ALA A 83 1.05 16.30 3.55
N ARG A 84 0.58 16.45 4.79
CA ARG A 84 1.03 17.49 5.72
C ARG A 84 2.16 16.97 6.61
N ASN A 85 2.15 15.67 6.93
CA ASN A 85 3.32 14.98 7.51
C ASN A 85 4.54 15.12 6.62
N GLY A 86 4.33 15.32 5.31
CA GLY A 86 5.40 15.55 4.35
C GLY A 86 6.07 14.24 3.90
N GLN A 87 5.55 13.10 4.33
CA GLN A 87 6.01 11.76 3.98
C GLN A 87 4.78 10.85 4.03
N VAL A 88 4.95 9.59 3.63
CA VAL A 88 4.02 8.55 4.00
C VAL A 88 4.83 7.27 4.14
N ASN A 89 4.38 6.43 5.06
CA ASN A 89 4.87 5.08 5.24
C ASN A 89 3.71 4.17 4.92
N LEU A 90 3.79 3.49 3.80
CA LEU A 90 2.81 2.54 3.28
C LEU A 90 3.37 1.18 3.67
N THR A 91 2.54 0.25 4.08
CA THR A 91 2.92 -1.14 4.21
C THR A 91 1.97 -1.89 3.29
N VAL A 92 2.52 -2.50 2.24
CA VAL A 92 1.77 -3.40 1.36
C VAL A 92 2.09 -4.84 1.78
N ARG A 93 1.40 -5.84 1.25
CA ARG A 93 1.73 -7.25 1.42
C ARG A 93 1.31 -8.02 0.18
N ARG A 94 1.86 -9.22 0.00
CA ARG A 94 1.51 -10.09 -1.12
C ARG A 94 1.78 -11.54 -0.74
N LYS A 95 0.74 -12.38 -0.76
CA LYS A 95 0.81 -13.82 -0.49
C LYS A 95 1.68 -14.53 -1.53
N VAL A 96 2.37 -15.58 -1.10
CA VAL A 96 3.38 -16.27 -1.93
C VAL A 96 3.33 -17.79 -1.82
N LEU A 97 4.01 -18.40 -2.78
CA LEU A 97 4.40 -19.79 -2.91
C LEU A 97 5.57 -19.84 -3.91
N SER A 98 6.36 -20.91 -3.91
CA SER A 98 7.32 -21.24 -4.95
C SER A 98 7.39 -22.76 -4.99
N GLY A 99 7.50 -23.36 -6.17
CA GLY A 99 7.47 -24.81 -6.34
C GLY A 99 7.20 -25.16 -7.81
N PRO A 100 6.14 -25.92 -8.13
CA PRO A 100 5.74 -26.20 -9.51
C PRO A 100 5.05 -24.96 -10.14
N SER A 101 4.51 -25.11 -11.35
CA SER A 101 3.76 -24.05 -12.04
C SER A 101 2.69 -24.61 -13.00
N SER A 102 2.95 -25.75 -13.65
CA SER A 102 1.90 -26.56 -14.27
C SER A 102 2.30 -28.04 -14.17
N GLY A 103 1.31 -28.91 -14.14
CA GLY A 103 1.40 -30.33 -13.87
C GLY A 103 0.01 -30.79 -13.47
N GLY A 1 -2.21 -18.25 15.41
CA GLY A 1 -0.97 -18.61 16.12
C GLY A 1 -0.12 -19.53 15.26
N SER A 2 0.57 -20.47 15.91
CA SER A 2 1.42 -21.53 15.34
C SER A 2 2.73 -21.02 14.70
N SER A 3 2.67 -19.99 13.86
CA SER A 3 3.82 -19.36 13.21
C SER A 3 4.69 -20.33 12.40
N GLY A 4 5.79 -19.80 11.85
CA GLY A 4 6.74 -20.52 11.02
C GLY A 4 6.54 -20.11 9.57
N SER A 5 7.49 -19.36 9.00
CA SER A 5 7.50 -18.80 7.64
C SER A 5 6.08 -18.51 7.12
N SER A 6 5.47 -17.44 7.63
CA SER A 6 4.14 -17.01 7.21
C SER A 6 4.12 -16.83 5.69
N GLY A 7 2.98 -17.04 5.03
CA GLY A 7 2.82 -16.90 3.59
C GLY A 7 3.10 -15.50 3.14
N TYR A 8 2.04 -14.71 3.01
CA TYR A 8 2.19 -13.38 2.45
C TYR A 8 3.29 -12.64 3.21
N LYS A 9 4.15 -11.96 2.47
CA LYS A 9 5.07 -11.01 3.05
C LYS A 9 4.36 -9.67 3.12
N GLU A 10 4.43 -8.97 4.27
CA GLU A 10 4.21 -7.53 4.34
C GLU A 10 5.55 -6.87 3.96
N LEU A 11 5.52 -5.65 3.44
CA LEU A 11 6.65 -4.87 2.94
C LEU A 11 6.47 -3.44 3.43
N ASP A 12 7.55 -2.65 3.40
CA ASP A 12 7.55 -1.28 3.86
C ASP A 12 8.06 -0.35 2.76
N VAL A 13 7.16 0.55 2.35
CA VAL A 13 7.45 1.70 1.50
C VAL A 13 7.40 2.93 2.41
N HIS A 14 8.34 3.86 2.28
CA HIS A 14 8.28 5.18 2.89
C HIS A 14 8.54 6.19 1.79
N LEU A 15 7.51 6.91 1.38
CA LEU A 15 7.60 7.85 0.26
C LEU A 15 7.70 9.25 0.86
N ARG A 16 8.75 9.99 0.51
CA ARG A 16 8.89 11.37 0.96
C ARG A 16 7.93 12.26 0.16
N ARG A 17 7.64 13.45 0.69
CA ARG A 17 6.98 14.52 -0.03
C ARG A 17 7.89 15.73 0.09
N MET A 18 8.65 15.99 -0.95
CA MET A 18 9.49 17.18 -1.05
C MET A 18 9.32 17.86 -2.41
N GLU A 19 8.37 17.39 -3.22
CA GLU A 19 8.13 17.85 -4.57
C GLU A 19 6.65 17.55 -4.87
N SER A 20 6.34 16.61 -5.77
CA SER A 20 4.98 16.30 -6.20
C SER A 20 4.12 15.76 -5.06
N GLY A 21 4.73 15.06 -4.10
CA GLY A 21 3.98 14.33 -3.10
C GLY A 21 3.48 13.03 -3.69
N PHE A 22 4.37 12.04 -3.69
CA PHE A 22 4.08 10.65 -4.01
C PHE A 22 3.72 10.52 -5.50
N GLY A 23 3.25 9.34 -5.93
CA GLY A 23 2.91 9.10 -7.33
C GLY A 23 2.18 7.78 -7.46
N PHE A 24 1.20 7.52 -6.59
CA PHE A 24 0.43 6.30 -6.55
C PHE A 24 -1.03 6.69 -6.26
N ARG A 25 -1.95 5.87 -6.73
CA ARG A 25 -3.40 5.97 -6.58
C ARG A 25 -3.85 4.86 -5.62
N ILE A 26 -5.08 4.89 -5.11
CA ILE A 26 -5.63 3.82 -4.29
C ILE A 26 -7.00 3.46 -4.88
N LEU A 27 -7.25 2.17 -4.99
CA LEU A 27 -8.44 1.51 -5.52
C LEU A 27 -8.75 0.33 -4.60
N GLY A 28 -9.77 -0.48 -4.92
CA GLY A 28 -10.26 -1.48 -3.96
C GLY A 28 -10.83 -0.76 -2.74
N GLY A 29 -10.94 -1.47 -1.61
CA GLY A 29 -11.46 -0.92 -0.37
C GLY A 29 -12.87 -0.36 -0.52
N ASP A 30 -13.65 -0.83 -1.48
CA ASP A 30 -14.95 -0.25 -1.83
C ASP A 30 -15.93 -0.40 -0.67
N GLU A 31 -15.74 -1.43 0.14
CA GLU A 31 -16.60 -1.88 1.23
C GLU A 31 -15.71 -2.19 2.45
N PRO A 32 -16.27 -2.22 3.67
CA PRO A 32 -15.54 -2.22 4.94
C PRO A 32 -14.93 -3.58 5.31
N GLY A 33 -14.49 -4.33 4.31
CA GLY A 33 -13.70 -5.54 4.42
C GLY A 33 -13.08 -5.93 3.08
N GLN A 34 -12.95 -5.00 2.14
CA GLN A 34 -12.29 -5.30 0.87
C GLN A 34 -10.79 -5.02 0.94
N PRO A 35 -9.98 -5.70 0.11
CA PRO A 35 -8.56 -5.44 -0.03
C PRO A 35 -8.36 -4.04 -0.62
N ILE A 36 -7.43 -3.27 -0.07
CA ILE A 36 -7.17 -1.90 -0.48
C ILE A 36 -5.98 -1.93 -1.43
N LEU A 37 -6.22 -2.03 -2.72
CA LEU A 37 -5.16 -2.17 -3.73
C LEU A 37 -4.61 -0.81 -4.14
N ILE A 38 -3.29 -0.71 -4.21
CA ILE A 38 -2.52 0.35 -4.86
C ILE A 38 -3.06 0.42 -6.29
N GLY A 39 -3.73 1.53 -6.63
CA GLY A 39 -4.47 1.72 -7.87
C GLY A 39 -3.62 1.56 -9.12
N ALA A 40 -2.78 2.56 -9.40
CA ALA A 40 -1.81 2.60 -10.48
C ALA A 40 -0.69 3.53 -10.03
N VAL A 41 0.54 3.03 -9.92
CA VAL A 41 1.70 3.85 -9.67
C VAL A 41 2.11 4.50 -10.99
N ILE A 42 2.66 5.71 -10.89
CA ILE A 42 2.88 6.60 -12.01
C ILE A 42 4.33 6.43 -12.46
N ALA A 43 4.53 5.89 -13.67
CA ALA A 43 5.82 5.49 -14.22
C ALA A 43 6.85 6.61 -14.28
N MET A 44 6.42 7.86 -14.33
CA MET A 44 7.29 9.02 -14.45
C MET A 44 7.29 9.84 -13.16
N GLY A 45 6.53 9.41 -12.15
CA GLY A 45 6.32 10.13 -10.91
C GLY A 45 7.05 9.48 -9.77
N SER A 46 6.88 10.05 -8.57
CA SER A 46 7.67 9.70 -7.41
C SER A 46 7.49 8.28 -6.85
N ALA A 47 6.53 7.47 -7.32
CA ALA A 47 6.41 6.10 -6.83
C ALA A 47 7.34 5.15 -7.59
N ASP A 48 7.46 5.34 -8.91
CA ASP A 48 8.23 4.47 -9.79
C ASP A 48 9.72 4.61 -9.52
N ARG A 49 10.24 5.84 -9.53
CA ARG A 49 11.64 6.11 -9.23
C ARG A 49 12.07 5.55 -7.87
N ASP A 50 11.13 5.46 -6.92
CA ASP A 50 11.39 4.97 -5.58
C ASP A 50 11.73 3.49 -5.57
N GLY A 51 11.33 2.73 -6.62
CA GLY A 51 11.61 1.32 -6.76
C GLY A 51 11.06 0.52 -5.60
N ARG A 52 9.78 0.73 -5.32
CA ARG A 52 9.13 0.26 -4.10
C ARG A 52 7.74 -0.23 -4.45
N LEU A 53 6.77 0.66 -4.64
CA LEU A 53 5.40 0.26 -4.96
C LEU A 53 5.32 -0.33 -6.36
N HIS A 54 4.50 -1.37 -6.52
CA HIS A 54 3.98 -1.79 -7.81
C HIS A 54 2.45 -1.70 -7.77
N PRO A 55 1.81 -1.54 -8.94
CA PRO A 55 0.36 -1.38 -9.00
C PRO A 55 -0.32 -2.72 -8.74
N GLY A 56 -1.45 -2.69 -8.05
CA GLY A 56 -2.17 -3.88 -7.62
C GLY A 56 -1.58 -4.54 -6.39
N ASP A 57 -0.59 -3.93 -5.74
CA ASP A 57 -0.11 -4.37 -4.43
C ASP A 57 -1.19 -4.02 -3.41
N GLU A 58 -1.46 -4.87 -2.43
CA GLU A 58 -2.50 -4.63 -1.44
C GLU A 58 -1.91 -3.88 -0.24
N LEU A 59 -2.52 -2.78 0.18
CA LEU A 59 -2.17 -1.98 1.35
C LEU A 59 -2.68 -2.62 2.63
N VAL A 60 -1.98 -2.33 3.73
CA VAL A 60 -2.29 -2.76 5.07
C VAL A 60 -2.18 -1.58 6.04
N TYR A 61 -1.21 -0.67 5.83
CA TYR A 61 -1.02 0.52 6.65
C TYR A 61 -0.73 1.73 5.77
N VAL A 62 -1.09 2.92 6.25
CA VAL A 62 -0.88 4.22 5.63
C VAL A 62 -0.68 5.23 6.75
N ASP A 63 0.31 6.11 6.66
CA ASP A 63 0.74 7.05 7.72
C ASP A 63 1.15 6.28 9.01
N GLY A 64 1.41 4.98 8.86
CA GLY A 64 1.67 4.01 9.92
C GLY A 64 0.40 3.48 10.60
N ILE A 65 -0.79 3.90 10.19
CA ILE A 65 -2.10 3.53 10.72
C ILE A 65 -2.65 2.37 9.88
N PRO A 66 -3.21 1.33 10.49
CA PRO A 66 -3.73 0.19 9.76
C PRO A 66 -5.04 0.59 9.08
N VAL A 67 -5.28 0.03 7.90
CA VAL A 67 -6.45 0.35 7.09
C VAL A 67 -7.37 -0.86 6.91
N ALA A 68 -7.03 -1.99 7.52
CA ALA A 68 -7.64 -3.26 7.20
C ALA A 68 -9.09 -3.30 7.70
N GLY A 69 -10.06 -3.12 6.81
CA GLY A 69 -11.49 -3.10 7.13
C GLY A 69 -12.10 -1.70 7.18
N LYS A 70 -11.29 -0.65 7.02
CA LYS A 70 -11.78 0.65 6.60
C LYS A 70 -12.00 0.60 5.10
N THR A 71 -12.46 1.70 4.54
CA THR A 71 -12.75 1.80 3.11
C THR A 71 -11.75 2.73 2.43
N HIS A 72 -11.88 2.81 1.10
CA HIS A 72 -11.19 3.75 0.23
C HIS A 72 -11.17 5.14 0.88
N ARG A 73 -12.33 5.76 1.10
CA ARG A 73 -12.41 7.13 1.61
C ARG A 73 -11.67 7.32 2.93
N TYR A 74 -11.73 6.33 3.83
CA TYR A 74 -11.01 6.37 5.10
C TYR A 74 -9.52 6.61 4.83
N VAL A 75 -8.95 5.85 3.90
CA VAL A 75 -7.55 5.98 3.55
C VAL A 75 -7.34 7.31 2.86
N ILE A 76 -8.18 7.74 1.94
CA ILE A 76 -7.93 8.99 1.23
C ILE A 76 -7.82 10.14 2.23
N ASP A 77 -8.61 10.14 3.31
CA ASP A 77 -8.46 11.07 4.44
C ASP A 77 -7.09 10.93 5.08
N LEU A 78 -6.71 9.71 5.50
CA LEU A 78 -5.43 9.46 6.17
C LEU A 78 -4.24 9.81 5.30
N MET A 79 -4.34 9.58 4.00
CA MET A 79 -3.26 9.70 3.05
C MET A 79 -3.14 11.15 2.59
N HIS A 80 -4.25 11.90 2.55
CA HIS A 80 -4.26 13.35 2.53
C HIS A 80 -3.70 13.94 3.81
N HIS A 81 -3.84 13.26 4.95
CA HIS A 81 -3.22 13.65 6.20
C HIS A 81 -1.71 13.50 6.09
N ALA A 82 -1.25 12.33 5.64
CA ALA A 82 0.15 12.02 5.42
C ALA A 82 0.79 12.98 4.42
N ALA A 83 0.06 13.42 3.39
CA ALA A 83 0.49 14.48 2.47
C ALA A 83 0.87 15.77 3.20
N ARG A 84 0.37 16.01 4.41
CA ARG A 84 0.77 17.14 5.23
C ARG A 84 1.90 16.78 6.20
N ASN A 85 2.10 15.52 6.54
CA ASN A 85 3.24 15.09 7.37
C ASN A 85 4.56 15.40 6.66
N GLY A 86 4.62 15.27 5.34
CA GLY A 86 5.84 15.47 4.56
C GLY A 86 6.49 14.15 4.12
N GLN A 87 5.89 13.02 4.51
CA GLN A 87 6.15 11.69 3.99
C GLN A 87 4.85 10.90 4.16
N VAL A 88 4.75 9.73 3.53
CA VAL A 88 3.77 8.72 3.88
C VAL A 88 4.51 7.40 3.99
N ASN A 89 4.41 6.79 5.16
CA ASN A 89 4.76 5.40 5.36
C ASN A 89 3.56 4.57 4.88
N LEU A 90 3.80 3.59 4.01
CA LEU A 90 2.78 2.74 3.38
C LEU A 90 3.28 1.30 3.57
N THR A 91 2.49 0.37 4.10
CA THR A 91 2.84 -1.03 4.20
C THR A 91 1.92 -1.79 3.26
N VAL A 92 2.48 -2.54 2.30
CA VAL A 92 1.74 -3.40 1.37
C VAL A 92 2.04 -4.86 1.70
N ARG A 93 1.25 -5.82 1.19
CA ARG A 93 1.47 -7.24 1.43
C ARG A 93 0.93 -8.07 0.29
N ARG A 94 1.58 -9.19 -0.03
CA ARG A 94 1.23 -10.03 -1.18
C ARG A 94 1.54 -11.50 -0.89
N LYS A 95 0.56 -12.40 -1.06
CA LYS A 95 0.72 -13.82 -0.83
C LYS A 95 1.76 -14.45 -1.75
N VAL A 96 2.74 -15.06 -1.11
CA VAL A 96 3.89 -15.70 -1.74
C VAL A 96 3.58 -17.18 -1.98
N LEU A 97 4.37 -17.84 -2.82
CA LEU A 97 4.22 -19.26 -3.11
C LEU A 97 5.56 -19.79 -3.61
N SER A 98 5.99 -19.25 -4.75
CA SER A 98 7.20 -19.56 -5.50
C SER A 98 7.51 -21.06 -5.51
N GLY A 99 6.74 -21.81 -6.29
CA GLY A 99 6.92 -23.22 -6.57
C GLY A 99 5.92 -23.65 -7.64
N PRO A 100 6.03 -24.87 -8.18
CA PRO A 100 5.19 -25.34 -9.28
C PRO A 100 3.74 -25.56 -8.85
N SER A 101 2.84 -25.65 -9.83
CA SER A 101 1.39 -25.69 -9.62
C SER A 101 0.69 -26.64 -10.61
N SER A 102 1.12 -26.74 -11.87
CA SER A 102 0.60 -27.70 -12.85
C SER A 102 1.60 -27.81 -14.01
N GLY A 103 1.52 -28.88 -14.79
CA GLY A 103 2.36 -29.15 -15.96
C GLY A 103 1.45 -29.41 -17.14
N GLY A 1 -2.06 -17.11 14.81
CA GLY A 1 -0.63 -17.26 14.54
C GLY A 1 0.16 -16.31 15.43
N SER A 2 0.18 -15.02 15.08
CA SER A 2 0.53 -13.88 15.92
C SER A 2 2.05 -13.68 16.02
N SER A 3 2.76 -14.72 16.44
CA SER A 3 4.21 -14.77 16.59
C SER A 3 4.88 -14.92 15.21
N GLY A 4 4.78 -13.87 14.39
CA GLY A 4 5.41 -13.78 13.07
C GLY A 4 4.45 -14.12 11.95
N SER A 5 4.66 -13.52 10.76
CA SER A 5 3.92 -13.85 9.56
C SER A 5 4.61 -15.05 8.88
N SER A 6 4.12 -16.25 9.19
CA SER A 6 4.47 -17.46 8.46
C SER A 6 3.86 -17.42 7.05
N GLY A 7 4.48 -16.68 6.13
CA GLY A 7 4.16 -16.69 4.71
C GLY A 7 4.10 -15.28 4.17
N TYR A 8 2.90 -14.70 4.12
CA TYR A 8 2.62 -13.50 3.34
C TYR A 8 3.62 -12.40 3.71
N LYS A 9 4.28 -11.87 2.69
CA LYS A 9 5.37 -10.93 2.85
C LYS A 9 4.70 -9.57 2.93
N GLU A 10 4.85 -8.90 4.06
CA GLU A 10 4.60 -7.47 4.16
C GLU A 10 5.89 -6.81 3.71
N LEU A 11 5.77 -5.71 2.96
CA LEU A 11 6.87 -4.89 2.48
C LEU A 11 6.47 -3.46 2.76
N ASP A 12 7.25 -2.82 3.62
CA ASP A 12 7.17 -1.41 3.96
C ASP A 12 7.82 -0.59 2.84
N VAL A 13 7.23 0.57 2.56
CA VAL A 13 7.69 1.57 1.61
C VAL A 13 7.54 2.93 2.28
N HIS A 14 8.64 3.57 2.65
CA HIS A 14 8.58 4.95 3.08
C HIS A 14 8.59 5.82 1.81
N LEU A 15 7.67 6.78 1.67
CA LEU A 15 7.80 7.85 0.69
C LEU A 15 7.80 9.18 1.40
N ARG A 16 8.86 9.96 1.16
CA ARG A 16 8.89 11.38 1.50
C ARG A 16 8.04 12.18 0.51
N ARG A 17 7.61 13.37 0.91
CA ARG A 17 6.91 14.35 0.09
C ARG A 17 7.60 15.70 0.28
N MET A 18 8.42 16.13 -0.66
CA MET A 18 8.96 17.49 -0.68
C MET A 18 9.38 17.96 -2.09
N GLU A 19 9.06 17.21 -3.15
CA GLU A 19 9.62 17.40 -4.48
C GLU A 19 8.49 17.29 -5.51
N SER A 20 8.02 16.08 -5.82
CA SER A 20 6.82 15.80 -6.61
C SER A 20 5.72 15.12 -5.78
N GLY A 21 6.00 14.72 -4.54
CA GLY A 21 5.04 14.08 -3.66
C GLY A 21 4.78 12.63 -4.06
N PHE A 22 3.92 11.95 -3.31
CA PHE A 22 3.64 10.54 -3.53
C PHE A 22 3.04 10.37 -4.93
N GLY A 23 3.32 9.25 -5.61
CA GLY A 23 2.94 9.03 -7.00
C GLY A 23 2.25 7.69 -7.17
N PHE A 24 1.24 7.42 -6.35
CA PHE A 24 0.34 6.29 -6.54
C PHE A 24 -1.09 6.77 -6.33
N ARG A 25 -2.02 6.08 -6.96
CA ARG A 25 -3.45 6.16 -6.78
C ARG A 25 -3.91 4.87 -6.12
N ILE A 26 -5.10 4.84 -5.56
CA ILE A 26 -5.68 3.70 -4.87
C ILE A 26 -7.14 3.55 -5.30
N LEU A 27 -7.63 2.31 -5.30
CA LEU A 27 -8.92 1.88 -5.84
C LEU A 27 -9.59 0.95 -4.82
N GLY A 28 -10.75 0.41 -5.17
CA GLY A 28 -11.49 -0.49 -4.31
C GLY A 28 -12.00 0.26 -3.08
N GLY A 29 -11.94 -0.41 -1.93
CA GLY A 29 -12.39 0.03 -0.62
C GLY A 29 -13.83 0.53 -0.62
N ASP A 30 -14.63 0.10 -1.60
CA ASP A 30 -16.04 0.44 -1.65
C ASP A 30 -16.78 -0.24 -0.49
N GLU A 31 -16.25 -1.34 0.03
CA GLU A 31 -16.83 -2.05 1.15
C GLU A 31 -15.82 -2.14 2.30
N PRO A 32 -16.28 -2.30 3.54
CA PRO A 32 -15.41 -2.39 4.69
C PRO A 32 -14.61 -3.69 4.60
N GLY A 33 -13.31 -3.55 4.81
CA GLY A 33 -12.41 -4.67 4.91
C GLY A 33 -12.19 -5.41 3.60
N GLN A 34 -12.47 -4.79 2.46
CA GLN A 34 -12.07 -5.30 1.17
C GLN A 34 -10.55 -5.13 0.97
N PRO A 35 -9.93 -5.84 0.01
CA PRO A 35 -8.52 -5.66 -0.30
C PRO A 35 -8.33 -4.33 -1.01
N ILE A 36 -7.54 -3.47 -0.40
CA ILE A 36 -7.21 -2.17 -0.97
C ILE A 36 -5.96 -2.38 -1.79
N LEU A 37 -6.11 -2.56 -3.09
CA LEU A 37 -4.95 -2.67 -3.95
C LEU A 37 -4.47 -1.28 -4.31
N ILE A 38 -3.16 -1.18 -4.56
CA ILE A 38 -2.56 -0.04 -5.23
C ILE A 38 -3.32 0.11 -6.55
N GLY A 39 -3.91 1.28 -6.73
CA GLY A 39 -4.72 1.62 -7.87
C GLY A 39 -3.83 1.68 -9.10
N ALA A 40 -2.87 2.60 -9.10
CA ALA A 40 -1.83 2.69 -10.11
C ALA A 40 -0.68 3.51 -9.56
N VAL A 41 0.57 3.03 -9.64
CA VAL A 41 1.74 3.83 -9.44
C VAL A 41 2.03 4.56 -10.76
N ILE A 42 2.19 5.87 -10.68
CA ILE A 42 2.38 6.76 -11.81
C ILE A 42 3.75 6.48 -12.43
N ALA A 43 3.80 6.35 -13.77
CA ALA A 43 5.01 5.97 -14.52
C ALA A 43 6.19 6.91 -14.30
N MET A 44 5.95 8.20 -14.03
CA MET A 44 6.96 9.15 -13.61
C MET A 44 6.49 9.82 -12.33
N GLY A 45 6.17 9.02 -11.32
CA GLY A 45 5.90 9.49 -9.98
C GLY A 45 6.99 9.00 -9.05
N SER A 46 6.99 9.53 -7.82
CA SER A 46 7.99 9.23 -6.82
C SER A 46 7.94 7.78 -6.30
N ALA A 47 6.94 6.97 -6.68
CA ALA A 47 6.85 5.59 -6.24
C ALA A 47 7.63 4.67 -7.18
N ASP A 48 7.32 4.69 -8.48
CA ASP A 48 8.00 3.82 -9.46
C ASP A 48 9.49 4.14 -9.50
N ARG A 49 9.83 5.43 -9.54
CA ARG A 49 11.22 5.89 -9.51
C ARG A 49 11.97 5.45 -8.25
N ASP A 50 11.25 5.09 -7.19
CA ASP A 50 11.80 4.67 -5.92
C ASP A 50 11.90 3.14 -5.80
N GLY A 51 11.19 2.39 -6.65
CA GLY A 51 11.42 0.96 -6.86
C GLY A 51 11.01 0.10 -5.68
N ARG A 52 9.82 0.34 -5.10
CA ARG A 52 9.19 -0.58 -4.16
C ARG A 52 7.72 -0.80 -4.49
N LEU A 53 6.93 0.27 -4.72
CA LEU A 53 5.51 0.07 -5.02
C LEU A 53 5.33 -0.47 -6.43
N HIS A 54 4.29 -1.28 -6.61
CA HIS A 54 3.81 -1.75 -7.90
C HIS A 54 2.27 -1.77 -7.97
N PRO A 55 1.71 -1.54 -9.17
CA PRO A 55 0.28 -1.40 -9.38
C PRO A 55 -0.43 -2.76 -9.38
N GLY A 56 -0.90 -3.13 -8.19
CA GLY A 56 -1.67 -4.34 -7.90
C GLY A 56 -1.40 -4.91 -6.51
N ASP A 57 -0.34 -4.47 -5.83
CA ASP A 57 -0.02 -4.90 -4.47
C ASP A 57 -1.15 -4.50 -3.52
N GLU A 58 -1.34 -5.21 -2.40
CA GLU A 58 -2.40 -4.92 -1.43
C GLU A 58 -1.81 -4.07 -0.32
N LEU A 59 -2.47 -2.97 0.05
CA LEU A 59 -2.06 -2.10 1.15
C LEU A 59 -2.48 -2.70 2.49
N VAL A 60 -1.76 -2.30 3.54
CA VAL A 60 -1.95 -2.78 4.90
C VAL A 60 -1.95 -1.59 5.85
N TYR A 61 -0.92 -0.74 5.76
CA TYR A 61 -0.76 0.41 6.62
C TYR A 61 -0.43 1.58 5.74
N VAL A 62 -0.89 2.76 6.16
CA VAL A 62 -0.77 4.02 5.47
C VAL A 62 -0.56 5.04 6.58
N ASP A 63 0.59 5.72 6.60
CA ASP A 63 1.09 6.52 7.72
C ASP A 63 1.21 5.69 9.01
N GLY A 64 1.38 4.37 8.86
CA GLY A 64 1.38 3.42 9.95
C GLY A 64 -0.02 3.14 10.50
N ILE A 65 -1.07 3.77 9.96
CA ILE A 65 -2.46 3.54 10.35
C ILE A 65 -2.95 2.35 9.51
N PRO A 66 -3.52 1.31 10.14
CA PRO A 66 -4.01 0.14 9.47
C PRO A 66 -5.25 0.50 8.66
N VAL A 67 -5.27 0.15 7.38
CA VAL A 67 -6.42 0.37 6.52
C VAL A 67 -7.34 -0.86 6.50
N ALA A 68 -6.98 -1.96 7.17
CA ALA A 68 -7.80 -3.17 7.11
C ALA A 68 -9.10 -2.92 7.86
N GLY A 69 -10.19 -3.56 7.43
CA GLY A 69 -11.55 -3.33 7.91
C GLY A 69 -12.15 -1.97 7.51
N LYS A 70 -11.32 -0.95 7.30
CA LYS A 70 -11.73 0.38 6.83
C LYS A 70 -12.06 0.30 5.33
N THR A 71 -12.57 1.41 4.81
CA THR A 71 -12.95 1.58 3.41
C THR A 71 -11.90 2.42 2.69
N HIS A 72 -12.12 2.73 1.42
CA HIS A 72 -11.33 3.63 0.61
C HIS A 72 -11.31 5.03 1.22
N ARG A 73 -12.48 5.64 1.49
CA ARG A 73 -12.52 7.02 1.99
C ARG A 73 -11.70 7.21 3.27
N TYR A 74 -11.67 6.20 4.14
CA TYR A 74 -10.79 6.17 5.30
C TYR A 74 -9.35 6.55 4.91
N VAL A 75 -8.82 5.91 3.87
CA VAL A 75 -7.47 6.12 3.38
C VAL A 75 -7.38 7.46 2.67
N ILE A 76 -8.41 7.92 1.95
CA ILE A 76 -8.37 9.21 1.26
C ILE A 76 -8.29 10.36 2.28
N ASP A 77 -8.79 10.20 3.50
CA ASP A 77 -8.55 11.14 4.60
C ASP A 77 -7.08 11.05 5.08
N LEU A 78 -6.53 9.83 5.17
CA LEU A 78 -5.13 9.61 5.52
C LEU A 78 -4.17 10.14 4.45
N MET A 79 -4.56 10.14 3.17
CA MET A 79 -3.78 10.68 2.05
C MET A 79 -3.70 12.21 2.18
N HIS A 80 -4.79 12.82 2.68
CA HIS A 80 -4.81 14.23 3.03
C HIS A 80 -3.80 14.50 4.15
N HIS A 81 -3.97 13.86 5.31
CA HIS A 81 -3.14 14.07 6.48
C HIS A 81 -1.66 13.82 6.19
N ALA A 82 -1.31 12.70 5.57
CA ALA A 82 0.09 12.34 5.35
C ALA A 82 0.79 13.33 4.42
N ALA A 83 0.08 13.87 3.42
CA ALA A 83 0.65 14.92 2.58
C ALA A 83 0.89 16.23 3.35
N ARG A 84 0.28 16.43 4.53
CA ARG A 84 0.68 17.51 5.45
C ARG A 84 1.90 17.08 6.26
N ASN A 85 1.91 15.83 6.74
CA ASN A 85 3.00 15.27 7.53
C ASN A 85 4.29 15.24 6.71
N GLY A 86 4.20 15.32 5.39
CA GLY A 86 5.33 15.52 4.49
C GLY A 86 6.03 14.22 4.15
N GLN A 87 5.42 13.09 4.48
CA GLN A 87 5.93 11.75 4.29
C GLN A 87 4.77 10.79 4.54
N VAL A 88 4.97 9.54 4.18
CA VAL A 88 4.08 8.45 4.50
C VAL A 88 4.92 7.19 4.59
N ASN A 89 4.47 6.28 5.43
CA ASN A 89 4.87 4.89 5.45
C ASN A 89 3.71 4.13 4.84
N LEU A 90 3.95 3.32 3.81
CA LEU A 90 2.95 2.56 3.09
C LEU A 90 3.41 1.12 3.17
N THR A 91 2.86 0.33 4.09
CA THR A 91 3.14 -1.10 4.16
C THR A 91 2.15 -1.77 3.22
N VAL A 92 2.66 -2.41 2.17
CA VAL A 92 1.88 -3.30 1.31
C VAL A 92 2.19 -4.76 1.68
N ARG A 93 1.44 -5.73 1.15
CA ARG A 93 1.72 -7.15 1.30
C ARG A 93 1.16 -7.92 0.14
N ARG A 94 1.57 -9.19 0.07
CA ARG A 94 0.90 -10.23 -0.68
C ARG A 94 1.17 -11.56 0.01
N LYS A 95 0.21 -12.47 -0.10
CA LYS A 95 0.39 -13.88 0.13
C LYS A 95 1.54 -14.44 -0.69
N VAL A 96 2.09 -15.54 -0.19
CA VAL A 96 3.19 -16.27 -0.80
C VAL A 96 2.96 -17.74 -0.45
N LEU A 97 3.35 -18.64 -1.36
CA LEU A 97 3.19 -20.07 -1.15
C LEU A 97 4.13 -20.84 -2.08
N SER A 98 4.25 -20.38 -3.32
CA SER A 98 5.40 -20.62 -4.18
C SER A 98 5.61 -22.06 -4.67
N GLY A 99 4.74 -22.99 -4.32
CA GLY A 99 4.72 -24.34 -4.84
C GLY A 99 3.26 -24.73 -5.05
N PRO A 100 2.80 -25.03 -6.28
CA PRO A 100 1.41 -25.43 -6.48
C PRO A 100 1.18 -26.80 -5.85
N SER A 101 -0.09 -27.14 -5.64
CA SER A 101 -0.55 -28.50 -5.37
C SER A 101 -1.87 -28.68 -6.11
N SER A 102 -2.32 -29.92 -6.24
CA SER A 102 -3.51 -30.29 -7.00
C SER A 102 -4.08 -31.51 -6.29
N GLY A 103 -5.21 -31.32 -5.63
CA GLY A 103 -5.52 -31.99 -4.39
C GLY A 103 -5.64 -30.83 -3.43
N GLY A 1 7.43 -12.96 19.89
CA GLY A 1 6.58 -12.49 18.78
C GLY A 1 5.43 -13.44 18.52
N SER A 2 4.60 -13.10 17.53
CA SER A 2 3.48 -13.90 17.07
C SER A 2 3.38 -13.77 15.55
N SER A 3 2.99 -14.84 14.90
CA SER A 3 2.90 -14.99 13.46
C SER A 3 4.15 -14.47 12.76
N GLY A 4 5.22 -15.27 12.84
CA GLY A 4 6.34 -15.15 11.93
C GLY A 4 5.93 -15.46 10.50
N SER A 5 6.92 -15.43 9.60
CA SER A 5 6.76 -15.59 8.16
C SER A 5 5.90 -16.83 7.83
N SER A 6 4.64 -16.61 7.46
CA SER A 6 3.63 -17.63 7.23
C SER A 6 2.91 -17.34 5.91
N GLY A 7 3.72 -17.30 4.84
CA GLY A 7 3.25 -17.50 3.49
C GLY A 7 2.97 -16.24 2.70
N TYR A 8 2.75 -15.10 3.36
CA TYR A 8 2.76 -13.80 2.72
C TYR A 8 3.89 -12.96 3.32
N LYS A 9 4.26 -11.89 2.63
CA LYS A 9 5.24 -10.94 3.12
C LYS A 9 4.59 -9.59 3.10
N GLU A 10 4.69 -8.87 4.22
CA GLU A 10 4.48 -7.43 4.29
C GLU A 10 5.79 -6.78 3.88
N LEU A 11 5.70 -5.72 3.09
CA LEU A 11 6.77 -4.93 2.56
C LEU A 11 6.53 -3.50 2.97
N ASP A 12 7.60 -2.86 3.45
CA ASP A 12 7.58 -1.50 3.96
C ASP A 12 7.93 -0.58 2.79
N VAL A 13 7.17 0.49 2.57
CA VAL A 13 7.38 1.47 1.51
C VAL A 13 7.35 2.85 2.17
N HIS A 14 8.51 3.53 2.26
CA HIS A 14 8.58 4.92 2.64
C HIS A 14 8.41 5.77 1.37
N LEU A 15 7.49 6.72 1.33
CA LEU A 15 7.48 7.78 0.33
C LEU A 15 7.65 9.13 1.01
N ARG A 16 8.68 9.87 0.61
CA ARG A 16 8.94 11.25 1.02
C ARG A 16 8.06 12.23 0.23
N ARG A 17 7.88 13.48 0.71
CA ARG A 17 7.07 14.50 0.08
C ARG A 17 7.77 15.87 0.17
N MET A 18 8.55 16.28 -0.83
CA MET A 18 8.92 17.68 -1.02
C MET A 18 8.97 18.11 -2.49
N GLU A 19 8.87 17.18 -3.45
CA GLU A 19 9.23 17.43 -4.84
C GLU A 19 8.07 16.93 -5.69
N SER A 20 8.20 15.79 -6.37
CA SER A 20 7.11 15.18 -7.12
C SER A 20 5.96 14.72 -6.21
N GLY A 21 6.21 14.45 -4.92
CA GLY A 21 5.21 14.01 -3.95
C GLY A 21 4.60 12.66 -4.31
N PHE A 22 3.66 12.14 -3.52
CA PHE A 22 3.28 10.73 -3.62
C PHE A 22 2.66 10.43 -4.99
N GLY A 23 3.23 9.47 -5.72
CA GLY A 23 2.90 9.16 -7.09
C GLY A 23 2.24 7.80 -7.21
N PHE A 24 1.18 7.54 -6.45
CA PHE A 24 0.37 6.33 -6.57
C PHE A 24 -1.10 6.70 -6.35
N ARG A 25 -2.01 5.78 -6.67
CA ARG A 25 -3.44 5.83 -6.38
C ARG A 25 -3.79 4.58 -5.59
N ILE A 26 -4.95 4.59 -4.93
CA ILE A 26 -5.53 3.49 -4.18
C ILE A 26 -6.87 3.17 -4.84
N LEU A 27 -7.33 1.92 -4.75
CA LEU A 27 -8.59 1.39 -5.25
C LEU A 27 -9.04 0.24 -4.31
N GLY A 28 -10.15 -0.43 -4.61
CA GLY A 28 -10.69 -1.46 -3.75
C GLY A 28 -11.38 -0.80 -2.56
N GLY A 29 -11.43 -1.50 -1.43
CA GLY A 29 -11.95 -0.96 -0.18
C GLY A 29 -13.40 -0.48 -0.25
N ASP A 30 -14.22 -0.99 -1.18
CA ASP A 30 -15.55 -0.40 -1.39
C ASP A 30 -16.54 -0.80 -0.30
N GLU A 31 -16.18 -1.78 0.53
CA GLU A 31 -16.84 -2.19 1.77
C GLU A 31 -15.75 -2.31 2.85
N PRO A 32 -16.10 -2.27 4.15
CA PRO A 32 -15.18 -2.17 5.27
C PRO A 32 -14.59 -3.54 5.60
N GLY A 33 -13.75 -4.00 4.68
CA GLY A 33 -13.11 -5.29 4.71
C GLY A 33 -12.87 -5.86 3.31
N GLN A 34 -13.12 -5.10 2.23
CA GLN A 34 -12.51 -5.40 0.95
C GLN A 34 -10.99 -5.26 1.05
N PRO A 35 -10.22 -5.86 0.11
CA PRO A 35 -8.82 -5.53 -0.03
C PRO A 35 -8.68 -4.11 -0.55
N ILE A 36 -7.69 -3.40 -0.03
CA ILE A 36 -7.35 -2.05 -0.43
C ILE A 36 -6.09 -2.16 -1.25
N LEU A 37 -6.24 -2.28 -2.57
CA LEU A 37 -5.11 -2.37 -3.47
C LEU A 37 -4.61 -0.97 -3.82
N ILE A 38 -3.31 -0.86 -4.08
CA ILE A 38 -2.73 0.21 -4.85
C ILE A 38 -3.44 0.16 -6.20
N GLY A 39 -4.09 1.26 -6.57
CA GLY A 39 -4.79 1.42 -7.82
C GLY A 39 -3.83 1.36 -8.98
N ALA A 40 -2.99 2.40 -9.06
CA ALA A 40 -2.06 2.66 -10.15
C ALA A 40 -0.80 3.25 -9.53
N VAL A 41 0.38 2.94 -10.08
CA VAL A 41 1.59 3.72 -9.83
C VAL A 41 1.65 4.76 -10.94
N ILE A 42 2.05 6.00 -10.61
CA ILE A 42 2.20 7.06 -11.58
C ILE A 42 3.60 6.93 -12.17
N ALA A 43 3.65 6.54 -13.44
CA ALA A 43 4.87 6.44 -14.23
C ALA A 43 5.67 7.74 -14.18
N MET A 44 7.00 7.60 -14.18
CA MET A 44 7.98 8.68 -14.16
C MET A 44 7.60 9.71 -13.08
N GLY A 45 7.74 9.30 -11.82
CA GLY A 45 7.23 10.02 -10.66
C GLY A 45 7.71 9.34 -9.39
N SER A 46 7.35 9.85 -8.21
CA SER A 46 8.01 9.45 -6.97
C SER A 46 7.97 7.95 -6.68
N ALA A 47 6.86 7.28 -6.96
CA ALA A 47 6.74 5.85 -6.71
C ALA A 47 7.54 5.07 -7.75
N ASP A 48 7.44 5.43 -9.03
CA ASP A 48 8.28 4.88 -10.12
C ASP A 48 9.78 4.99 -9.79
N ARG A 49 10.21 6.14 -9.25
CA ARG A 49 11.60 6.39 -8.86
C ARG A 49 11.98 5.70 -7.55
N ASP A 50 11.00 5.36 -6.72
CA ASP A 50 11.18 4.55 -5.52
C ASP A 50 11.27 3.06 -5.89
N GLY A 51 10.61 2.66 -6.98
CA GLY A 51 10.68 1.34 -7.60
C GLY A 51 10.10 0.20 -6.77
N ARG A 52 9.65 0.47 -5.54
CA ARG A 52 9.31 -0.54 -4.56
C ARG A 52 7.84 -0.93 -4.66
N LEU A 53 6.95 0.05 -4.83
CA LEU A 53 5.52 -0.20 -4.99
C LEU A 53 5.27 -0.88 -6.33
N HIS A 54 4.11 -1.52 -6.47
CA HIS A 54 3.51 -1.88 -7.75
C HIS A 54 2.01 -1.63 -7.67
N PRO A 55 1.35 -1.41 -8.83
CA PRO A 55 -0.09 -1.38 -8.90
C PRO A 55 -0.64 -2.78 -8.65
N GLY A 56 -1.75 -2.87 -7.94
CA GLY A 56 -2.35 -4.14 -7.54
C GLY A 56 -1.71 -4.75 -6.30
N ASP A 57 -0.69 -4.14 -5.72
CA ASP A 57 -0.19 -4.49 -4.39
C ASP A 57 -1.32 -4.24 -3.40
N GLU A 58 -1.47 -5.04 -2.34
CA GLU A 58 -2.50 -4.82 -1.32
C GLU A 58 -1.89 -4.02 -0.18
N LEU A 59 -2.56 -2.98 0.30
CA LEU A 59 -2.13 -2.12 1.39
C LEU A 59 -2.58 -2.71 2.73
N VAL A 60 -1.83 -2.37 3.77
CA VAL A 60 -2.03 -2.82 5.14
C VAL A 60 -2.03 -1.62 6.08
N TYR A 61 -1.06 -0.72 5.92
CA TYR A 61 -0.85 0.47 6.74
C TYR A 61 -0.54 1.65 5.84
N VAL A 62 -0.91 2.84 6.28
CA VAL A 62 -0.75 4.10 5.58
C VAL A 62 -0.47 5.14 6.66
N ASP A 63 0.70 5.78 6.62
CA ASP A 63 1.25 6.76 7.58
C ASP A 63 1.63 6.11 8.92
N GLY A 64 0.91 5.06 9.30
CA GLY A 64 1.15 4.16 10.41
C GLY A 64 -0.15 3.48 10.84
N ILE A 65 -1.30 4.07 10.48
CA ILE A 65 -2.65 3.61 10.76
C ILE A 65 -2.96 2.47 9.80
N PRO A 66 -3.56 1.38 10.29
CA PRO A 66 -3.99 0.28 9.43
C PRO A 66 -5.21 0.69 8.63
N VAL A 67 -5.34 0.09 7.46
CA VAL A 67 -6.48 0.28 6.58
C VAL A 67 -7.30 -1.01 6.44
N ALA A 68 -6.81 -2.13 6.97
CA ALA A 68 -7.40 -3.45 6.77
C ALA A 68 -8.72 -3.52 7.54
N GLY A 69 -9.86 -3.41 6.86
CA GLY A 69 -11.19 -3.34 7.47
C GLY A 69 -11.84 -1.97 7.37
N LYS A 70 -11.21 -0.98 6.73
CA LYS A 70 -11.79 0.34 6.45
C LYS A 70 -12.30 0.36 5.02
N THR A 71 -12.97 1.45 4.68
CA THR A 71 -13.35 1.68 3.29
C THR A 71 -12.24 2.46 2.58
N HIS A 72 -12.34 2.65 1.27
CA HIS A 72 -11.35 3.37 0.47
C HIS A 72 -11.24 4.82 0.93
N ARG A 73 -12.37 5.50 1.13
CA ARG A 73 -12.38 6.91 1.46
C ARG A 73 -11.69 7.20 2.80
N TYR A 74 -11.68 6.22 3.71
CA TYR A 74 -10.87 6.23 4.93
C TYR A 74 -9.43 6.65 4.61
N VAL A 75 -8.87 6.03 3.58
CA VAL A 75 -7.47 6.11 3.25
C VAL A 75 -7.23 7.37 2.43
N ILE A 76 -8.16 7.77 1.57
CA ILE A 76 -8.12 9.08 0.91
C ILE A 76 -7.99 10.18 1.98
N ASP A 77 -8.79 10.09 3.05
CA ASP A 77 -8.76 11.07 4.13
C ASP A 77 -7.48 11.00 4.96
N LEU A 78 -6.82 9.85 4.99
CA LEU A 78 -5.48 9.68 5.57
C LEU A 78 -4.42 10.30 4.66
N MET A 79 -4.45 10.05 3.34
CA MET A 79 -3.46 10.58 2.39
C MET A 79 -3.50 12.10 2.33
N HIS A 80 -4.63 12.70 2.66
CA HIS A 80 -4.74 14.13 2.89
C HIS A 80 -3.81 14.58 4.02
N HIS A 81 -3.90 13.88 5.16
CA HIS A 81 -3.12 14.11 6.37
C HIS A 81 -1.65 13.78 6.15
N ALA A 82 -1.32 12.61 5.61
CA ALA A 82 0.05 12.15 5.45
C ALA A 82 0.87 13.12 4.59
N ALA A 83 0.24 13.77 3.60
CA ALA A 83 0.91 14.80 2.84
C ALA A 83 1.40 15.96 3.72
N ARG A 84 0.69 16.31 4.79
CA ARG A 84 1.07 17.30 5.81
C ARG A 84 2.25 16.80 6.65
N ASN A 85 2.29 15.50 6.97
CA ASN A 85 3.44 14.88 7.63
C ASN A 85 4.70 14.94 6.75
N GLY A 86 4.55 15.28 5.48
CA GLY A 86 5.66 15.47 4.56
C GLY A 86 6.26 14.15 4.10
N GLN A 87 5.61 13.01 4.39
CA GLN A 87 6.03 11.67 4.05
C GLN A 87 4.89 10.71 4.38
N VAL A 88 4.95 9.48 3.89
CA VAL A 88 3.99 8.44 4.19
C VAL A 88 4.70 7.09 4.16
N ASN A 89 4.68 6.42 5.31
CA ASN A 89 5.02 5.01 5.42
C ASN A 89 3.80 4.20 5.03
N LEU A 90 3.79 3.69 3.82
CA LEU A 90 2.83 2.71 3.34
C LEU A 90 3.40 1.34 3.71
N THR A 91 2.59 0.36 4.05
CA THR A 91 2.99 -1.03 4.11
C THR A 91 2.06 -1.76 3.18
N VAL A 92 2.60 -2.39 2.15
CA VAL A 92 1.84 -3.29 1.28
C VAL A 92 2.15 -4.73 1.67
N ARG A 93 1.42 -5.70 1.15
CA ARG A 93 1.74 -7.11 1.28
C ARG A 93 1.20 -7.88 0.11
N ARG A 94 1.76 -9.07 -0.09
CA ARG A 94 1.21 -10.05 -1.03
C ARG A 94 1.58 -11.45 -0.59
N LYS A 95 0.62 -12.35 -0.62
CA LYS A 95 0.80 -13.78 -0.44
C LYS A 95 1.69 -14.35 -1.54
N VAL A 96 2.57 -15.27 -1.13
CA VAL A 96 3.68 -15.79 -1.94
C VAL A 96 3.40 -17.29 -2.20
N LEU A 97 2.25 -17.61 -2.80
CA LEU A 97 1.81 -18.95 -3.18
C LEU A 97 1.84 -20.01 -2.05
N SER A 98 2.00 -19.64 -0.77
CA SER A 98 1.76 -20.60 0.30
C SER A 98 0.27 -20.94 0.30
N GLY A 99 -0.05 -22.16 0.71
CA GLY A 99 -1.40 -22.69 0.68
C GLY A 99 -1.31 -24.11 0.17
N PRO A 100 -1.41 -25.12 1.04
CA PRO A 100 -1.66 -26.48 0.60
C PRO A 100 -3.07 -26.59 0.01
N SER A 101 -3.38 -27.75 -0.56
CA SER A 101 -4.70 -28.12 -1.02
C SER A 101 -5.18 -29.39 -0.30
N SER A 102 -6.46 -29.71 -0.45
CA SER A 102 -7.00 -31.02 -0.15
C SER A 102 -6.74 -32.00 -1.31
N GLY A 103 -6.50 -31.47 -2.52
CA GLY A 103 -6.12 -32.19 -3.71
C GLY A 103 -6.07 -31.17 -4.82
N GLY A 1 2.58 -14.68 20.16
CA GLY A 1 2.25 -13.50 19.35
C GLY A 1 2.67 -13.72 17.91
N SER A 2 3.98 -13.68 17.68
CA SER A 2 4.63 -13.97 16.42
C SER A 2 5.59 -15.14 16.67
N SER A 3 5.13 -16.31 16.28
CA SER A 3 5.91 -17.49 15.97
C SER A 3 5.25 -18.15 14.76
N GLY A 4 5.93 -19.10 14.11
CA GLY A 4 5.41 -19.86 13.00
C GLY A 4 5.90 -19.30 11.67
N SER A 5 5.73 -20.07 10.59
CA SER A 5 5.93 -19.56 9.24
C SER A 5 4.71 -18.72 8.84
N SER A 6 4.94 -17.73 7.99
CA SER A 6 3.95 -16.81 7.45
C SER A 6 4.19 -16.76 5.94
N GLY A 7 3.20 -17.20 5.15
CA GLY A 7 3.28 -17.39 3.72
C GLY A 7 3.47 -16.11 2.95
N TYR A 8 2.47 -15.22 2.97
CA TYR A 8 2.65 -13.90 2.39
C TYR A 8 3.67 -13.14 3.19
N LYS A 9 4.34 -12.19 2.53
CA LYS A 9 5.20 -11.24 3.20
C LYS A 9 4.57 -9.87 3.09
N GLU A 10 4.76 -9.07 4.14
CA GLU A 10 4.51 -7.64 4.10
C GLU A 10 5.78 -7.00 3.54
N LEU A 11 5.64 -5.79 3.01
CA LEU A 11 6.70 -4.96 2.48
C LEU A 11 6.56 -3.59 3.13
N ASP A 12 7.66 -2.95 3.51
CA ASP A 12 7.71 -1.59 4.02
C ASP A 12 8.15 -0.68 2.89
N VAL A 13 7.35 0.35 2.59
CA VAL A 13 7.70 1.43 1.66
C VAL A 13 7.52 2.77 2.38
N HIS A 14 8.40 3.74 2.10
CA HIS A 14 8.42 5.06 2.73
C HIS A 14 8.50 6.07 1.60
N LEU A 15 7.60 7.04 1.55
CA LEU A 15 7.50 7.99 0.45
C LEU A 15 7.57 9.43 0.97
N ARG A 16 7.81 10.40 0.09
CA ARG A 16 8.02 11.79 0.47
C ARG A 16 7.19 12.73 -0.41
N ARG A 17 6.96 13.96 0.06
CA ARG A 17 6.05 14.92 -0.55
C ARG A 17 6.76 16.25 -0.82
N MET A 18 7.43 16.33 -1.97
CA MET A 18 7.98 17.59 -2.49
C MET A 18 7.81 17.69 -4.01
N GLU A 19 7.54 16.57 -4.68
CA GLU A 19 7.15 16.54 -6.09
C GLU A 19 5.61 16.57 -6.11
N SER A 20 4.97 15.66 -6.81
CA SER A 20 3.51 15.58 -6.91
C SER A 20 2.84 15.20 -5.59
N GLY A 21 3.62 14.85 -4.56
CA GLY A 21 3.07 14.21 -3.37
C GLY A 21 2.61 12.81 -3.74
N PHE A 22 3.60 11.95 -3.94
CA PHE A 22 3.50 10.52 -4.17
C PHE A 22 3.02 10.20 -5.60
N GLY A 23 3.36 9.00 -6.08
CA GLY A 23 3.14 8.58 -7.46
C GLY A 23 2.34 7.28 -7.51
N PHE A 24 1.38 7.09 -6.61
CA PHE A 24 0.50 5.94 -6.63
C PHE A 24 -0.94 6.42 -6.51
N ARG A 25 -1.87 5.51 -6.79
CA ARG A 25 -3.30 5.67 -6.62
C ARG A 25 -3.79 4.54 -5.72
N ILE A 26 -4.99 4.64 -5.18
CA ILE A 26 -5.52 3.71 -4.19
C ILE A 26 -6.93 3.39 -4.64
N LEU A 27 -7.22 2.11 -4.78
CA LEU A 27 -8.47 1.57 -5.31
C LEU A 27 -8.94 0.45 -4.37
N GLY A 28 -10.06 -0.18 -4.70
CA GLY A 28 -10.75 -1.09 -3.81
C GLY A 28 -11.43 -0.31 -2.68
N GLY A 29 -11.81 -1.00 -1.60
CA GLY A 29 -12.33 -0.38 -0.39
C GLY A 29 -13.67 0.32 -0.58
N ASP A 30 -14.44 0.01 -1.63
CA ASP A 30 -15.78 0.58 -1.83
C ASP A 30 -16.62 0.32 -0.60
N GLU A 31 -16.81 -0.96 -0.27
CA GLU A 31 -17.53 -1.37 0.93
C GLU A 31 -16.53 -1.43 2.10
N PRO A 32 -17.00 -1.42 3.35
CA PRO A 32 -16.17 -1.48 4.54
C PRO A 32 -15.79 -2.94 4.81
N GLY A 33 -14.52 -3.27 4.57
CA GLY A 33 -13.94 -4.58 4.82
C GLY A 33 -13.39 -5.25 3.57
N GLN A 34 -13.59 -4.64 2.40
CA GLN A 34 -13.02 -5.05 1.13
C GLN A 34 -11.49 -4.93 1.14
N PRO A 35 -10.81 -5.57 0.18
CA PRO A 35 -9.38 -5.37 -0.01
C PRO A 35 -9.13 -3.99 -0.60
N ILE A 36 -8.09 -3.31 -0.15
CA ILE A 36 -7.61 -2.04 -0.67
C ILE A 36 -6.30 -2.37 -1.35
N LEU A 37 -6.26 -2.37 -2.68
CA LEU A 37 -5.01 -2.51 -3.42
C LEU A 37 -4.54 -1.14 -3.88
N ILE A 38 -3.24 -1.03 -4.07
CA ILE A 38 -2.60 -0.01 -4.86
C ILE A 38 -3.29 -0.03 -6.24
N GLY A 39 -3.53 1.15 -6.79
CA GLY A 39 -4.15 1.33 -8.08
C GLY A 39 -3.13 1.16 -9.18
N ALA A 40 -3.01 2.18 -10.01
CA ALA A 40 -2.09 2.30 -11.13
C ALA A 40 -0.86 3.05 -10.63
N VAL A 41 0.32 2.43 -10.61
CA VAL A 41 1.53 3.12 -10.15
C VAL A 41 1.94 4.06 -11.28
N ILE A 42 2.07 5.36 -10.97
CA ILE A 42 2.51 6.36 -11.90
C ILE A 42 3.95 6.03 -12.25
N ALA A 43 4.16 5.46 -13.44
CA ALA A 43 5.49 5.18 -13.95
C ALA A 43 6.25 6.48 -14.13
N MET A 44 7.57 6.37 -14.03
CA MET A 44 8.53 7.47 -14.06
C MET A 44 8.11 8.60 -13.10
N GLY A 45 7.66 8.23 -11.90
CA GLY A 45 6.97 9.09 -10.95
C GLY A 45 7.35 8.77 -9.52
N SER A 46 6.82 9.51 -8.56
CA SER A 46 7.33 9.56 -7.19
C SER A 46 7.14 8.30 -6.35
N ALA A 47 6.40 7.30 -6.83
CA ALA A 47 6.39 5.94 -6.29
C ALA A 47 7.36 5.05 -7.09
N ASP A 48 7.21 5.03 -8.41
CA ASP A 48 8.08 4.33 -9.36
C ASP A 48 9.57 4.53 -9.04
N ARG A 49 10.00 5.76 -8.79
CA ARG A 49 11.36 6.11 -8.41
C ARG A 49 11.81 5.46 -7.10
N ASP A 50 10.91 5.34 -6.11
CA ASP A 50 11.19 4.63 -4.86
C ASP A 50 11.48 3.16 -5.14
N GLY A 51 10.86 2.58 -6.15
CA GLY A 51 11.32 1.35 -6.78
C GLY A 51 10.91 0.11 -6.00
N ARG A 52 9.77 0.13 -5.31
CA ARG A 52 9.28 -1.03 -4.55
C ARG A 52 7.80 -1.33 -4.83
N LEU A 53 6.95 -0.32 -4.85
CA LEU A 53 5.53 -0.48 -5.16
C LEU A 53 5.35 -1.04 -6.57
N HIS A 54 4.34 -1.88 -6.76
CA HIS A 54 3.77 -2.21 -8.06
C HIS A 54 2.25 -2.09 -7.97
N PRO A 55 1.57 -1.94 -9.12
CA PRO A 55 0.13 -1.81 -9.16
C PRO A 55 -0.53 -3.11 -8.68
N GLY A 56 -1.68 -2.96 -8.01
CA GLY A 56 -2.41 -4.10 -7.47
C GLY A 56 -1.78 -4.70 -6.22
N ASP A 57 -0.73 -4.10 -5.65
CA ASP A 57 -0.14 -4.55 -4.38
C ASP A 57 -1.13 -4.24 -3.27
N GLU A 58 -1.50 -5.24 -2.46
CA GLU A 58 -2.53 -5.01 -1.45
C GLU A 58 -1.96 -4.17 -0.33
N LEU A 59 -2.60 -3.05 -0.02
CA LEU A 59 -2.23 -2.19 1.09
C LEU A 59 -2.75 -2.76 2.40
N VAL A 60 -2.04 -2.47 3.48
CA VAL A 60 -2.32 -2.89 4.85
C VAL A 60 -2.25 -1.68 5.78
N TYR A 61 -1.21 -0.85 5.65
CA TYR A 61 -1.01 0.34 6.47
C TYR A 61 -0.72 1.55 5.58
N VAL A 62 -1.19 2.71 6.01
CA VAL A 62 -0.98 4.00 5.36
C VAL A 62 -0.72 5.02 6.47
N ASP A 63 0.36 5.78 6.32
CA ASP A 63 0.94 6.70 7.28
C ASP A 63 1.21 6.06 8.65
N GLY A 64 1.25 4.72 8.69
CA GLY A 64 1.44 3.89 9.87
C GLY A 64 0.12 3.33 10.42
N ILE A 65 -1.03 3.83 9.97
CA ILE A 65 -2.36 3.44 10.43
C ILE A 65 -2.86 2.28 9.57
N PRO A 66 -3.39 1.21 10.17
CA PRO A 66 -3.93 0.08 9.44
C PRO A 66 -5.23 0.49 8.75
N VAL A 67 -5.26 0.46 7.42
CA VAL A 67 -6.47 0.69 6.64
C VAL A 67 -7.44 -0.50 6.70
N ALA A 68 -7.01 -1.62 7.32
CA ALA A 68 -7.70 -2.89 7.32
C ALA A 68 -9.09 -2.75 7.95
N GLY A 69 -10.14 -2.96 7.16
CA GLY A 69 -11.54 -2.89 7.58
C GLY A 69 -12.22 -1.59 7.17
N LYS A 70 -11.46 -0.57 6.78
CA LYS A 70 -11.95 0.77 6.50
C LYS A 70 -12.24 0.94 5.01
N THR A 71 -12.87 2.03 4.65
CA THR A 71 -13.27 2.32 3.28
C THR A 71 -12.12 2.98 2.50
N HIS A 72 -12.30 3.14 1.19
CA HIS A 72 -11.49 3.99 0.31
C HIS A 72 -11.31 5.35 0.97
N ARG A 73 -12.42 6.00 1.34
CA ARG A 73 -12.40 7.32 1.91
C ARG A 73 -11.51 7.43 3.14
N TYR A 74 -11.48 6.42 3.99
CA TYR A 74 -10.63 6.40 5.18
C TYR A 74 -9.18 6.64 4.78
N VAL A 75 -8.73 5.98 3.71
CA VAL A 75 -7.38 6.15 3.21
C VAL A 75 -7.23 7.52 2.57
N ILE A 76 -8.22 7.99 1.81
CA ILE A 76 -8.20 9.32 1.21
C ILE A 76 -8.00 10.39 2.29
N ASP A 77 -8.68 10.29 3.43
CA ASP A 77 -8.51 11.15 4.59
C ASP A 77 -7.08 11.03 5.14
N LEU A 78 -6.55 9.81 5.27
CA LEU A 78 -5.23 9.57 5.86
C LEU A 78 -4.11 10.11 4.98
N MET A 79 -4.15 9.85 3.66
CA MET A 79 -3.22 10.41 2.70
C MET A 79 -3.18 11.92 2.82
N HIS A 80 -4.33 12.53 3.11
CA HIS A 80 -4.45 13.98 3.24
C HIS A 80 -3.86 14.48 4.56
N HIS A 81 -3.66 13.62 5.56
CA HIS A 81 -2.98 13.90 6.83
C HIS A 81 -1.48 13.72 6.64
N ALA A 82 -1.08 12.59 6.06
CA ALA A 82 0.28 12.33 5.62
C ALA A 82 0.80 13.51 4.81
N ALA A 83 -0.03 14.04 3.90
CA ALA A 83 0.28 15.22 3.09
C ALA A 83 0.81 16.40 3.92
N ARG A 84 0.31 16.62 5.14
CA ARG A 84 0.82 17.67 6.02
C ARG A 84 2.23 17.35 6.50
N ASN A 85 2.51 16.08 6.82
CA ASN A 85 3.77 15.63 7.39
C ASN A 85 4.92 15.66 6.40
N GLY A 86 4.65 15.81 5.10
CA GLY A 86 5.71 15.85 4.09
C GLY A 86 6.24 14.46 3.70
N GLN A 87 5.65 13.38 4.20
CA GLN A 87 5.96 12.00 3.84
C GLN A 87 4.67 11.17 3.83
N VAL A 88 4.76 9.89 3.50
CA VAL A 88 3.74 8.91 3.79
C VAL A 88 4.41 7.55 3.92
N ASN A 89 4.13 6.85 5.02
CA ASN A 89 4.61 5.49 5.23
C ASN A 89 3.59 4.54 4.63
N LEU A 90 3.97 3.45 3.95
CA LEU A 90 3.04 2.56 3.25
C LEU A 90 3.50 1.13 3.48
N THR A 91 2.63 0.25 3.98
CA THR A 91 2.93 -1.17 4.06
C THR A 91 1.94 -1.89 3.16
N VAL A 92 2.42 -2.51 2.10
CA VAL A 92 1.66 -3.44 1.27
C VAL A 92 2.02 -4.87 1.70
N ARG A 93 1.28 -5.88 1.25
CA ARG A 93 1.62 -7.29 1.43
C ARG A 93 1.18 -8.07 0.21
N ARG A 94 1.84 -9.19 -0.09
CA ARG A 94 1.46 -10.13 -1.16
C ARG A 94 1.94 -11.52 -0.80
N LYS A 95 1.15 -12.54 -1.14
CA LYS A 95 1.53 -13.94 -1.07
C LYS A 95 2.86 -14.16 -1.74
N VAL A 96 3.65 -15.02 -1.13
CA VAL A 96 4.85 -15.58 -1.74
C VAL A 96 4.38 -16.86 -2.44
N LEU A 97 5.09 -17.32 -3.46
CA LEU A 97 4.75 -18.55 -4.18
C LEU A 97 6.04 -19.08 -4.76
N SER A 98 6.35 -20.37 -4.56
CA SER A 98 7.52 -21.00 -5.16
C SER A 98 7.41 -21.09 -6.68
N GLY A 99 6.38 -21.76 -7.21
CA GLY A 99 6.33 -22.07 -8.63
C GLY A 99 5.11 -22.92 -8.96
N PRO A 100 5.06 -23.48 -10.18
CA PRO A 100 4.07 -24.47 -10.59
C PRO A 100 3.86 -25.57 -9.55
N SER A 101 2.66 -26.14 -9.52
CA SER A 101 2.31 -27.31 -8.74
C SER A 101 1.06 -27.96 -9.32
N SER A 102 0.64 -29.09 -8.75
CA SER A 102 -0.73 -29.55 -8.69
C SER A 102 -0.89 -30.31 -7.36
N GLY A 103 -1.95 -31.10 -7.25
CA GLY A 103 -2.74 -31.27 -6.05
C GLY A 103 -4.09 -30.69 -6.43
N GLY A 1 4.01 -10.16 15.91
CA GLY A 1 4.21 -11.52 15.41
C GLY A 1 5.64 -11.71 14.94
N SER A 2 6.18 -12.88 15.21
CA SER A 2 7.46 -13.41 14.78
C SER A 2 7.17 -14.91 14.67
N SER A 3 7.32 -15.50 13.48
CA SER A 3 6.79 -16.82 13.12
C SER A 3 5.24 -16.86 13.17
N GLY A 4 4.64 -17.96 12.70
CA GLY A 4 3.21 -18.24 12.82
C GLY A 4 2.57 -18.45 11.46
N SER A 5 1.86 -17.44 10.94
CA SER A 5 1.37 -17.41 9.56
C SER A 5 2.48 -16.99 8.59
N SER A 6 3.62 -17.67 8.66
CA SER A 6 4.64 -17.58 7.63
C SER A 6 4.04 -18.00 6.28
N GLY A 7 4.40 -17.31 5.20
CA GLY A 7 3.88 -17.55 3.87
C GLY A 7 3.74 -16.26 3.09
N TYR A 8 2.76 -15.41 3.43
CA TYR A 8 2.76 -14.06 2.87
C TYR A 8 3.89 -13.26 3.47
N LYS A 9 4.23 -12.17 2.77
CA LYS A 9 5.14 -11.17 3.30
C LYS A 9 4.50 -9.81 3.21
N GLU A 10 4.67 -9.04 4.28
CA GLU A 10 4.50 -7.60 4.30
C GLU A 10 5.81 -7.00 3.77
N LEU A 11 5.70 -5.83 3.16
CA LEU A 11 6.77 -4.97 2.73
C LEU A 11 6.36 -3.57 3.19
N ASP A 12 7.32 -2.67 3.38
CA ASP A 12 7.11 -1.33 3.85
C ASP A 12 7.86 -0.37 2.95
N VAL A 13 7.13 0.58 2.37
CA VAL A 13 7.60 1.67 1.52
C VAL A 13 7.63 2.93 2.41
N HIS A 14 8.53 3.87 2.12
CA HIS A 14 8.52 5.22 2.67
C HIS A 14 8.62 6.21 1.50
N LEU A 15 7.64 7.10 1.35
CA LEU A 15 7.67 8.16 0.35
C LEU A 15 7.62 9.48 1.11
N ARG A 16 8.60 10.36 0.89
CA ARG A 16 8.50 11.75 1.33
C ARG A 16 7.90 12.61 0.22
N ARG A 17 7.25 13.70 0.62
CA ARG A 17 6.56 14.66 -0.23
C ARG A 17 7.25 15.99 0.02
N MET A 18 8.22 16.33 -0.80
CA MET A 18 8.84 17.65 -0.82
C MET A 18 8.76 18.26 -2.21
N GLU A 19 8.44 17.46 -3.24
CA GLU A 19 8.41 17.87 -4.64
C GLU A 19 7.12 17.26 -5.22
N SER A 20 7.21 16.30 -6.13
CA SER A 20 6.06 15.78 -6.87
C SER A 20 5.02 15.07 -5.98
N GLY A 21 5.40 14.64 -4.77
CA GLY A 21 4.51 13.93 -3.88
C GLY A 21 4.29 12.48 -4.30
N PHE A 22 3.37 11.81 -3.59
CA PHE A 22 3.26 10.35 -3.61
C PHE A 22 2.69 9.90 -4.95
N GLY A 23 3.51 9.21 -5.77
CA GLY A 23 3.17 8.85 -7.15
C GLY A 23 2.34 7.58 -7.29
N PHE A 24 1.27 7.41 -6.50
CA PHE A 24 0.37 6.27 -6.60
C PHE A 24 -1.08 6.74 -6.53
N ARG A 25 -2.00 5.87 -6.94
CA ARG A 25 -3.45 6.00 -6.80
C ARG A 25 -3.95 4.81 -5.98
N ILE A 26 -5.11 4.94 -5.34
CA ILE A 26 -5.64 3.96 -4.39
C ILE A 26 -7.01 3.55 -4.93
N LEU A 27 -7.35 2.25 -4.94
CA LEU A 27 -8.61 1.72 -5.44
C LEU A 27 -9.01 0.55 -4.53
N GLY A 28 -10.13 -0.11 -4.81
CA GLY A 28 -10.63 -1.18 -3.97
C GLY A 28 -11.25 -0.60 -2.70
N GLY A 29 -11.28 -1.40 -1.62
CA GLY A 29 -11.82 -0.99 -0.31
C GLY A 29 -13.24 -0.43 -0.42
N ASP A 30 -14.02 -0.97 -1.35
CA ASP A 30 -15.29 -0.37 -1.73
C ASP A 30 -16.33 -0.59 -0.64
N GLU A 31 -16.41 -1.83 -0.14
CA GLU A 31 -17.19 -2.18 1.05
C GLU A 31 -16.22 -2.37 2.23
N PRO A 32 -16.71 -2.25 3.47
CA PRO A 32 -15.91 -2.40 4.67
C PRO A 32 -15.58 -3.88 4.83
N GLY A 33 -14.39 -4.23 4.34
CA GLY A 33 -13.86 -5.57 4.31
C GLY A 33 -13.03 -5.81 3.05
N GLN A 34 -13.28 -5.09 1.96
CA GLN A 34 -12.66 -5.39 0.68
C GLN A 34 -11.18 -5.00 0.63
N PRO A 35 -10.37 -5.73 -0.17
CA PRO A 35 -8.93 -5.52 -0.25
C PRO A 35 -8.66 -4.19 -0.94
N ILE A 36 -7.55 -3.55 -0.57
CA ILE A 36 -7.13 -2.25 -1.07
C ILE A 36 -5.87 -2.51 -1.88
N LEU A 37 -6.05 -2.79 -3.16
CA LEU A 37 -4.97 -3.14 -4.09
C LEU A 37 -4.55 -1.84 -4.76
N ILE A 38 -3.25 -1.49 -4.71
CA ILE A 38 -2.68 -0.23 -5.21
C ILE A 38 -3.31 0.05 -6.57
N GLY A 39 -3.99 1.18 -6.65
CA GLY A 39 -4.80 1.57 -7.79
C GLY A 39 -3.97 1.65 -9.06
N ALA A 40 -2.93 2.47 -9.01
CA ALA A 40 -1.98 2.66 -10.09
C ALA A 40 -0.67 3.13 -9.47
N VAL A 41 0.47 2.86 -10.12
CA VAL A 41 1.73 3.52 -9.82
C VAL A 41 2.06 4.36 -11.03
N ILE A 42 2.01 5.68 -10.84
CA ILE A 42 2.16 6.71 -11.86
C ILE A 42 3.48 6.48 -12.59
N ALA A 43 3.41 6.23 -13.90
CA ALA A 43 4.57 5.93 -14.73
C ALA A 43 5.65 6.97 -14.55
N MET A 44 6.85 6.53 -14.19
CA MET A 44 8.07 7.32 -13.96
C MET A 44 7.88 8.57 -13.10
N GLY A 45 6.80 8.61 -12.31
CA GLY A 45 6.59 9.54 -11.22
C GLY A 45 7.39 9.08 -10.01
N SER A 46 7.19 9.75 -8.87
CA SER A 46 8.01 9.51 -7.69
C SER A 46 7.97 8.07 -7.19
N ALA A 47 6.84 7.36 -7.19
CA ALA A 47 6.80 5.99 -6.63
C ALA A 47 7.46 4.97 -7.58
N ASP A 48 7.43 5.24 -8.88
CA ASP A 48 8.14 4.46 -9.90
C ASP A 48 9.65 4.65 -9.72
N ARG A 49 10.10 5.91 -9.56
CA ARG A 49 11.49 6.23 -9.26
C ARG A 49 11.92 5.63 -7.93
N ASP A 50 11.05 5.66 -6.93
CA ASP A 50 11.26 5.05 -5.61
C ASP A 50 11.39 3.53 -5.68
N GLY A 51 10.86 2.92 -6.74
CA GLY A 51 11.09 1.53 -7.13
C GLY A 51 10.52 0.52 -6.14
N ARG A 52 9.55 0.94 -5.33
CA ARG A 52 9.14 0.25 -4.11
C ARG A 52 7.66 -0.14 -4.11
N LEU A 53 6.83 0.38 -5.01
CA LEU A 53 5.42 0.03 -5.12
C LEU A 53 5.19 -0.55 -6.51
N HIS A 54 4.20 -1.43 -6.61
CA HIS A 54 3.61 -1.85 -7.89
C HIS A 54 2.09 -1.79 -7.78
N PRO A 55 1.39 -1.52 -8.90
CA PRO A 55 -0.05 -1.57 -8.93
C PRO A 55 -0.48 -3.02 -8.71
N GLY A 56 -1.48 -3.22 -7.85
CA GLY A 56 -1.95 -4.54 -7.46
C GLY A 56 -1.23 -5.12 -6.23
N ASP A 57 -0.28 -4.41 -5.60
CA ASP A 57 0.12 -4.74 -4.23
C ASP A 57 -1.08 -4.49 -3.32
N GLU A 58 -1.37 -5.32 -2.32
CA GLU A 58 -2.42 -5.05 -1.34
C GLU A 58 -1.84 -4.17 -0.22
N LEU A 59 -2.47 -3.05 0.11
CA LEU A 59 -2.10 -2.24 1.27
C LEU A 59 -2.52 -2.95 2.55
N VAL A 60 -1.87 -2.56 3.65
CA VAL A 60 -2.13 -3.00 5.01
C VAL A 60 -2.24 -1.75 5.89
N TYR A 61 -1.22 -0.89 5.84
CA TYR A 61 -1.09 0.31 6.66
C TYR A 61 -0.73 1.48 5.77
N VAL A 62 -1.18 2.66 6.17
CA VAL A 62 -0.91 3.93 5.51
C VAL A 62 -0.65 4.92 6.63
N ASP A 63 0.54 5.54 6.62
CA ASP A 63 1.12 6.36 7.69
C ASP A 63 1.39 5.54 8.98
N GLY A 64 1.02 4.26 8.96
CA GLY A 64 1.02 3.33 10.07
C GLY A 64 -0.39 2.98 10.54
N ILE A 65 -1.43 3.58 9.97
CA ILE A 65 -2.79 3.39 10.42
C ILE A 65 -3.37 2.29 9.52
N PRO A 66 -3.91 1.22 10.10
CA PRO A 66 -4.37 0.06 9.36
C PRO A 66 -5.62 0.45 8.58
N VAL A 67 -5.59 0.18 7.28
CA VAL A 67 -6.72 0.40 6.39
C VAL A 67 -7.60 -0.85 6.31
N ALA A 68 -7.21 -1.93 6.98
CA ALA A 68 -7.81 -3.24 6.84
C ALA A 68 -9.24 -3.24 7.39
N GLY A 69 -10.20 -3.55 6.53
CA GLY A 69 -11.62 -3.58 6.85
C GLY A 69 -12.26 -2.20 6.83
N LYS A 70 -11.46 -1.14 6.78
CA LYS A 70 -11.89 0.22 6.46
C LYS A 70 -12.07 0.32 4.95
N THR A 71 -12.52 1.47 4.47
CA THR A 71 -12.88 1.68 3.09
C THR A 71 -11.80 2.50 2.37
N HIS A 72 -11.94 2.71 1.06
CA HIS A 72 -11.13 3.62 0.27
C HIS A 72 -11.09 5.01 0.91
N ARG A 73 -12.25 5.56 1.27
CA ARG A 73 -12.36 6.88 1.89
C ARG A 73 -11.51 7.00 3.17
N TYR A 74 -11.37 5.94 3.95
CA TYR A 74 -10.50 5.92 5.12
C TYR A 74 -9.09 6.38 4.70
N VAL A 75 -8.55 5.78 3.64
CA VAL A 75 -7.23 6.07 3.14
C VAL A 75 -7.16 7.48 2.54
N ILE A 76 -8.17 7.93 1.80
CA ILE A 76 -8.22 9.29 1.25
C ILE A 76 -7.94 10.34 2.33
N ASP A 77 -8.51 10.16 3.51
CA ASP A 77 -8.31 11.07 4.63
C ASP A 77 -6.90 10.94 5.20
N LEU A 78 -6.36 9.71 5.28
CA LEU A 78 -4.97 9.47 5.65
C LEU A 78 -4.03 10.20 4.70
N MET A 79 -4.20 10.05 3.39
CA MET A 79 -3.34 10.69 2.42
C MET A 79 -3.36 12.21 2.57
N HIS A 80 -4.53 12.80 2.84
CA HIS A 80 -4.63 14.25 3.02
C HIS A 80 -3.88 14.71 4.28
N HIS A 81 -3.83 13.87 5.32
CA HIS A 81 -3.03 14.08 6.52
C HIS A 81 -1.53 13.92 6.23
N ALA A 82 -1.14 12.75 5.71
CA ALA A 82 0.25 12.38 5.52
C ALA A 82 0.94 13.30 4.51
N ALA A 83 0.20 13.88 3.55
CA ALA A 83 0.74 14.94 2.72
C ALA A 83 1.24 16.12 3.56
N ARG A 84 0.55 16.47 4.66
CA ARG A 84 0.98 17.51 5.58
C ARG A 84 2.16 17.07 6.43
N ASN A 85 2.23 15.79 6.85
CA ASN A 85 3.41 15.22 7.52
C ASN A 85 4.65 15.40 6.63
N GLY A 86 4.45 15.50 5.32
CA GLY A 86 5.52 15.59 4.35
C GLY A 86 6.11 14.21 4.05
N GLN A 87 5.50 13.13 4.51
CA GLN A 87 5.85 11.76 4.13
C GLN A 87 4.69 10.86 4.46
N VAL A 88 4.72 9.65 3.91
CA VAL A 88 3.82 8.58 4.25
C VAL A 88 4.62 7.30 4.17
N ASN A 89 4.59 6.50 5.23
CA ASN A 89 4.94 5.09 5.18
C ASN A 89 3.72 4.32 4.64
N LEU A 90 3.91 3.33 3.77
CA LEU A 90 2.83 2.56 3.14
C LEU A 90 3.28 1.11 3.24
N THR A 91 2.69 0.33 4.13
CA THR A 91 2.98 -1.10 4.24
C THR A 91 2.01 -1.83 3.33
N VAL A 92 2.53 -2.57 2.36
CA VAL A 92 1.77 -3.45 1.51
C VAL A 92 2.07 -4.89 1.94
N ARG A 93 1.33 -5.88 1.42
CA ARG A 93 1.68 -7.28 1.55
C ARG A 93 1.15 -8.03 0.35
N ARG A 94 1.60 -9.27 0.15
CA ARG A 94 0.93 -10.24 -0.70
C ARG A 94 1.32 -11.63 -0.24
N LYS A 95 0.38 -12.57 -0.39
CA LYS A 95 0.60 -13.99 -0.25
C LYS A 95 1.60 -14.49 -1.28
N VAL A 96 2.12 -15.68 -1.02
CA VAL A 96 3.10 -16.39 -1.81
C VAL A 96 2.62 -17.81 -2.10
N LEU A 97 3.28 -18.42 -3.06
CA LEU A 97 3.06 -19.71 -3.67
C LEU A 97 4.35 -19.98 -4.48
N SER A 98 4.39 -21.00 -5.33
CA SER A 98 5.27 -20.99 -6.50
C SER A 98 4.85 -19.84 -7.44
N GLY A 99 5.64 -19.60 -8.50
CA GLY A 99 5.25 -18.71 -9.58
C GLY A 99 4.11 -19.32 -10.41
N PRO A 100 3.67 -18.62 -11.47
CA PRO A 100 2.73 -19.16 -12.43
C PRO A 100 3.39 -20.26 -13.28
N SER A 101 2.57 -20.98 -14.05
CA SER A 101 2.94 -22.07 -14.94
C SER A 101 3.31 -23.31 -14.12
N SER A 102 2.26 -24.03 -13.74
CA SER A 102 2.28 -25.30 -13.03
C SER A 102 1.27 -26.23 -13.72
N GLY A 103 1.20 -27.49 -13.30
CA GLY A 103 0.61 -28.55 -14.11
C GLY A 103 1.68 -28.96 -15.10
N GLY A 1 5.58 -17.50 19.73
CA GLY A 1 4.61 -16.99 18.77
C GLY A 1 3.26 -17.68 18.97
N SER A 2 2.15 -16.94 18.81
CA SER A 2 0.86 -17.59 18.61
C SER A 2 0.89 -18.34 17.26
N SER A 3 -0.13 -19.16 17.01
CA SER A 3 -0.40 -19.63 15.66
C SER A 3 -0.95 -18.45 14.82
N GLY A 4 -1.07 -18.65 13.51
CA GLY A 4 -1.49 -17.64 12.56
C GLY A 4 -1.18 -18.14 11.15
N SER A 5 -1.06 -17.22 10.18
CA SER A 5 -0.57 -17.51 8.85
C SER A 5 0.79 -16.84 8.68
N SER A 6 1.85 -17.61 8.80
CA SER A 6 3.04 -17.39 7.98
C SER A 6 2.67 -17.76 6.54
N GLY A 7 3.37 -17.20 5.55
CA GLY A 7 3.15 -17.49 4.14
C GLY A 7 2.96 -16.28 3.25
N TYR A 8 2.84 -15.07 3.81
CA TYR A 8 2.93 -13.85 3.03
C TYR A 8 4.10 -13.02 3.56
N LYS A 9 4.43 -11.96 2.84
CA LYS A 9 5.46 -11.02 3.22
C LYS A 9 4.83 -9.64 3.13
N GLU A 10 4.99 -8.87 4.20
CA GLU A 10 4.71 -7.45 4.20
C GLU A 10 5.97 -6.76 3.67
N LEU A 11 5.77 -5.66 2.97
CA LEU A 11 6.83 -4.80 2.45
C LEU A 11 6.49 -3.41 2.95
N ASP A 12 7.36 -2.83 3.78
CA ASP A 12 7.26 -1.44 4.18
C ASP A 12 7.93 -0.58 3.11
N VAL A 13 7.21 0.47 2.70
CA VAL A 13 7.61 1.41 1.67
C VAL A 13 7.33 2.81 2.19
N HIS A 14 8.29 3.72 2.11
CA HIS A 14 8.25 5.01 2.77
C HIS A 14 8.50 6.07 1.70
N LEU A 15 7.55 7.01 1.55
CA LEU A 15 7.65 8.06 0.54
C LEU A 15 7.65 9.41 1.21
N ARG A 16 8.67 10.22 0.99
CA ARG A 16 8.68 11.63 1.39
C ARG A 16 7.79 12.44 0.45
N ARG A 17 7.34 13.60 0.93
CA ARG A 17 6.68 14.63 0.15
C ARG A 17 7.49 15.89 0.43
N MET A 18 8.53 16.11 -0.37
CA MET A 18 9.30 17.34 -0.32
C MET A 18 9.75 17.81 -1.71
N GLU A 19 9.61 16.95 -2.72
CA GLU A 19 10.12 17.15 -4.06
C GLU A 19 9.00 16.80 -5.03
N SER A 20 8.64 15.52 -5.20
CA SER A 20 7.68 15.05 -6.20
C SER A 20 6.44 14.36 -5.62
N GLY A 21 6.31 14.24 -4.29
CA GLY A 21 5.07 13.76 -3.68
C GLY A 21 4.86 12.25 -3.89
N PHE A 22 3.60 11.80 -3.81
CA PHE A 22 3.26 10.38 -3.76
C PHE A 22 2.59 9.94 -5.08
N GLY A 23 3.33 9.22 -5.93
CA GLY A 23 2.97 8.86 -7.29
C GLY A 23 2.11 7.59 -7.41
N PHE A 24 1.12 7.39 -6.54
CA PHE A 24 0.29 6.19 -6.56
C PHE A 24 -1.20 6.56 -6.48
N ARG A 25 -2.06 5.73 -7.06
CA ARG A 25 -3.52 5.79 -6.94
C ARG A 25 -3.98 4.71 -5.98
N ILE A 26 -5.18 4.83 -5.43
CA ILE A 26 -5.78 3.81 -4.60
C ILE A 26 -7.27 3.78 -4.90
N LEU A 27 -7.80 2.57 -4.98
CA LEU A 27 -9.15 2.22 -5.36
C LEU A 27 -9.49 0.94 -4.59
N GLY A 28 -10.77 0.60 -4.50
CA GLY A 28 -11.22 -0.53 -3.72
C GLY A 28 -11.21 -0.20 -2.22
N GLY A 29 -11.69 -1.14 -1.41
CA GLY A 29 -12.33 -0.74 -0.16
C GLY A 29 -13.63 -0.03 -0.51
N ASP A 30 -14.31 -0.52 -1.56
CA ASP A 30 -15.61 -0.01 -1.99
C ASP A 30 -16.69 -0.35 -0.97
N GLU A 31 -16.48 -1.43 -0.21
CA GLU A 31 -17.25 -1.79 0.97
C GLU A 31 -16.26 -1.87 2.14
N PRO A 32 -16.74 -1.78 3.39
CA PRO A 32 -15.93 -1.76 4.59
C PRO A 32 -15.60 -3.18 5.01
N GLY A 33 -15.06 -3.95 4.08
CA GLY A 33 -14.61 -5.31 4.25
C GLY A 33 -14.21 -5.84 2.89
N GLN A 34 -13.25 -5.15 2.25
CA GLN A 34 -12.63 -5.51 1.00
C GLN A 34 -11.10 -5.31 1.04
N PRO A 35 -10.35 -5.95 0.12
CA PRO A 35 -8.95 -5.68 -0.06
C PRO A 35 -8.76 -4.33 -0.73
N ILE A 36 -7.87 -3.53 -0.17
CA ILE A 36 -7.43 -2.28 -0.76
C ILE A 36 -6.10 -2.60 -1.42
N LEU A 37 -6.08 -2.63 -2.76
CA LEU A 37 -4.84 -2.75 -3.51
C LEU A 37 -4.45 -1.36 -4.01
N ILE A 38 -3.14 -1.15 -4.15
CA ILE A 38 -2.52 -0.09 -4.91
C ILE A 38 -3.18 -0.11 -6.29
N GLY A 39 -3.86 0.97 -6.67
CA GLY A 39 -4.69 1.00 -7.87
C GLY A 39 -3.80 0.95 -9.12
N ALA A 40 -3.12 2.06 -9.41
CA ALA A 40 -2.24 2.19 -10.55
C ALA A 40 -1.17 3.22 -10.25
N VAL A 41 0.10 2.81 -10.23
CA VAL A 41 1.20 3.71 -9.94
C VAL A 41 1.55 4.50 -11.18
N ILE A 42 2.04 5.71 -10.96
CA ILE A 42 2.38 6.67 -11.99
C ILE A 42 3.75 6.26 -12.51
N ALA A 43 3.84 5.70 -13.72
CA ALA A 43 5.13 5.47 -14.37
C ALA A 43 5.91 6.78 -14.40
N MET A 44 7.24 6.69 -14.28
CA MET A 44 8.17 7.81 -14.16
C MET A 44 7.95 8.64 -12.89
N GLY A 45 6.87 8.42 -12.15
CA GLY A 45 6.52 9.16 -10.97
C GLY A 45 7.41 8.76 -9.81
N SER A 46 7.35 9.52 -8.72
CA SER A 46 8.18 9.25 -7.56
C SER A 46 7.90 7.85 -6.96
N ALA A 47 6.73 7.23 -7.17
CA ALA A 47 6.47 5.88 -6.66
C ALA A 47 7.20 4.82 -7.49
N ASP A 48 7.13 4.98 -8.81
CA ASP A 48 7.81 4.14 -9.80
C ASP A 48 9.32 4.23 -9.58
N ARG A 49 9.87 5.45 -9.51
CA ARG A 49 11.29 5.66 -9.27
C ARG A 49 11.73 5.14 -7.89
N ASP A 50 10.89 5.25 -6.85
CA ASP A 50 11.20 4.77 -5.50
C ASP A 50 11.45 3.26 -5.49
N GLY A 51 10.80 2.55 -6.41
CA GLY A 51 11.20 1.21 -6.81
C GLY A 51 10.76 0.15 -5.81
N ARG A 52 9.66 0.38 -5.09
CA ARG A 52 9.15 -0.58 -4.10
C ARG A 52 7.64 -0.77 -4.17
N LEU A 53 6.89 0.14 -4.77
CA LEU A 53 5.50 -0.08 -5.08
C LEU A 53 5.42 -0.71 -6.46
N HIS A 54 4.43 -1.54 -6.67
CA HIS A 54 3.88 -1.90 -7.96
C HIS A 54 2.35 -1.87 -7.86
N PRO A 55 1.65 -1.69 -8.99
CA PRO A 55 0.21 -1.74 -9.01
C PRO A 55 -0.24 -3.16 -8.66
N GLY A 56 -1.41 -3.27 -8.03
CA GLY A 56 -1.94 -4.56 -7.59
C GLY A 56 -1.33 -5.05 -6.28
N ASP A 57 -0.36 -4.34 -5.69
CA ASP A 57 0.13 -4.69 -4.35
C ASP A 57 -1.00 -4.42 -3.37
N GLU A 58 -1.26 -5.31 -2.40
CA GLU A 58 -2.31 -5.10 -1.42
C GLU A 58 -1.78 -4.25 -0.27
N LEU A 59 -2.47 -3.17 0.07
CA LEU A 59 -2.14 -2.30 1.20
C LEU A 59 -2.63 -2.93 2.50
N VAL A 60 -1.95 -2.56 3.59
CA VAL A 60 -2.21 -3.00 4.95
C VAL A 60 -2.25 -1.78 5.87
N TYR A 61 -1.27 -0.86 5.75
CA TYR A 61 -1.13 0.32 6.60
C TYR A 61 -0.72 1.53 5.78
N VAL A 62 -1.16 2.72 6.20
CA VAL A 62 -0.95 4.00 5.55
C VAL A 62 -0.80 5.07 6.62
N ASP A 63 0.24 5.91 6.55
CA ASP A 63 0.60 6.91 7.57
C ASP A 63 0.94 6.24 8.91
N GLY A 64 1.15 4.92 8.87
CA GLY A 64 1.29 4.02 9.99
C GLY A 64 -0.03 3.36 10.42
N ILE A 65 -1.20 3.72 9.87
CA ILE A 65 -2.50 3.34 10.40
C ILE A 65 -3.09 2.23 9.52
N PRO A 66 -3.64 1.16 10.12
CA PRO A 66 -4.13 -0.01 9.39
C PRO A 66 -5.41 0.33 8.63
N VAL A 67 -5.37 0.16 7.31
CA VAL A 67 -6.52 0.37 6.42
C VAL A 67 -7.46 -0.84 6.38
N ALA A 68 -7.13 -1.91 7.10
CA ALA A 68 -7.86 -3.17 7.07
C ALA A 68 -9.31 -2.94 7.52
N GLY A 69 -10.29 -3.36 6.71
CA GLY A 69 -11.72 -3.17 6.98
C GLY A 69 -12.21 -1.73 6.84
N LYS A 70 -11.32 -0.76 6.63
CA LYS A 70 -11.65 0.60 6.23
C LYS A 70 -11.83 0.63 4.72
N THR A 71 -12.23 1.78 4.20
CA THR A 71 -12.64 1.94 2.81
C THR A 71 -11.64 2.81 2.06
N HIS A 72 -11.84 2.96 0.75
CA HIS A 72 -11.19 3.96 -0.08
C HIS A 72 -11.08 5.30 0.68
N ARG A 73 -12.22 5.88 1.03
CA ARG A 73 -12.31 7.21 1.63
C ARG A 73 -11.50 7.36 2.93
N TYR A 74 -11.39 6.30 3.73
CA TYR A 74 -10.55 6.29 4.91
C TYR A 74 -9.09 6.59 4.56
N VAL A 75 -8.58 5.96 3.49
CA VAL A 75 -7.22 6.19 3.07
C VAL A 75 -7.08 7.57 2.41
N ILE A 76 -8.12 8.05 1.74
CA ILE A 76 -8.17 9.39 1.15
C ILE A 76 -8.02 10.48 2.22
N ASP A 77 -8.67 10.31 3.38
CA ASP A 77 -8.47 11.10 4.61
C ASP A 77 -7.00 10.98 5.02
N LEU A 78 -6.47 9.76 5.15
CA LEU A 78 -5.11 9.51 5.64
C LEU A 78 -4.09 10.25 4.79
N MET A 79 -4.15 10.08 3.47
CA MET A 79 -3.19 10.68 2.57
C MET A 79 -3.20 12.21 2.62
N HIS A 80 -4.30 12.81 3.10
CA HIS A 80 -4.36 14.23 3.33
C HIS A 80 -3.65 14.63 4.63
N HIS A 81 -3.67 13.77 5.65
CA HIS A 81 -2.80 13.94 6.82
C HIS A 81 -1.34 13.76 6.41
N ALA A 82 -1.04 12.70 5.66
CA ALA A 82 0.30 12.37 5.24
C ALA A 82 0.96 13.52 4.47
N ALA A 83 0.20 14.26 3.65
CA ALA A 83 0.77 15.42 2.97
C ALA A 83 1.17 16.54 3.95
N ARG A 84 0.45 16.70 5.07
CA ARG A 84 0.86 17.63 6.13
C ARG A 84 2.11 17.08 6.79
N ASN A 85 2.10 15.80 7.18
CA ASN A 85 3.23 15.06 7.77
C ASN A 85 4.49 15.14 6.88
N GLY A 86 4.29 15.43 5.60
CA GLY A 86 5.32 15.73 4.62
C GLY A 86 6.01 14.46 4.13
N GLN A 87 5.34 13.32 4.29
CA GLN A 87 5.82 11.98 4.00
C GLN A 87 4.66 11.02 4.28
N VAL A 88 4.81 9.76 3.91
CA VAL A 88 3.86 8.72 4.23
C VAL A 88 4.66 7.43 4.40
N ASN A 89 4.14 6.56 5.26
CA ASN A 89 4.55 5.16 5.34
C ASN A 89 3.41 4.34 4.75
N LEU A 90 3.73 3.34 3.94
CA LEU A 90 2.80 2.52 3.17
C LEU A 90 3.30 1.09 3.35
N THR A 91 2.60 0.28 4.13
CA THR A 91 2.93 -1.12 4.28
C THR A 91 2.00 -1.85 3.31
N VAL A 92 2.55 -2.44 2.26
CA VAL A 92 1.83 -3.36 1.39
C VAL A 92 2.20 -4.79 1.79
N ARG A 93 1.55 -5.81 1.23
CA ARG A 93 1.94 -7.20 1.36
C ARG A 93 1.52 -7.96 0.13
N ARG A 94 2.06 -9.17 -0.04
CA ARG A 94 1.58 -10.19 -0.94
C ARG A 94 1.99 -11.55 -0.40
N LYS A 95 1.15 -12.56 -0.62
CA LYS A 95 1.46 -13.97 -0.37
C LYS A 95 2.69 -14.40 -1.15
N VAL A 96 3.49 -15.27 -0.54
CA VAL A 96 4.77 -15.75 -1.07
C VAL A 96 4.52 -17.09 -1.75
N LEU A 97 5.35 -17.39 -2.74
CA LEU A 97 5.46 -18.66 -3.44
C LEU A 97 6.96 -18.87 -3.59
N SER A 98 7.50 -20.01 -3.17
CA SER A 98 8.94 -20.29 -3.14
C SER A 98 9.14 -21.80 -3.02
N GLY A 99 9.14 -22.53 -4.14
CA GLY A 99 9.25 -23.98 -4.13
C GLY A 99 9.86 -24.48 -5.44
N PRO A 100 11.17 -24.77 -5.49
CA PRO A 100 11.80 -25.40 -6.64
C PRO A 100 11.31 -26.85 -6.77
N SER A 101 10.92 -27.23 -7.99
CA SER A 101 10.44 -28.56 -8.36
C SER A 101 9.17 -28.98 -7.59
N SER A 102 8.02 -28.86 -8.24
CA SER A 102 6.80 -29.55 -7.86
C SER A 102 5.97 -29.79 -9.13
N GLY A 103 4.95 -30.62 -9.02
CA GLY A 103 4.22 -31.26 -10.09
C GLY A 103 4.00 -32.71 -9.63
N GLY A 1 5.26 -27.04 19.18
CA GLY A 1 5.30 -27.00 17.72
C GLY A 1 4.88 -25.62 17.29
N SER A 2 3.66 -25.50 16.76
CA SER A 2 2.93 -24.25 16.51
C SER A 2 3.46 -23.50 15.29
N SER A 3 2.61 -22.62 14.74
CA SER A 3 2.84 -21.91 13.49
C SER A 3 4.16 -21.17 13.48
N GLY A 4 4.93 -21.34 12.41
CA GLY A 4 6.11 -20.55 12.08
C GLY A 4 6.11 -20.17 10.61
N SER A 5 6.82 -19.09 10.28
CA SER A 5 6.93 -18.49 8.96
C SER A 5 5.56 -18.07 8.41
N SER A 6 5.24 -16.76 8.47
CA SER A 6 4.01 -16.22 7.90
C SER A 6 3.90 -16.59 6.43
N GLY A 7 2.68 -16.86 5.97
CA GLY A 7 2.40 -17.26 4.59
C GLY A 7 2.26 -16.08 3.64
N TYR A 8 2.44 -14.86 4.14
CA TYR A 8 2.58 -13.66 3.33
C TYR A 8 3.76 -12.87 3.88
N LYS A 9 4.20 -11.88 3.11
CA LYS A 9 5.21 -10.94 3.54
C LYS A 9 4.63 -9.54 3.37
N GLU A 10 4.84 -8.70 4.37
CA GLU A 10 4.66 -7.27 4.29
C GLU A 10 5.94 -6.68 3.72
N LEU A 11 5.79 -5.63 2.93
CA LEU A 11 6.84 -4.81 2.38
C LEU A 11 6.48 -3.38 2.77
N ASP A 12 7.34 -2.77 3.57
CA ASP A 12 7.14 -1.47 4.19
C ASP A 12 7.96 -0.46 3.42
N VAL A 13 7.24 0.43 2.72
CA VAL A 13 7.77 1.36 1.73
C VAL A 13 7.61 2.77 2.31
N HIS A 14 8.49 3.71 1.96
CA HIS A 14 8.52 5.08 2.44
C HIS A 14 8.57 6.09 1.28
N LEU A 15 7.58 6.96 1.17
CA LEU A 15 7.58 8.06 0.20
C LEU A 15 7.59 9.36 0.95
N ARG A 16 8.58 10.20 0.69
CA ARG A 16 8.50 11.60 1.13
C ARG A 16 7.49 12.33 0.25
N ARG A 17 6.77 13.30 0.81
CA ARG A 17 6.24 14.41 0.04
C ARG A 17 7.38 15.42 0.04
N MET A 18 8.12 15.49 -1.05
CA MET A 18 9.06 16.58 -1.28
C MET A 18 8.94 17.14 -2.70
N GLU A 19 8.18 16.46 -3.57
CA GLU A 19 7.83 16.94 -4.89
C GLU A 19 6.36 16.62 -5.11
N SER A 20 6.03 15.51 -5.80
CA SER A 20 4.71 15.29 -6.37
C SER A 20 3.61 15.11 -5.33
N GLY A 21 3.95 14.75 -4.10
CA GLY A 21 2.97 14.28 -3.14
C GLY A 21 2.41 12.93 -3.58
N PHE A 22 3.26 11.90 -3.42
CA PHE A 22 2.98 10.48 -3.55
C PHE A 22 2.35 10.09 -4.89
N GLY A 23 3.19 9.69 -5.85
CA GLY A 23 2.78 9.33 -7.20
C GLY A 23 2.20 7.91 -7.29
N PHE A 24 1.18 7.61 -6.49
CA PHE A 24 0.36 6.40 -6.62
C PHE A 24 -1.11 6.81 -6.62
N ARG A 25 -2.00 5.85 -6.82
CA ARG A 25 -3.42 5.99 -6.66
C ARG A 25 -3.94 4.74 -5.97
N ILE A 26 -5.05 4.87 -5.26
CA ILE A 26 -5.68 3.80 -4.51
C ILE A 26 -7.16 3.83 -4.82
N LEU A 27 -7.72 2.64 -4.96
CA LEU A 27 -9.08 2.36 -5.38
C LEU A 27 -9.49 1.07 -4.68
N GLY A 28 -10.77 0.79 -4.57
CA GLY A 28 -11.22 -0.41 -3.87
C GLY A 28 -11.17 -0.23 -2.37
N GLY A 29 -11.54 -1.29 -1.65
CA GLY A 29 -12.28 -1.10 -0.42
C GLY A 29 -13.59 -0.43 -0.79
N ASP A 30 -14.29 -0.97 -1.79
CA ASP A 30 -15.57 -0.44 -2.24
C ASP A 30 -16.59 -0.57 -1.10
N GLU A 31 -16.52 -1.68 -0.35
CA GLU A 31 -17.37 -2.02 0.79
C GLU A 31 -16.46 -2.38 1.98
N PRO A 32 -16.98 -2.36 3.22
CA PRO A 32 -16.20 -2.35 4.46
C PRO A 32 -15.72 -3.75 4.87
N GLY A 33 -15.05 -4.40 3.92
CA GLY A 33 -14.41 -5.68 4.06
C GLY A 33 -13.70 -6.11 2.77
N GLN A 34 -13.72 -5.31 1.70
CA GLN A 34 -13.00 -5.62 0.46
C GLN A 34 -11.48 -5.40 0.62
N PRO A 35 -10.67 -5.95 -0.30
CA PRO A 35 -9.25 -5.66 -0.36
C PRO A 35 -9.01 -4.26 -0.94
N ILE A 36 -7.99 -3.58 -0.41
CA ILE A 36 -7.53 -2.28 -0.88
C ILE A 36 -6.17 -2.56 -1.48
N LEU A 37 -6.06 -2.58 -2.81
CA LEU A 37 -4.78 -2.69 -3.50
C LEU A 37 -4.34 -1.29 -3.92
N ILE A 38 -3.03 -1.09 -4.09
CA ILE A 38 -2.48 0.02 -4.86
C ILE A 38 -3.14 -0.09 -6.24
N GLY A 39 -3.88 0.94 -6.62
CA GLY A 39 -4.61 0.98 -7.87
C GLY A 39 -3.64 1.14 -9.03
N ALA A 40 -2.84 2.21 -8.96
CA ALA A 40 -1.88 2.57 -9.98
C ALA A 40 -0.67 3.22 -9.32
N VAL A 41 0.50 3.16 -9.94
CA VAL A 41 1.67 3.91 -9.65
C VAL A 41 2.02 4.73 -10.90
N ILE A 42 2.62 5.90 -10.72
CA ILE A 42 2.89 6.83 -11.79
C ILE A 42 4.29 6.53 -12.33
N ALA A 43 4.37 5.97 -13.55
CA ALA A 43 5.62 5.72 -14.27
C ALA A 43 6.48 6.97 -14.26
N MET A 44 7.79 6.80 -14.05
CA MET A 44 8.82 7.84 -13.96
C MET A 44 8.58 8.84 -12.82
N GLY A 45 7.51 8.68 -12.04
CA GLY A 45 7.12 9.55 -10.95
C GLY A 45 7.52 8.96 -9.61
N SER A 46 7.13 9.64 -8.53
CA SER A 46 7.67 9.41 -7.20
C SER A 46 7.59 7.96 -6.71
N ALA A 47 6.53 7.22 -7.05
CA ALA A 47 6.38 5.83 -6.65
C ALA A 47 7.22 4.92 -7.54
N ASP A 48 7.09 5.04 -8.86
CA ASP A 48 7.80 4.18 -9.82
C ASP A 48 9.32 4.31 -9.64
N ARG A 49 9.82 5.55 -9.51
CA ARG A 49 11.23 5.82 -9.23
C ARG A 49 11.70 5.22 -7.91
N ASP A 50 10.82 5.10 -6.91
CA ASP A 50 11.19 4.56 -5.61
C ASP A 50 11.51 3.06 -5.69
N GLY A 51 11.01 2.37 -6.72
CA GLY A 51 11.40 1.01 -7.05
C GLY A 51 11.02 -0.01 -5.98
N ARG A 52 9.77 0.06 -5.48
CA ARG A 52 9.21 -0.87 -4.51
C ARG A 52 7.73 -1.15 -4.75
N LEU A 53 6.92 -0.12 -4.99
CA LEU A 53 5.48 -0.29 -5.18
C LEU A 53 5.22 -0.91 -6.55
N HIS A 54 4.10 -1.61 -6.66
CA HIS A 54 3.49 -1.98 -7.93
C HIS A 54 1.98 -1.91 -7.85
N PRO A 55 1.30 -1.72 -8.99
CA PRO A 55 -0.14 -1.90 -9.10
C PRO A 55 -0.50 -3.33 -8.67
N GLY A 56 -1.53 -3.48 -7.84
CA GLY A 56 -2.00 -4.80 -7.38
C GLY A 56 -1.33 -5.27 -6.09
N ASP A 57 -0.52 -4.43 -5.46
CA ASP A 57 0.03 -4.71 -4.14
C ASP A 57 -1.08 -4.44 -3.13
N GLU A 58 -1.46 -5.41 -2.30
CA GLU A 58 -2.52 -5.18 -1.30
C GLU A 58 -1.93 -4.30 -0.20
N LEU A 59 -2.57 -3.18 0.07
CA LEU A 59 -2.18 -2.25 1.11
C LEU A 59 -2.64 -2.80 2.46
N VAL A 60 -1.89 -2.46 3.50
CA VAL A 60 -2.11 -2.92 4.86
C VAL A 60 -2.13 -1.71 5.76
N TYR A 61 -1.11 -0.85 5.68
CA TYR A 61 -0.96 0.32 6.53
C TYR A 61 -0.57 1.51 5.67
N VAL A 62 -1.02 2.69 6.09
CA VAL A 62 -0.93 3.94 5.35
C VAL A 62 -0.73 5.04 6.39
N ASP A 63 0.35 5.81 6.26
CA ASP A 63 0.98 6.64 7.30
C ASP A 63 1.51 5.75 8.41
N GLY A 64 0.65 4.93 9.01
CA GLY A 64 0.97 3.80 9.85
C GLY A 64 -0.30 3.15 10.40
N ILE A 65 -1.46 3.77 10.17
CA ILE A 65 -2.80 3.30 10.50
C ILE A 65 -3.14 2.18 9.51
N PRO A 66 -3.77 1.09 9.96
CA PRO A 66 -4.17 -0.01 9.10
C PRO A 66 -5.44 0.29 8.31
N VAL A 67 -5.40 0.11 6.98
CA VAL A 67 -6.55 0.27 6.10
C VAL A 67 -7.51 -0.93 6.12
N ALA A 68 -7.13 -2.04 6.76
CA ALA A 68 -7.84 -3.31 6.70
C ALA A 68 -9.29 -3.12 7.16
N GLY A 69 -10.27 -3.60 6.38
CA GLY A 69 -11.70 -3.51 6.70
C GLY A 69 -12.31 -2.11 6.59
N LYS A 70 -11.51 -1.04 6.48
CA LYS A 70 -11.98 0.30 6.16
C LYS A 70 -12.29 0.33 4.65
N THR A 71 -12.76 1.48 4.15
CA THR A 71 -13.04 1.64 2.73
C THR A 71 -12.12 2.69 2.12
N HIS A 72 -12.13 2.82 0.79
CA HIS A 72 -11.37 3.80 0.01
C HIS A 72 -11.22 5.14 0.74
N ARG A 73 -12.35 5.78 1.05
CA ARG A 73 -12.42 7.10 1.65
C ARG A 73 -11.59 7.22 2.94
N TYR A 74 -11.54 6.18 3.77
CA TYR A 74 -10.75 6.15 4.99
C TYR A 74 -9.30 6.53 4.68
N VAL A 75 -8.77 5.95 3.62
CA VAL A 75 -7.39 6.09 3.20
C VAL A 75 -7.18 7.45 2.55
N ILE A 76 -8.14 7.95 1.78
CA ILE A 76 -8.04 9.27 1.15
C ILE A 76 -7.95 10.36 2.22
N ASP A 77 -8.64 10.18 3.34
CA ASP A 77 -8.55 11.06 4.51
C ASP A 77 -7.15 11.04 5.12
N LEU A 78 -6.53 9.85 5.16
CA LEU A 78 -5.20 9.64 5.72
C LEU A 78 -4.13 10.21 4.79
N MET A 79 -4.32 10.09 3.48
CA MET A 79 -3.43 10.65 2.47
C MET A 79 -3.34 12.16 2.66
N HIS A 80 -4.47 12.80 3.00
CA HIS A 80 -4.53 14.22 3.25
C HIS A 80 -3.67 14.62 4.46
N HIS A 81 -3.71 13.88 5.56
CA HIS A 81 -2.88 14.14 6.74
C HIS A 81 -1.41 13.88 6.41
N ALA A 82 -1.10 12.74 5.78
CA ALA A 82 0.27 12.34 5.49
C ALA A 82 1.00 13.40 4.65
N ALA A 83 0.28 14.08 3.75
CA ALA A 83 0.85 15.19 2.99
C ALA A 83 1.36 16.28 3.93
N ARG A 84 0.62 16.61 4.99
CA ARG A 84 0.98 17.65 5.97
C ARG A 84 2.13 17.16 6.85
N ASN A 85 2.08 15.90 7.27
CA ASN A 85 3.17 15.18 7.94
C ASN A 85 4.45 15.18 7.12
N GLY A 86 4.33 15.35 5.79
CA GLY A 86 5.42 15.56 4.86
C GLY A 86 5.92 14.26 4.22
N GLN A 87 5.28 13.12 4.47
CA GLN A 87 5.75 11.79 4.09
C GLN A 87 4.65 10.78 4.36
N VAL A 88 4.73 9.60 3.74
CA VAL A 88 3.83 8.50 3.98
C VAL A 88 4.60 7.19 3.92
N ASN A 89 4.55 6.45 5.02
CA ASN A 89 4.89 5.04 5.03
C ASN A 89 3.67 4.29 4.50
N LEU A 90 3.88 3.36 3.57
CA LEU A 90 2.88 2.53 2.92
C LEU A 90 3.39 1.11 3.09
N THR A 91 2.76 0.34 3.97
CA THR A 91 3.08 -1.06 4.11
C THR A 91 2.07 -1.80 3.24
N VAL A 92 2.55 -2.40 2.16
CA VAL A 92 1.78 -3.31 1.33
C VAL A 92 2.16 -4.74 1.74
N ARG A 93 1.48 -5.77 1.24
CA ARG A 93 1.85 -7.16 1.47
C ARG A 93 1.41 -8.02 0.30
N ARG A 94 1.98 -9.21 0.15
CA ARG A 94 1.45 -10.24 -0.72
C ARG A 94 1.75 -11.63 -0.19
N LYS A 95 0.74 -12.49 -0.25
CA LYS A 95 0.71 -13.89 0.12
C LYS A 95 1.56 -14.73 -0.82
N VAL A 96 2.47 -15.49 -0.22
CA VAL A 96 3.44 -16.35 -0.88
C VAL A 96 2.73 -17.53 -1.53
N LEU A 97 3.30 -18.04 -2.61
CA LEU A 97 2.81 -19.22 -3.31
C LEU A 97 3.99 -19.78 -4.08
N SER A 98 4.23 -21.08 -3.99
CA SER A 98 5.33 -21.76 -4.64
C SER A 98 4.83 -23.10 -5.19
N GLY A 99 3.97 -23.00 -6.21
CA GLY A 99 3.30 -24.14 -6.83
C GLY A 99 2.30 -24.81 -5.89
N PRO A 100 1.54 -25.80 -6.37
CA PRO A 100 0.60 -26.55 -5.56
C PRO A 100 1.30 -27.53 -4.61
N SER A 101 2.20 -28.40 -5.11
CA SER A 101 2.87 -29.42 -4.32
C SER A 101 3.91 -30.14 -5.19
N SER A 102 5.19 -29.76 -5.12
CA SER A 102 6.32 -30.29 -5.91
C SER A 102 6.18 -30.04 -7.41
N GLY A 103 7.03 -29.17 -7.98
CA GLY A 103 6.90 -28.69 -9.34
C GLY A 103 6.18 -27.37 -9.28
N GLY A 1 -3.16 -16.44 20.57
CA GLY A 1 -1.98 -16.91 19.84
C GLY A 1 -0.91 -15.85 19.86
N SER A 2 0.32 -16.27 20.14
CA SER A 2 1.50 -15.43 20.31
C SER A 2 2.72 -16.26 19.95
N SER A 3 3.42 -15.93 18.88
CA SER A 3 4.72 -16.48 18.55
C SER A 3 5.36 -15.46 17.60
N GLY A 4 5.49 -15.76 16.31
CA GLY A 4 5.87 -14.80 15.28
C GLY A 4 5.65 -15.49 13.95
N SER A 5 4.77 -14.95 13.10
CA SER A 5 4.51 -15.42 11.75
C SER A 5 3.36 -14.63 11.11
N SER A 6 3.31 -14.74 9.79
CA SER A 6 2.11 -14.81 8.97
C SER A 6 2.44 -15.75 7.79
N GLY A 7 1.53 -15.91 6.83
CA GLY A 7 1.90 -16.07 5.43
C GLY A 7 2.14 -14.68 4.85
N TYR A 8 2.12 -14.57 3.52
CA TYR A 8 2.49 -13.36 2.79
C TYR A 8 3.84 -12.79 3.23
N LYS A 9 4.20 -11.65 2.65
CA LYS A 9 5.31 -10.81 3.06
C LYS A 9 4.72 -9.42 3.09
N GLU A 10 4.93 -8.67 4.17
CA GLU A 10 4.60 -7.26 4.22
C GLU A 10 5.81 -6.56 3.61
N LEU A 11 5.58 -5.82 2.54
CA LEU A 11 6.61 -5.09 1.83
C LEU A 11 6.48 -3.63 2.28
N ASP A 12 7.53 -3.17 2.94
CA ASP A 12 7.65 -1.87 3.56
C ASP A 12 8.15 -0.87 2.54
N VAL A 13 7.45 0.26 2.46
CA VAL A 13 7.77 1.39 1.62
C VAL A 13 7.71 2.65 2.51
N HIS A 14 8.51 3.66 2.21
CA HIS A 14 8.39 4.98 2.78
C HIS A 14 8.44 5.94 1.62
N LEU A 15 7.53 6.92 1.57
CA LEU A 15 7.56 7.95 0.54
C LEU A 15 7.61 9.32 1.17
N ARG A 16 8.54 10.15 0.72
CA ARG A 16 8.56 11.58 1.08
C ARG A 16 7.58 12.34 0.21
N ARG A 17 7.25 13.55 0.64
CA ARG A 17 6.60 14.58 -0.16
C ARG A 17 7.63 15.70 -0.25
N MET A 18 8.30 15.81 -1.39
CA MET A 18 9.32 16.84 -1.65
C MET A 18 9.20 17.16 -3.13
N GLU A 19 9.46 16.15 -3.96
CA GLU A 19 8.91 15.98 -5.29
C GLU A 19 7.39 15.72 -5.18
N SER A 20 6.72 15.37 -6.29
CA SER A 20 5.31 15.58 -6.63
C SER A 20 4.26 14.86 -5.75
N GLY A 21 4.66 14.27 -4.61
CA GLY A 21 3.77 13.93 -3.52
C GLY A 21 2.99 12.66 -3.79
N PHE A 22 3.69 11.55 -3.58
CA PHE A 22 3.18 10.18 -3.59
C PHE A 22 2.49 9.84 -4.92
N GLY A 23 3.31 9.48 -5.92
CA GLY A 23 2.84 9.16 -7.25
C GLY A 23 2.24 7.75 -7.33
N PHE A 24 1.20 7.46 -6.56
CA PHE A 24 0.42 6.23 -6.69
C PHE A 24 -1.07 6.56 -6.65
N ARG A 25 -1.88 5.57 -7.02
CA ARG A 25 -3.34 5.55 -6.92
C ARG A 25 -3.72 4.41 -5.99
N ILE A 26 -4.93 4.38 -5.49
CA ILE A 26 -5.45 3.42 -4.51
C ILE A 26 -6.89 3.12 -4.93
N LEU A 27 -7.25 1.83 -5.04
CA LEU A 27 -8.58 1.41 -5.50
C LEU A 27 -9.07 0.24 -4.64
N GLY A 28 -10.38 -0.01 -4.68
CA GLY A 28 -11.03 -0.96 -3.78
C GLY A 28 -10.89 -0.54 -2.32
N GLY A 29 -11.06 -1.48 -1.40
CA GLY A 29 -11.60 -1.14 -0.09
C GLY A 29 -12.96 -0.48 -0.21
N ASP A 30 -13.68 -0.82 -1.28
CA ASP A 30 -14.81 -0.04 -1.76
C ASP A 30 -16.01 -0.23 -0.84
N GLU A 31 -16.09 -1.42 -0.25
CA GLU A 31 -16.89 -1.77 0.91
C GLU A 31 -15.96 -1.86 2.12
N PRO A 32 -16.48 -1.79 3.35
CA PRO A 32 -15.71 -1.92 4.58
C PRO A 32 -15.33 -3.38 4.76
N GLY A 33 -14.09 -3.72 4.41
CA GLY A 33 -13.52 -5.06 4.51
C GLY A 33 -12.98 -5.62 3.19
N GLN A 34 -12.95 -4.83 2.11
CA GLN A 34 -12.32 -5.23 0.86
C GLN A 34 -10.80 -4.98 0.91
N PRO A 35 -10.00 -5.68 0.08
CA PRO A 35 -8.59 -5.38 -0.09
C PRO A 35 -8.42 -4.05 -0.84
N ILE A 36 -7.46 -3.26 -0.39
CA ILE A 36 -7.08 -1.98 -0.98
C ILE A 36 -5.82 -2.25 -1.77
N LEU A 37 -5.94 -2.52 -3.06
CA LEU A 37 -4.81 -2.74 -3.95
C LEU A 37 -4.34 -1.40 -4.50
N ILE A 38 -3.03 -1.24 -4.72
CA ILE A 38 -2.46 -0.01 -5.22
C ILE A 38 -3.11 0.14 -6.60
N GLY A 39 -3.88 1.20 -6.78
CA GLY A 39 -4.78 1.41 -7.92
C GLY A 39 -4.03 1.31 -9.23
N ALA A 40 -2.96 2.09 -9.33
CA ALA A 40 -2.06 2.28 -10.45
C ALA A 40 -0.79 2.91 -9.84
N VAL A 41 0.35 2.77 -10.50
CA VAL A 41 1.56 3.52 -10.13
C VAL A 41 1.77 4.58 -11.21
N ILE A 42 1.98 5.83 -10.82
CA ILE A 42 2.31 6.89 -11.76
C ILE A 42 3.70 6.55 -12.32
N ALA A 43 3.79 6.30 -13.63
CA ALA A 43 4.94 5.68 -14.25
C ALA A 43 6.25 6.42 -14.00
N MET A 44 6.20 7.74 -13.85
CA MET A 44 7.37 8.57 -13.58
C MET A 44 7.10 9.42 -12.35
N GLY A 45 6.34 8.90 -11.38
CA GLY A 45 6.07 9.53 -10.11
C GLY A 45 6.87 8.84 -9.03
N SER A 46 6.89 9.42 -7.82
CA SER A 46 7.76 8.96 -6.74
C SER A 46 7.49 7.52 -6.26
N ALA A 47 6.37 6.89 -6.65
CA ALA A 47 6.16 5.47 -6.36
C ALA A 47 7.01 4.62 -7.30
N ASP A 48 6.92 4.88 -8.60
CA ASP A 48 7.80 4.22 -9.59
C ASP A 48 9.24 4.52 -9.24
N ARG A 49 9.57 5.78 -8.94
CA ARG A 49 10.92 6.18 -8.55
C ARG A 49 11.43 5.36 -7.38
N ASP A 50 10.62 5.19 -6.33
CA ASP A 50 10.99 4.36 -5.18
C ASP A 50 11.11 2.88 -5.59
N GLY A 51 10.33 2.46 -6.59
CA GLY A 51 10.41 1.19 -7.29
C GLY A 51 9.63 0.09 -6.61
N ARG A 52 9.66 0.09 -5.27
CA ARG A 52 9.08 -0.94 -4.43
C ARG A 52 7.57 -1.03 -4.52
N LEU A 53 6.88 0.03 -4.95
CA LEU A 53 5.44 -0.04 -5.18
C LEU A 53 5.23 -0.52 -6.59
N HIS A 54 4.34 -1.48 -6.75
CA HIS A 54 3.69 -1.81 -8.01
C HIS A 54 2.18 -1.80 -7.81
N PRO A 55 1.42 -1.61 -8.90
CA PRO A 55 -0.02 -1.68 -8.83
C PRO A 55 -0.45 -3.11 -8.55
N GLY A 56 -1.57 -3.27 -7.85
CA GLY A 56 -2.05 -4.57 -7.40
C GLY A 56 -1.44 -4.98 -6.06
N ASP A 57 -0.47 -4.24 -5.52
CA ASP A 57 0.11 -4.52 -4.21
C ASP A 57 -0.95 -4.16 -3.17
N GLU A 58 -1.27 -5.04 -2.23
CA GLU A 58 -2.34 -4.78 -1.27
C GLU A 58 -1.79 -3.92 -0.14
N LEU A 59 -2.40 -2.78 0.16
CA LEU A 59 -2.06 -1.92 1.28
C LEU A 59 -2.60 -2.52 2.57
N VAL A 60 -1.84 -2.31 3.64
CA VAL A 60 -2.12 -2.74 5.01
C VAL A 60 -2.17 -1.51 5.90
N TYR A 61 -1.11 -0.69 5.87
CA TYR A 61 -0.93 0.47 6.71
C TYR A 61 -0.59 1.67 5.83
N VAL A 62 -1.06 2.84 6.25
CA VAL A 62 -0.81 4.13 5.60
C VAL A 62 -0.59 5.14 6.73
N ASP A 63 0.58 5.78 6.73
CA ASP A 63 1.12 6.60 7.82
C ASP A 63 1.14 5.85 9.16
N GLY A 64 1.01 4.52 9.10
CA GLY A 64 0.95 3.58 10.21
C GLY A 64 -0.46 3.22 10.65
N ILE A 65 -1.53 3.85 10.14
CA ILE A 65 -2.88 3.49 10.50
C ILE A 65 -3.26 2.32 9.58
N PRO A 66 -3.71 1.19 10.15
CA PRO A 66 -4.13 0.04 9.38
C PRO A 66 -5.43 0.38 8.68
N VAL A 67 -5.39 0.36 7.35
CA VAL A 67 -6.53 0.68 6.50
C VAL A 67 -7.50 -0.51 6.40
N ALA A 68 -7.15 -1.67 6.95
CA ALA A 68 -7.90 -2.91 6.76
C ALA A 68 -9.24 -2.83 7.48
N GLY A 69 -10.34 -2.98 6.75
CA GLY A 69 -11.70 -2.92 7.28
C GLY A 69 -12.27 -1.51 7.28
N LYS A 70 -11.46 -0.49 7.02
CA LYS A 70 -11.87 0.86 6.72
C LYS A 70 -12.41 0.89 5.29
N THR A 71 -12.55 2.06 4.69
CA THR A 71 -13.01 2.18 3.31
C THR A 71 -11.94 2.90 2.48
N HIS A 72 -12.13 2.90 1.16
CA HIS A 72 -11.42 3.75 0.20
C HIS A 72 -11.23 5.15 0.81
N ARG A 73 -12.35 5.81 1.11
CA ARG A 73 -12.50 7.11 1.75
C ARG A 73 -11.56 7.29 2.94
N TYR A 74 -11.46 6.30 3.82
CA TYR A 74 -10.63 6.39 5.01
C TYR A 74 -9.17 6.64 4.65
N VAL A 75 -8.68 5.98 3.61
CA VAL A 75 -7.30 6.13 3.19
C VAL A 75 -7.15 7.48 2.46
N ILE A 76 -8.16 7.96 1.76
CA ILE A 76 -8.14 9.31 1.17
C ILE A 76 -7.97 10.36 2.27
N ASP A 77 -8.64 10.18 3.42
CA ASP A 77 -8.44 11.00 4.62
C ASP A 77 -7.00 10.87 5.10
N LEU A 78 -6.45 9.65 5.16
CA LEU A 78 -5.06 9.46 5.59
C LEU A 78 -4.09 10.16 4.66
N MET A 79 -4.21 9.98 3.34
CA MET A 79 -3.30 10.62 2.40
C MET A 79 -3.36 12.14 2.51
N HIS A 80 -4.52 12.71 2.83
CA HIS A 80 -4.66 14.13 3.14
C HIS A 80 -3.82 14.47 4.37
N HIS A 81 -3.90 13.65 5.42
CA HIS A 81 -3.11 13.78 6.64
C HIS A 81 -1.61 13.70 6.34
N ALA A 82 -1.18 12.59 5.75
CA ALA A 82 0.22 12.27 5.49
C ALA A 82 0.86 13.36 4.63
N ALA A 83 0.11 13.92 3.67
CA ALA A 83 0.59 15.02 2.85
C ALA A 83 1.06 16.19 3.73
N ARG A 84 0.42 16.45 4.87
CA ARG A 84 0.86 17.45 5.84
C ARG A 84 2.15 17.03 6.55
N ASN A 85 2.27 15.76 6.95
CA ASN A 85 3.41 15.17 7.67
C ASN A 85 4.71 15.22 6.87
N GLY A 86 4.63 15.58 5.60
CA GLY A 86 5.77 15.75 4.72
C GLY A 86 6.35 14.44 4.18
N GLN A 87 5.75 13.31 4.55
CA GLN A 87 6.07 11.97 4.10
C GLN A 87 4.86 11.08 4.36
N VAL A 88 4.95 9.79 4.04
CA VAL A 88 3.96 8.77 4.32
C VAL A 88 4.71 7.44 4.44
N ASN A 89 4.44 6.69 5.49
CA ASN A 89 4.79 5.28 5.55
C ASN A 89 3.70 4.54 4.77
N LEU A 90 4.08 3.51 4.01
CA LEU A 90 3.15 2.66 3.28
C LEU A 90 3.62 1.25 3.53
N THR A 91 2.76 0.38 4.07
CA THR A 91 3.09 -1.02 4.23
C THR A 91 2.10 -1.75 3.34
N VAL A 92 2.59 -2.39 2.28
CA VAL A 92 1.79 -3.25 1.43
C VAL A 92 2.07 -4.70 1.86
N ARG A 93 1.30 -5.70 1.40
CA ARG A 93 1.59 -7.12 1.63
C ARG A 93 1.07 -7.95 0.49
N ARG A 94 1.74 -9.07 0.19
CA ARG A 94 1.42 -9.89 -0.98
C ARG A 94 1.71 -11.34 -0.62
N LYS A 95 0.71 -12.21 -0.76
CA LYS A 95 0.79 -13.65 -0.48
C LYS A 95 1.97 -14.29 -1.18
N VAL A 96 2.59 -15.28 -0.55
CA VAL A 96 3.77 -15.94 -1.08
C VAL A 96 3.34 -17.24 -1.73
N LEU A 97 3.63 -17.38 -3.01
CA LEU A 97 3.12 -18.48 -3.81
C LEU A 97 4.14 -18.94 -4.85
N SER A 98 4.77 -18.03 -5.59
CA SER A 98 5.94 -18.24 -6.45
C SER A 98 6.57 -16.88 -6.72
N GLY A 99 7.81 -16.83 -7.21
CA GLY A 99 8.61 -15.62 -7.25
C GLY A 99 9.03 -15.27 -8.68
N PRO A 100 10.25 -15.66 -9.09
CA PRO A 100 10.79 -15.37 -10.42
C PRO A 100 9.94 -16.07 -11.47
N SER A 101 9.19 -15.30 -12.26
CA SER A 101 8.33 -15.79 -13.31
C SER A 101 9.16 -15.92 -14.59
N SER A 102 10.17 -16.80 -14.60
CA SER A 102 10.96 -17.09 -15.78
C SER A 102 10.12 -17.99 -16.70
N GLY A 103 9.14 -17.42 -17.39
CA GLY A 103 8.15 -18.16 -18.16
C GLY A 103 6.87 -17.36 -18.15
N GLY A 1 -0.01 -16.45 14.06
CA GLY A 1 -1.17 -16.65 13.18
C GLY A 1 -1.47 -18.14 13.05
N SER A 2 -2.75 -18.49 12.85
CA SER A 2 -3.19 -19.87 12.85
C SER A 2 -3.02 -20.46 11.45
N SER A 3 -3.89 -20.08 10.51
CA SER A 3 -3.91 -20.53 9.12
C SER A 3 -2.79 -19.84 8.31
N GLY A 4 -1.52 -20.11 8.62
CA GLY A 4 -0.40 -19.61 7.85
C GLY A 4 0.85 -19.39 8.69
N SER A 5 1.71 -20.39 8.78
CA SER A 5 3.11 -20.20 9.15
C SER A 5 3.81 -19.49 7.98
N SER A 6 4.06 -18.19 8.13
CA SER A 6 4.82 -17.33 7.22
C SER A 6 4.55 -17.64 5.74
N GLY A 7 3.34 -17.35 5.27
CA GLY A 7 2.97 -17.45 3.87
C GLY A 7 3.29 -16.13 3.19
N TYR A 8 2.33 -15.21 3.24
CA TYR A 8 2.52 -13.88 2.67
C TYR A 8 3.70 -13.18 3.36
N LYS A 9 4.24 -12.16 2.69
CA LYS A 9 5.27 -11.30 3.24
C LYS A 9 4.72 -9.88 3.19
N GLU A 10 5.00 -9.08 4.20
CA GLU A 10 4.81 -7.64 4.15
C GLU A 10 6.04 -7.03 3.47
N LEU A 11 5.89 -5.81 2.96
CA LEU A 11 6.97 -4.91 2.60
C LEU A 11 6.55 -3.51 3.02
N ASP A 12 7.52 -2.70 3.42
CA ASP A 12 7.37 -1.29 3.77
C ASP A 12 7.87 -0.43 2.62
N VAL A 13 7.15 0.66 2.31
CA VAL A 13 7.62 1.69 1.40
C VAL A 13 7.26 3.03 2.04
N HIS A 14 8.27 3.75 2.53
CA HIS A 14 8.13 5.08 3.07
C HIS A 14 8.60 6.08 2.01
N LEU A 15 7.90 7.20 1.86
CA LEU A 15 8.16 8.20 0.82
C LEU A 15 8.12 9.60 1.42
N ARG A 16 8.90 10.52 0.85
CA ARG A 16 9.04 11.88 1.34
C ARG A 16 8.14 12.81 0.55
N ARG A 17 7.67 13.91 1.16
CA ARG A 17 6.85 14.93 0.52
C ARG A 17 7.51 16.29 0.71
N MET A 18 8.55 16.56 -0.07
CA MET A 18 9.19 17.87 -0.11
C MET A 18 9.66 18.21 -1.54
N GLU A 19 9.20 17.44 -2.53
CA GLU A 19 9.57 17.54 -3.94
C GLU A 19 8.33 17.13 -4.76
N SER A 20 8.40 16.11 -5.61
CA SER A 20 7.25 15.65 -6.40
C SER A 20 6.14 15.07 -5.51
N GLY A 21 6.50 14.48 -4.37
CA GLY A 21 5.54 13.79 -3.52
C GLY A 21 5.09 12.49 -4.16
N PHE A 22 4.16 11.82 -3.48
CA PHE A 22 3.78 10.43 -3.78
C PHE A 22 3.02 10.37 -5.11
N GLY A 23 3.03 9.20 -5.78
CA GLY A 23 2.54 9.02 -7.13
C GLY A 23 1.90 7.66 -7.33
N PHE A 24 0.81 7.41 -6.61
CA PHE A 24 -0.04 6.23 -6.78
C PHE A 24 -1.49 6.69 -6.90
N ARG A 25 -2.35 5.74 -7.26
CA ARG A 25 -3.78 5.76 -6.98
C ARG A 25 -4.09 4.50 -6.18
N ILE A 26 -5.24 4.44 -5.52
CA ILE A 26 -5.65 3.38 -4.60
C ILE A 26 -7.01 2.90 -5.11
N LEU A 27 -7.24 1.59 -5.21
CA LEU A 27 -8.51 1.05 -5.71
C LEU A 27 -8.85 -0.21 -4.92
N GLY A 28 -10.00 -0.19 -4.28
CA GLY A 28 -10.50 -1.27 -3.44
C GLY A 28 -10.85 -0.73 -2.06
N GLY A 29 -11.33 -1.61 -1.17
CA GLY A 29 -11.94 -1.15 0.08
C GLY A 29 -13.21 -0.36 -0.20
N ASP A 30 -13.91 -0.69 -1.29
CA ASP A 30 -15.15 -0.01 -1.62
C ASP A 30 -16.22 -0.33 -0.57
N GLU A 31 -16.05 -1.42 0.18
CA GLU A 31 -16.79 -1.74 1.41
C GLU A 31 -15.80 -2.11 2.54
N PRO A 32 -16.19 -1.96 3.82
CA PRO A 32 -15.29 -1.98 4.99
C PRO A 32 -14.74 -3.37 5.36
N GLY A 33 -13.70 -3.78 4.65
CA GLY A 33 -12.98 -5.02 4.87
C GLY A 33 -12.48 -5.63 3.57
N GLN A 34 -12.96 -5.12 2.43
CA GLN A 34 -12.51 -5.55 1.12
C GLN A 34 -11.03 -5.14 0.90
N PRO A 35 -10.32 -5.82 0.00
CA PRO A 35 -8.90 -5.62 -0.19
C PRO A 35 -8.60 -4.30 -0.87
N ILE A 36 -7.97 -3.42 -0.11
CA ILE A 36 -7.39 -2.18 -0.61
C ILE A 36 -6.09 -2.58 -1.28
N LEU A 37 -6.09 -2.57 -2.60
CA LEU A 37 -4.89 -2.65 -3.42
C LEU A 37 -4.43 -1.23 -3.78
N ILE A 38 -3.16 -1.12 -4.13
CA ILE A 38 -2.65 -0.07 -4.97
C ILE A 38 -3.46 -0.17 -6.27
N GLY A 39 -4.07 0.94 -6.66
CA GLY A 39 -4.75 1.12 -7.92
C GLY A 39 -3.73 0.95 -9.05
N ALA A 40 -2.94 2.00 -9.25
CA ALA A 40 -1.99 2.11 -10.34
C ALA A 40 -0.79 2.92 -9.86
N VAL A 41 0.43 2.60 -10.31
CA VAL A 41 1.59 3.41 -10.12
C VAL A 41 1.86 4.24 -11.36
N ILE A 42 2.26 5.49 -11.14
CA ILE A 42 2.55 6.44 -12.18
C ILE A 42 3.99 6.17 -12.60
N ALA A 43 4.19 5.67 -13.83
CA ALA A 43 5.51 5.33 -14.34
C ALA A 43 6.48 6.52 -14.26
N MET A 44 5.98 7.71 -14.57
CA MET A 44 6.76 8.93 -14.58
C MET A 44 6.41 9.77 -13.35
N GLY A 45 6.31 9.13 -12.19
CA GLY A 45 6.08 9.75 -10.89
C GLY A 45 6.85 8.99 -9.82
N SER A 46 6.99 9.59 -8.64
CA SER A 46 7.96 9.14 -7.66
C SER A 46 7.65 7.79 -7.01
N ALA A 47 6.46 7.20 -7.19
CA ALA A 47 6.25 5.83 -6.74
C ALA A 47 7.17 4.89 -7.53
N ASP A 48 7.10 4.98 -8.87
CA ASP A 48 7.87 4.12 -9.75
C ASP A 48 9.37 4.38 -9.57
N ARG A 49 9.75 5.67 -9.50
CA ARG A 49 11.13 6.08 -9.29
C ARG A 49 11.72 5.45 -8.03
N ASP A 50 10.98 5.40 -6.91
CA ASP A 50 11.49 4.88 -5.63
C ASP A 50 11.85 3.39 -5.71
N GLY A 51 11.34 2.67 -6.72
CA GLY A 51 11.78 1.34 -7.09
C GLY A 51 11.25 0.24 -6.16
N ARG A 52 10.07 0.43 -5.56
CA ARG A 52 9.56 -0.46 -4.52
C ARG A 52 8.10 -0.90 -4.64
N LEU A 53 7.19 -0.01 -5.05
CA LEU A 53 5.77 -0.37 -5.16
C LEU A 53 5.56 -1.25 -6.39
N HIS A 54 4.36 -1.82 -6.54
CA HIS A 54 3.82 -2.26 -7.81
C HIS A 54 2.29 -2.09 -7.79
N PRO A 55 1.67 -1.88 -8.97
CA PRO A 55 0.23 -1.73 -9.10
C PRO A 55 -0.42 -3.09 -8.84
N GLY A 56 -1.28 -3.18 -7.83
CA GLY A 56 -1.92 -4.42 -7.43
C GLY A 56 -1.24 -5.06 -6.22
N ASP A 57 -0.26 -4.41 -5.58
CA ASP A 57 0.10 -4.77 -4.21
C ASP A 57 -1.10 -4.49 -3.30
N GLU A 58 -1.34 -5.35 -2.32
CA GLU A 58 -2.35 -5.15 -1.30
C GLU A 58 -1.78 -4.34 -0.16
N LEU A 59 -2.44 -3.25 0.20
CA LEU A 59 -2.04 -2.34 1.29
C LEU A 59 -2.47 -2.91 2.65
N VAL A 60 -1.77 -2.49 3.71
CA VAL A 60 -1.95 -2.90 5.10
C VAL A 60 -1.99 -1.69 6.05
N TYR A 61 -0.96 -0.83 6.02
CA TYR A 61 -0.81 0.34 6.88
C TYR A 61 -0.43 1.56 6.07
N VAL A 62 -0.94 2.70 6.48
CA VAL A 62 -0.86 3.95 5.77
C VAL A 62 -0.45 5.00 6.80
N ASP A 63 0.77 5.53 6.70
CA ASP A 63 1.47 6.43 7.63
C ASP A 63 1.92 5.68 8.90
N GLY A 64 1.07 4.78 9.35
CA GLY A 64 1.19 3.83 10.44
C GLY A 64 -0.20 3.28 10.80
N ILE A 65 -1.27 3.76 10.15
CA ILE A 65 -2.62 3.51 10.55
C ILE A 65 -3.16 2.41 9.63
N PRO A 66 -3.68 1.31 10.19
CA PRO A 66 -4.14 0.20 9.41
C PRO A 66 -5.33 0.63 8.55
N VAL A 67 -5.36 0.11 7.32
CA VAL A 67 -6.50 0.24 6.42
C VAL A 67 -7.49 -0.92 6.58
N ALA A 68 -7.10 -1.95 7.32
CA ALA A 68 -7.87 -3.16 7.49
C ALA A 68 -9.23 -2.83 8.11
N GLY A 69 -10.31 -3.13 7.38
CA GLY A 69 -11.68 -2.89 7.82
C GLY A 69 -12.15 -1.44 7.64
N LYS A 70 -11.29 -0.54 7.14
CA LYS A 70 -11.64 0.79 6.68
C LYS A 70 -12.05 0.67 5.21
N THR A 71 -12.25 1.80 4.55
CA THR A 71 -12.75 1.87 3.18
C THR A 71 -11.85 2.79 2.35
N HIS A 72 -12.16 2.98 1.07
CA HIS A 72 -11.43 3.88 0.19
C HIS A 72 -11.34 5.29 0.79
N ARG A 73 -12.48 5.94 1.11
CA ARG A 73 -12.48 7.34 1.52
C ARG A 73 -11.71 7.57 2.84
N TYR A 74 -11.66 6.58 3.72
CA TYR A 74 -10.75 6.56 4.88
C TYR A 74 -9.34 6.95 4.44
N VAL A 75 -8.77 6.18 3.51
CA VAL A 75 -7.40 6.37 3.06
C VAL A 75 -7.27 7.73 2.39
N ILE A 76 -8.28 8.20 1.65
CA ILE A 76 -8.23 9.49 0.95
C ILE A 76 -8.08 10.66 1.94
N ASP A 77 -8.64 10.59 3.15
CA ASP A 77 -8.34 11.58 4.21
C ASP A 77 -6.93 11.36 4.77
N LEU A 78 -6.52 10.10 4.82
CA LEU A 78 -5.30 9.67 5.44
C LEU A 78 -4.07 10.08 4.61
N MET A 79 -4.22 10.11 3.29
CA MET A 79 -3.28 10.74 2.37
C MET A 79 -3.11 12.21 2.68
N HIS A 80 -4.19 12.89 3.08
CA HIS A 80 -4.16 14.31 3.37
C HIS A 80 -3.42 14.56 4.68
N HIS A 81 -3.71 13.81 5.73
CA HIS A 81 -2.98 13.79 6.99
C HIS A 81 -1.48 13.61 6.74
N ALA A 82 -1.13 12.54 6.04
CA ALA A 82 0.25 12.21 5.69
C ALA A 82 0.90 13.35 4.88
N ALA A 83 0.18 13.92 3.91
CA ALA A 83 0.66 15.06 3.17
C ALA A 83 0.85 16.32 4.04
N ARG A 84 0.29 16.36 5.26
CA ARG A 84 0.68 17.38 6.26
C ARG A 84 1.90 16.92 7.06
N ASN A 85 2.03 15.63 7.37
CA ASN A 85 3.23 15.04 8.00
C ASN A 85 4.46 15.19 7.11
N GLY A 86 4.27 15.47 5.82
CA GLY A 86 5.32 15.76 4.84
C GLY A 86 6.06 14.50 4.39
N GLN A 87 5.45 13.34 4.57
CA GLN A 87 5.95 12.02 4.19
C GLN A 87 4.76 11.07 4.23
N VAL A 88 4.93 9.80 3.87
CA VAL A 88 3.90 8.79 3.98
C VAL A 88 4.58 7.43 4.09
N ASN A 89 3.87 6.41 4.60
CA ASN A 89 4.47 5.12 4.95
C ASN A 89 3.49 4.02 4.58
N LEU A 90 3.61 3.49 3.36
CA LEU A 90 2.67 2.59 2.72
C LEU A 90 3.19 1.17 2.91
N THR A 91 2.69 0.42 3.87
CA THR A 91 3.04 -0.98 4.03
C THR A 91 2.08 -1.79 3.17
N VAL A 92 2.61 -2.72 2.36
CA VAL A 92 1.87 -3.62 1.48
C VAL A 92 2.20 -5.05 1.89
N ARG A 93 1.46 -6.04 1.39
CA ARG A 93 1.80 -7.45 1.56
C ARG A 93 1.25 -8.27 0.40
N ARG A 94 1.90 -9.39 0.07
CA ARG A 94 1.43 -10.31 -0.97
C ARG A 94 1.77 -11.73 -0.56
N LYS A 95 0.79 -12.63 -0.73
CA LYS A 95 0.91 -14.07 -0.60
C LYS A 95 1.87 -14.63 -1.63
N VAL A 96 2.93 -15.22 -1.11
CA VAL A 96 4.11 -15.72 -1.82
C VAL A 96 3.90 -17.16 -2.30
N LEU A 97 2.68 -17.50 -2.71
CA LEU A 97 2.26 -18.81 -3.17
C LEU A 97 2.44 -19.88 -2.08
N SER A 98 1.42 -20.03 -1.24
CA SER A 98 1.29 -21.12 -0.27
C SER A 98 -0.17 -21.56 -0.29
N GLY A 99 -0.41 -22.81 0.10
CA GLY A 99 -1.75 -23.35 0.25
C GLY A 99 -1.67 -24.87 0.30
N PRO A 100 -1.26 -25.45 1.43
CA PRO A 100 -1.01 -26.88 1.57
C PRO A 100 -2.29 -27.70 1.37
N SER A 101 -3.43 -27.18 1.83
CA SER A 101 -4.74 -27.64 1.46
C SER A 101 -5.00 -27.14 0.03
N SER A 102 -4.72 -28.00 -0.95
CA SER A 102 -5.26 -27.88 -2.30
C SER A 102 -6.70 -28.43 -2.31
N GLY A 103 -7.48 -28.12 -1.28
CA GLY A 103 -8.73 -28.75 -0.90
C GLY A 103 -8.88 -28.54 0.59
#